data_2MCA
#
_entry.id   2MCA
#
_entity_poly.entity_id   1
_entity_poly.type   'polypeptide(L)'
_entity_poly.pdbx_seq_one_letter_code
;GAQDGKETTTIRLINQTYFNVKNIKVTWNDGKEQTVNTLGSHDSIDFSSDAGSVYKMDVTGTTQSGEKFTGHFKGLVGKD
TRVFIELDENADVQVFIPQGEID
;
_entity_poly.pdbx_strand_id   A
#
# COMPACT_ATOMS: atom_id res chain seq x y z
N GLY A 1 12.27 -2.08 21.28
CA GLY A 1 12.13 -2.89 22.49
C GLY A 1 10.93 -2.44 23.33
N ALA A 2 9.75 -2.33 22.72
CA ALA A 2 8.50 -2.01 23.39
C ALA A 2 7.81 -3.31 23.78
N GLN A 3 6.98 -3.28 24.82
CA GLN A 3 6.16 -4.41 25.25
C GLN A 3 4.69 -4.03 25.41
N ASP A 4 4.37 -2.74 25.44
CA ASP A 4 3.02 -2.20 25.42
C ASP A 4 2.86 -1.24 24.24
N GLY A 5 3.83 -1.24 23.33
CA GLY A 5 3.98 -0.31 22.21
C GLY A 5 2.99 -0.55 21.08
N LYS A 6 1.72 -0.80 21.39
CA LYS A 6 0.60 -0.83 20.45
C LYS A 6 0.28 0.60 20.00
N GLU A 7 1.25 1.22 19.33
CA GLU A 7 1.50 2.65 19.16
C GLU A 7 2.06 2.83 17.74
N THR A 8 1.48 2.12 16.78
CA THR A 8 1.98 1.91 15.42
C THR A 8 0.77 1.87 14.49
N THR A 9 0.91 2.30 13.23
CA THR A 9 -0.20 2.15 12.30
C THR A 9 -0.28 0.74 11.79
N THR A 10 -1.38 0.49 11.09
CA THR A 10 -1.51 -0.60 10.17
C THR A 10 -1.55 -0.05 8.74
N ILE A 11 -1.04 -0.84 7.80
CA ILE A 11 -1.17 -0.61 6.37
C ILE A 11 -1.95 -1.82 5.83
N ARG A 12 -2.83 -1.61 4.85
CA ARG A 12 -3.72 -2.64 4.35
C ARG A 12 -3.86 -2.53 2.84
N LEU A 13 -3.29 -3.50 2.12
CA LEU A 13 -3.27 -3.53 0.67
C LEU A 13 -4.50 -4.29 0.19
N ILE A 14 -5.18 -3.82 -0.86
CA ILE A 14 -6.24 -4.53 -1.55
C ILE A 14 -5.93 -4.53 -3.06
N ASN A 15 -5.90 -5.72 -3.66
CA ASN A 15 -5.62 -5.91 -5.09
C ASN A 15 -6.90 -5.81 -5.94
N GLN A 16 -7.56 -4.66 -6.00
CA GLN A 16 -8.86 -4.49 -6.64
C GLN A 16 -8.73 -4.37 -8.18
N THR A 17 -8.13 -5.38 -8.81
CA THR A 17 -7.70 -5.38 -10.21
C THR A 17 -8.17 -6.65 -10.95
N TYR A 18 -7.67 -6.85 -12.17
CA TYR A 18 -7.91 -8.05 -12.99
C TYR A 18 -6.78 -9.10 -12.96
N PHE A 19 -5.81 -9.04 -12.04
CA PHE A 19 -4.72 -10.03 -11.92
C PHE A 19 -4.47 -10.38 -10.45
N ASN A 20 -3.43 -11.19 -10.21
CA ASN A 20 -2.77 -11.49 -8.93
C ASN A 20 -1.40 -10.80 -8.93
N VAL A 21 -0.83 -10.49 -7.76
CA VAL A 21 0.52 -9.92 -7.62
C VAL A 21 1.31 -10.75 -6.60
N LYS A 22 2.65 -10.71 -6.64
CA LYS A 22 3.51 -11.64 -5.88
C LYS A 22 4.78 -11.01 -5.34
N ASN A 23 4.84 -9.68 -5.31
CA ASN A 23 6.11 -8.97 -5.15
C ASN A 23 5.87 -7.50 -4.86
N ILE A 24 5.11 -7.17 -3.83
CA ILE A 24 4.82 -5.78 -3.51
C ILE A 24 5.93 -5.30 -2.57
N LYS A 25 6.77 -4.34 -2.98
CA LYS A 25 7.50 -3.49 -2.03
C LYS A 25 6.48 -2.42 -1.62
N VAL A 26 6.40 -2.11 -0.33
CA VAL A 26 5.73 -0.90 0.09
C VAL A 26 6.74 -0.12 0.92
N THR A 27 6.66 1.20 0.86
CA THR A 27 7.40 2.14 1.70
C THR A 27 6.34 3.02 2.38
N TRP A 28 6.53 3.45 3.63
CA TRP A 28 5.59 4.31 4.35
C TRP A 28 6.31 5.37 5.18
N ASN A 29 7.59 5.59 4.92
CA ASN A 29 8.32 6.73 5.44
C ASN A 29 9.49 6.98 4.50
N ASP A 30 10.53 7.66 4.96
CA ASP A 30 11.85 7.52 4.37
C ASP A 30 12.55 6.46 5.20
N GLY A 31 12.64 5.24 4.66
CA GLY A 31 13.42 4.13 5.20
C GLY A 31 12.58 3.03 5.85
N LYS A 32 11.27 3.22 6.04
CA LYS A 32 10.34 2.21 6.46
C LYS A 32 9.75 1.62 5.20
N GLU A 33 10.23 0.44 4.81
CA GLU A 33 9.68 -0.36 3.75
C GLU A 33 9.75 -1.83 4.18
N GLN A 34 8.95 -2.67 3.53
CA GLN A 34 8.93 -4.13 3.67
C GLN A 34 8.28 -4.75 2.41
N THR A 35 8.24 -6.07 2.27
CA THR A 35 7.67 -6.72 1.08
C THR A 35 6.54 -7.67 1.46
N VAL A 36 5.62 -7.94 0.53
CA VAL A 36 4.44 -8.76 0.79
C VAL A 36 4.41 -9.90 -0.23
N ASN A 37 4.18 -11.11 0.28
CA ASN A 37 4.27 -12.41 -0.37
C ASN A 37 3.52 -12.49 -1.70
N THR A 38 2.19 -12.42 -1.66
CA THR A 38 1.30 -12.49 -2.81
C THR A 38 -0.02 -11.83 -2.41
N LEU A 39 -0.79 -11.36 -3.39
CA LEU A 39 -2.14 -10.87 -3.17
C LEU A 39 -3.00 -11.34 -4.32
N GLY A 40 -3.95 -12.21 -3.97
CA GLY A 40 -4.92 -12.79 -4.86
C GLY A 40 -5.68 -11.75 -5.68
N SER A 41 -6.38 -12.26 -6.68
CA SER A 41 -7.38 -11.54 -7.43
C SER A 41 -8.40 -10.95 -6.44
N HIS A 42 -8.50 -9.61 -6.34
CA HIS A 42 -9.34 -8.90 -5.37
C HIS A 42 -9.06 -9.24 -3.90
N ASP A 43 -7.89 -9.80 -3.56
CA ASP A 43 -7.63 -10.16 -2.16
C ASP A 43 -7.05 -8.96 -1.40
N SER A 44 -6.84 -9.15 -0.11
CA SER A 44 -6.30 -8.13 0.78
C SER A 44 -5.46 -8.70 1.93
N ILE A 45 -4.52 -7.89 2.41
CA ILE A 45 -3.53 -8.20 3.44
C ILE A 45 -3.29 -6.91 4.21
N ASP A 46 -3.05 -7.03 5.50
CA ASP A 46 -2.72 -5.94 6.37
C ASP A 46 -1.54 -6.36 7.21
N PHE A 47 -0.67 -5.41 7.49
CA PHE A 47 0.53 -5.61 8.27
C PHE A 47 0.85 -4.36 9.10
N SER A 48 1.57 -4.57 10.19
CA SER A 48 2.03 -3.52 11.08
C SER A 48 3.04 -2.62 10.37
N SER A 49 3.14 -1.40 10.85
CA SER A 49 3.97 -0.34 10.30
C SER A 49 4.71 0.33 11.46
N ASP A 50 6.03 0.34 11.40
CA ASP A 50 6.97 0.64 12.48
C ASP A 50 6.97 2.09 13.00
N ALA A 51 5.97 2.91 12.68
CA ALA A 51 5.83 4.26 13.18
C ALA A 51 4.38 4.52 13.58
N GLY A 52 4.18 5.42 14.54
CA GLY A 52 2.87 5.71 15.14
C GLY A 52 1.96 6.54 14.24
N SER A 53 2.53 7.22 13.25
CA SER A 53 1.85 8.12 12.34
C SER A 53 2.63 8.15 11.04
N VAL A 54 1.97 8.52 9.94
CA VAL A 54 2.55 8.47 8.60
C VAL A 54 1.75 9.34 7.62
N TYR A 55 2.48 10.00 6.72
CA TYR A 55 2.00 10.92 5.70
C TYR A 55 2.40 10.53 4.28
N LYS A 56 3.27 9.54 4.05
CA LYS A 56 3.71 9.17 2.71
C LYS A 56 3.71 7.67 2.55
N MET A 57 3.67 7.23 1.30
CA MET A 57 3.64 5.84 0.92
C MET A 57 4.14 5.76 -0.50
N ASP A 58 5.21 5.01 -0.75
CA ASP A 58 5.83 4.84 -2.06
C ASP A 58 5.85 3.36 -2.33
N VAL A 59 4.95 2.88 -3.18
CA VAL A 59 4.75 1.45 -3.38
C VAL A 59 5.33 1.14 -4.76
N THR A 60 5.63 -0.14 -5.02
CA THR A 60 6.26 -0.59 -6.24
C THR A 60 5.99 -2.09 -6.28
N GLY A 61 5.20 -2.53 -7.27
CA GLY A 61 4.84 -3.93 -7.42
C GLY A 61 4.71 -4.31 -8.89
N THR A 62 4.40 -5.59 -9.14
CA THR A 62 4.31 -6.13 -10.50
C THR A 62 3.21 -7.21 -10.56
N THR A 63 2.48 -7.25 -11.67
CA THR A 63 1.37 -8.15 -11.96
C THR A 63 1.85 -9.56 -12.24
N GLN A 64 0.87 -10.46 -12.40
CA GLN A 64 1.06 -11.76 -12.99
C GLN A 64 1.72 -11.63 -14.37
N SER A 65 1.22 -10.75 -15.24
CA SER A 65 1.78 -10.55 -16.58
C SER A 65 2.97 -9.57 -16.55
N GLY A 66 3.78 -9.58 -15.49
CA GLY A 66 5.11 -9.00 -15.52
C GLY A 66 5.10 -7.50 -15.69
N GLU A 67 4.04 -6.84 -15.26
CA GLU A 67 3.73 -5.48 -15.59
C GLU A 67 3.81 -4.66 -14.31
N LYS A 68 4.54 -3.54 -14.29
CA LYS A 68 5.04 -2.90 -13.09
C LYS A 68 4.29 -1.59 -12.84
N PHE A 69 3.78 -1.46 -11.62
CA PHE A 69 3.03 -0.31 -11.15
C PHE A 69 3.76 0.34 -9.99
N THR A 70 3.45 1.60 -9.74
CA THR A 70 3.87 2.33 -8.55
C THR A 70 2.70 3.14 -7.99
N GLY A 71 2.94 3.66 -6.80
CA GLY A 71 1.96 4.36 -5.98
C GLY A 71 2.73 5.37 -5.16
N HIS A 72 2.91 6.56 -5.69
CA HIS A 72 3.77 7.61 -5.17
C HIS A 72 2.94 8.64 -4.40
N PHE A 73 2.90 8.55 -3.07
CA PHE A 73 2.01 9.35 -2.23
C PHE A 73 2.74 10.00 -1.07
N LYS A 74 2.24 11.17 -0.68
CA LYS A 74 2.82 12.08 0.28
C LYS A 74 1.76 12.91 1.04
N GLY A 75 0.50 12.59 0.81
CA GLY A 75 -0.68 13.31 1.27
C GLY A 75 -1.55 12.45 2.16
N LEU A 76 -0.92 11.52 2.90
CA LEU A 76 -1.64 10.69 3.85
C LEU A 76 -1.76 11.44 5.16
N VAL A 77 -2.71 11.01 6.00
CA VAL A 77 -2.97 11.48 7.35
C VAL A 77 -3.55 10.30 8.14
N GLY A 78 -3.86 10.50 9.42
CA GLY A 78 -4.61 9.52 10.22
C GLY A 78 -3.73 8.38 10.72
N LYS A 79 -4.33 7.45 11.48
CA LYS A 79 -3.60 6.39 12.20
C LYS A 79 -3.85 5.02 11.55
N ASP A 80 -3.99 4.99 10.23
CA ASP A 80 -4.18 3.81 9.39
C ASP A 80 -3.95 4.24 7.95
N THR A 81 -3.66 3.30 7.07
CA THR A 81 -3.56 3.54 5.65
C THR A 81 -4.06 2.31 4.90
N ARG A 82 -4.80 2.50 3.82
CA ARG A 82 -5.18 1.46 2.87
C ARG A 82 -4.55 1.75 1.52
N VAL A 83 -4.77 0.88 0.55
CA VAL A 83 -4.31 1.02 -0.84
C VAL A 83 -5.38 0.37 -1.71
N PHE A 84 -5.94 1.10 -2.66
CA PHE A 84 -6.81 0.53 -3.69
C PHE A 84 -5.96 0.40 -4.94
N ILE A 85 -5.39 -0.78 -5.18
CA ILE A 85 -4.75 -1.06 -6.46
C ILE A 85 -5.92 -1.22 -7.43
N GLU A 86 -5.98 -0.41 -8.48
CA GLU A 86 -7.01 -0.43 -9.52
C GLU A 86 -6.29 -0.25 -10.88
N LEU A 87 -7.06 -0.06 -11.96
CA LEU A 87 -6.51 0.17 -13.29
C LEU A 87 -7.06 1.51 -13.80
N ASP A 88 -6.33 2.18 -14.68
CA ASP A 88 -6.81 3.37 -15.39
C ASP A 88 -6.07 3.51 -16.72
N GLU A 89 -6.30 4.62 -17.44
CA GLU A 89 -5.68 5.07 -18.67
C GLU A 89 -6.05 4.16 -19.84
N ASN A 90 -5.57 2.92 -19.84
CA ASN A 90 -5.77 1.95 -20.90
C ASN A 90 -6.04 0.55 -20.30
N ALA A 91 -6.58 0.48 -19.07
CA ALA A 91 -6.56 -0.70 -18.20
C ALA A 91 -5.13 -1.04 -17.77
N ASP A 92 -4.26 -0.03 -17.72
CA ASP A 92 -2.90 -0.11 -17.24
C ASP A 92 -2.93 0.02 -15.72
N VAL A 93 -2.01 -0.61 -15.02
CA VAL A 93 -2.09 -0.71 -13.57
C VAL A 93 -1.63 0.58 -12.92
N GLN A 94 -2.56 1.23 -12.24
CA GLN A 94 -2.25 2.36 -11.39
C GLN A 94 -2.35 1.91 -9.92
N VAL A 95 -2.20 2.85 -9.00
CA VAL A 95 -2.50 2.64 -7.60
C VAL A 95 -3.25 3.87 -7.13
N PHE A 96 -4.26 3.66 -6.29
CA PHE A 96 -5.12 4.67 -5.74
C PHE A 96 -5.22 4.50 -4.22
N ILE A 97 -5.86 5.45 -3.54
CA ILE A 97 -6.04 5.43 -2.10
C ILE A 97 -7.34 6.15 -1.69
N PRO A 98 -8.03 5.65 -0.65
CA PRO A 98 -9.17 6.33 -0.06
C PRO A 98 -8.71 7.43 0.89
N GLN A 99 -8.23 8.53 0.31
CA GLN A 99 -7.85 9.72 1.06
C GLN A 99 -9.07 10.60 1.30
N GLY A 100 -8.92 11.60 2.16
CA GLY A 100 -10.00 12.40 2.70
C GLY A 100 -9.71 13.87 2.45
N GLU A 101 -8.58 14.38 2.92
CA GLU A 101 -8.32 15.82 2.87
C GLU A 101 -7.79 16.30 1.51
N ILE A 102 -7.94 15.47 0.48
CA ILE A 102 -7.47 15.66 -0.87
C ILE A 102 -8.37 16.68 -1.58
N ASP A 103 -8.05 17.95 -1.32
CA ASP A 103 -8.57 19.13 -1.96
C ASP A 103 -7.34 19.96 -2.26
N GLY A 1 6.58 2.97 28.95
CA GLY A 1 6.09 1.65 28.55
C GLY A 1 6.56 1.34 27.13
N ALA A 2 6.50 0.08 26.73
CA ALA A 2 6.92 -0.34 25.40
C ALA A 2 6.07 0.39 24.36
N GLN A 3 6.72 0.81 23.27
CA GLN A 3 6.10 1.50 22.14
C GLN A 3 5.36 0.52 21.22
N ASP A 4 5.17 -0.73 21.67
CA ASP A 4 4.52 -1.81 20.95
C ASP A 4 3.31 -2.23 21.78
N GLY A 5 2.70 -1.23 22.45
CA GLY A 5 1.57 -1.37 23.33
C GLY A 5 0.27 -1.25 22.53
N LYS A 6 -0.21 -0.03 22.30
CA LYS A 6 -1.28 0.25 21.35
C LYS A 6 -1.06 1.68 20.82
N GLU A 7 -0.02 1.89 20.04
CA GLU A 7 0.41 3.22 19.59
C GLU A 7 0.95 3.18 18.15
N THR A 8 0.42 2.32 17.30
CA THR A 8 1.01 1.93 16.00
C THR A 8 0.02 2.00 14.83
N THR A 9 0.53 2.17 13.60
CA THR A 9 -0.25 2.20 12.36
C THR A 9 -0.37 0.80 11.70
N THR A 10 -1.59 0.47 11.27
CA THR A 10 -1.85 -0.61 10.34
C THR A 10 -1.56 -0.11 8.92
N ILE A 11 -1.04 -0.98 8.06
CA ILE A 11 -1.10 -0.80 6.61
C ILE A 11 -2.10 -1.86 6.12
N ARG A 12 -2.57 -1.78 4.89
CA ARG A 12 -3.32 -2.87 4.26
C ARG A 12 -3.09 -2.73 2.76
N LEU A 13 -2.93 -3.85 2.06
CA LEU A 13 -2.94 -3.94 0.61
C LEU A 13 -4.24 -4.62 0.17
N ILE A 14 -4.85 -4.14 -0.92
CA ILE A 14 -6.03 -4.69 -1.55
C ILE A 14 -5.75 -4.73 -3.06
N ASN A 15 -6.04 -5.86 -3.71
CA ASN A 15 -5.65 -6.15 -5.09
C ASN A 15 -6.87 -6.17 -6.01
N GLN A 16 -7.59 -5.05 -6.13
CA GLN A 16 -8.90 -4.94 -6.77
C GLN A 16 -8.73 -4.86 -8.29
N THR A 17 -8.18 -5.92 -8.88
CA THR A 17 -7.74 -5.98 -10.26
C THR A 17 -8.05 -7.35 -10.87
N TYR A 18 -7.78 -7.45 -12.18
CA TYR A 18 -7.95 -8.65 -13.00
C TYR A 18 -6.69 -9.52 -13.12
N PHE A 19 -5.69 -9.30 -12.27
CA PHE A 19 -4.46 -10.08 -12.23
C PHE A 19 -4.09 -10.44 -10.79
N ASN A 20 -3.11 -11.31 -10.66
CA ASN A 20 -2.37 -11.60 -9.43
C ASN A 20 -1.11 -10.72 -9.37
N VAL A 21 -0.57 -10.49 -8.18
CA VAL A 21 0.73 -9.87 -7.94
C VAL A 21 1.50 -10.73 -6.94
N LYS A 22 2.84 -10.65 -6.94
CA LYS A 22 3.72 -11.61 -6.24
C LYS A 22 5.01 -10.99 -5.73
N ASN A 23 5.00 -9.68 -5.52
CA ASN A 23 6.20 -8.89 -5.31
C ASN A 23 5.81 -7.44 -5.10
N ILE A 24 4.98 -7.14 -4.10
CA ILE A 24 4.59 -5.76 -3.83
C ILE A 24 5.63 -5.23 -2.84
N LYS A 25 6.50 -4.31 -3.23
CA LYS A 25 7.26 -3.52 -2.27
C LYS A 25 6.30 -2.49 -1.68
N VAL A 26 6.39 -2.29 -0.37
CA VAL A 26 5.53 -1.40 0.39
C VAL A 26 6.47 -0.54 1.21
N THR A 27 6.21 0.76 1.33
CA THR A 27 7.13 1.73 1.90
C THR A 27 6.27 2.85 2.48
N TRP A 28 6.58 3.33 3.69
CA TRP A 28 5.73 4.24 4.46
C TRP A 28 6.54 5.28 5.24
N ASN A 29 7.77 5.53 4.82
CA ASN A 29 8.70 6.52 5.37
C ASN A 29 9.90 6.67 4.43
N ASP A 30 11.06 7.07 4.94
CA ASP A 30 12.31 7.19 4.18
C ASP A 30 13.22 5.94 4.27
N GLY A 31 12.74 4.79 4.78
CA GLY A 31 13.48 3.52 4.74
C GLY A 31 12.76 2.28 5.34
N LYS A 32 11.66 2.46 6.07
CA LYS A 32 10.76 1.40 6.51
C LYS A 32 9.97 0.88 5.32
N GLU A 33 10.29 -0.34 4.91
CA GLU A 33 9.66 -1.02 3.80
C GLU A 33 9.68 -2.52 4.04
N GLN A 34 8.78 -3.22 3.37
CA GLN A 34 8.61 -4.67 3.42
C GLN A 34 8.09 -5.15 2.07
N THR A 35 7.88 -6.46 1.92
CA THR A 35 7.34 -7.03 0.70
C THR A 35 6.16 -7.94 0.99
N VAL A 36 5.05 -7.76 0.26
CA VAL A 36 3.97 -8.73 0.25
C VAL A 36 4.45 -9.90 -0.59
N ASN A 37 4.20 -11.12 -0.11
CA ASN A 37 4.41 -12.36 -0.82
C ASN A 37 3.60 -12.33 -2.11
N THR A 38 2.30 -12.65 -2.05
CA THR A 38 1.45 -12.75 -3.22
C THR A 38 0.06 -12.27 -2.83
N LEU A 39 -0.71 -11.80 -3.82
CA LEU A 39 -2.07 -11.29 -3.69
C LEU A 39 -2.78 -11.64 -5.00
N GLY A 40 -3.74 -12.55 -4.89
CA GLY A 40 -4.60 -12.96 -5.98
C GLY A 40 -5.49 -11.80 -6.42
N SER A 41 -6.24 -11.97 -7.51
CA SER A 41 -7.27 -11.03 -7.92
C SER A 41 -8.29 -10.89 -6.78
N HIS A 42 -8.59 -9.65 -6.39
CA HIS A 42 -9.41 -9.24 -5.26
C HIS A 42 -8.95 -9.83 -3.92
N ASP A 43 -7.69 -10.30 -3.81
CA ASP A 43 -7.07 -10.61 -2.53
C ASP A 43 -6.77 -9.33 -1.78
N SER A 44 -6.40 -9.50 -0.52
CA SER A 44 -5.98 -8.43 0.37
C SER A 44 -5.17 -8.98 1.54
N ILE A 45 -4.45 -8.10 2.23
CA ILE A 45 -3.76 -8.42 3.47
C ILE A 45 -3.49 -7.16 4.26
N ASP A 46 -3.74 -7.23 5.55
CA ASP A 46 -3.53 -6.20 6.53
C ASP A 46 -2.30 -6.56 7.33
N PHE A 47 -1.22 -5.82 7.05
CA PHE A 47 -0.01 -5.96 7.88
C PHE A 47 0.42 -4.61 8.47
N SER A 48 1.12 -4.64 9.60
CA SER A 48 1.40 -3.49 10.44
C SER A 48 2.63 -2.71 9.96
N SER A 49 3.00 -1.65 10.67
CA SER A 49 4.19 -0.87 10.46
C SER A 49 4.93 -0.74 11.79
N ASP A 50 6.25 -0.56 11.74
CA ASP A 50 7.07 -0.15 12.87
C ASP A 50 6.90 1.35 13.22
N ALA A 51 5.75 1.94 12.88
CA ALA A 51 5.53 3.37 12.93
C ALA A 51 4.30 3.67 13.79
N GLY A 52 4.28 4.85 14.36
CA GLY A 52 3.14 5.40 15.07
C GLY A 52 2.23 6.20 14.17
N SER A 53 2.78 6.87 13.16
CA SER A 53 2.01 7.57 12.15
C SER A 53 2.80 7.60 10.85
N VAL A 54 2.08 7.67 9.74
CA VAL A 54 2.61 7.67 8.38
C VAL A 54 2.06 8.93 7.70
N TYR A 55 2.89 9.61 6.91
CA TYR A 55 2.50 10.80 6.15
C TYR A 55 2.99 10.76 4.70
N LYS A 56 3.58 9.64 4.27
CA LYS A 56 4.07 9.38 2.91
C LYS A 56 3.98 7.88 2.68
N MET A 57 3.76 7.47 1.43
CA MET A 57 3.66 6.06 1.09
C MET A 57 4.19 5.87 -0.31
N ASP A 58 5.08 4.90 -0.49
CA ASP A 58 5.73 4.60 -1.75
C ASP A 58 5.36 3.16 -2.08
N VAL A 59 4.44 2.99 -3.03
CA VAL A 59 4.09 1.67 -3.54
C VAL A 59 4.86 1.44 -4.83
N THR A 60 5.29 0.21 -5.06
CA THR A 60 5.87 -0.24 -6.30
C THR A 60 5.73 -1.76 -6.30
N GLY A 61 5.06 -2.31 -7.29
CA GLY A 61 4.84 -3.75 -7.41
C GLY A 61 4.70 -4.15 -8.87
N THR A 62 4.53 -5.45 -9.15
CA THR A 62 4.46 -5.95 -10.52
C THR A 62 3.42 -7.05 -10.62
N THR A 63 2.65 -7.04 -11.70
CA THR A 63 1.60 -8.01 -12.01
C THR A 63 2.16 -9.35 -12.45
N GLN A 64 1.27 -10.32 -12.62
CA GLN A 64 1.54 -11.61 -13.25
C GLN A 64 2.23 -11.44 -14.62
N SER A 65 1.80 -10.45 -15.41
CA SER A 65 2.33 -10.22 -16.75
C SER A 65 3.67 -9.49 -16.71
N GLY A 66 4.16 -9.09 -15.53
CA GLY A 66 5.39 -8.31 -15.43
C GLY A 66 5.14 -6.81 -15.63
N GLU A 67 3.88 -6.34 -15.65
CA GLU A 67 3.62 -4.89 -15.70
C GLU A 67 3.90 -4.34 -14.32
N LYS A 68 4.65 -3.25 -14.24
CA LYS A 68 4.94 -2.58 -12.99
C LYS A 68 3.84 -1.56 -12.75
N PHE A 69 3.58 -1.29 -11.48
CA PHE A 69 2.70 -0.24 -11.03
C PHE A 69 3.36 0.46 -9.85
N THR A 70 3.08 1.76 -9.67
CA THR A 70 3.66 2.53 -8.60
C THR A 70 2.60 3.45 -7.97
N GLY A 71 2.88 3.87 -6.74
CA GLY A 71 2.04 4.80 -6.00
C GLY A 71 2.68 6.17 -5.91
N HIS A 72 3.78 6.28 -5.15
CA HIS A 72 4.48 7.50 -4.79
C HIS A 72 3.52 8.61 -4.33
N PHE A 73 3.14 8.55 -3.06
CA PHE A 73 2.13 9.40 -2.44
C PHE A 73 2.76 10.22 -1.33
N LYS A 74 2.17 11.38 -1.05
CA LYS A 74 2.49 12.26 0.06
C LYS A 74 1.17 12.75 0.66
N GLY A 75 1.25 13.32 1.85
CA GLY A 75 0.12 13.81 2.63
C GLY A 75 -0.86 12.73 3.01
N LEU A 76 -0.34 11.73 3.73
CA LEU A 76 -1.15 10.65 4.27
C LEU A 76 -1.56 11.06 5.70
N VAL A 77 -2.73 10.60 6.13
CA VAL A 77 -3.39 11.02 7.36
C VAL A 77 -4.21 9.85 7.92
N GLY A 78 -4.82 10.05 9.09
CA GLY A 78 -5.50 8.98 9.79
C GLY A 78 -4.49 8.08 10.49
N LYS A 79 -4.89 6.90 10.95
CA LYS A 79 -4.01 5.98 11.67
C LYS A 79 -4.14 4.56 11.12
N ASP A 80 -4.34 4.47 9.82
CA ASP A 80 -4.12 3.29 8.99
C ASP A 80 -3.74 3.77 7.59
N THR A 81 -3.26 2.86 6.75
CA THR A 81 -2.73 3.18 5.43
C THR A 81 -3.13 2.04 4.48
N ARG A 82 -4.25 2.16 3.79
CA ARG A 82 -4.79 1.11 2.92
C ARG A 82 -4.43 1.44 1.48
N VAL A 83 -4.34 0.42 0.65
CA VAL A 83 -3.81 0.58 -0.71
C VAL A 83 -4.74 -0.12 -1.68
N PHE A 84 -5.44 0.66 -2.51
CA PHE A 84 -6.34 0.15 -3.54
C PHE A 84 -5.53 0.05 -4.83
N ILE A 85 -4.96 -1.11 -5.12
CA ILE A 85 -4.51 -1.42 -6.47
C ILE A 85 -5.80 -1.62 -7.27
N GLU A 86 -5.99 -0.83 -8.30
CA GLU A 86 -7.07 -0.87 -9.28
C GLU A 86 -6.56 -0.08 -10.49
N LEU A 87 -7.35 -0.04 -11.56
CA LEU A 87 -6.93 0.52 -12.83
C LEU A 87 -7.67 1.82 -13.09
N ASP A 88 -7.28 2.51 -14.16
CA ASP A 88 -8.00 3.69 -14.65
C ASP A 88 -7.81 3.78 -16.16
N GLU A 89 -8.42 4.79 -16.78
CA GLU A 89 -8.32 5.24 -18.17
C GLU A 89 -8.66 4.15 -19.17
N ASN A 90 -7.75 3.22 -19.40
CA ASN A 90 -7.88 2.10 -20.32
C ASN A 90 -7.24 0.84 -19.70
N ALA A 91 -7.59 0.54 -18.45
CA ALA A 91 -7.15 -0.65 -17.74
C ALA A 91 -5.64 -0.65 -17.45
N ASP A 92 -5.00 0.52 -17.44
CA ASP A 92 -3.61 0.73 -17.09
C ASP A 92 -3.45 0.52 -15.59
N VAL A 93 -2.39 -0.16 -15.15
CA VAL A 93 -2.20 -0.41 -13.72
C VAL A 93 -1.68 0.85 -13.02
N GLN A 94 -2.58 1.50 -12.28
CA GLN A 94 -2.29 2.58 -11.37
C GLN A 94 -2.09 2.01 -9.96
N VAL A 95 -1.98 2.89 -8.97
CA VAL A 95 -2.26 2.56 -7.58
C VAL A 95 -3.08 3.73 -7.06
N PHE A 96 -4.05 3.43 -6.20
CA PHE A 96 -4.91 4.38 -5.54
C PHE A 96 -4.91 4.09 -4.04
N ILE A 97 -5.50 4.98 -3.26
CA ILE A 97 -5.58 4.89 -1.81
C ILE A 97 -6.84 5.63 -1.35
N PRO A 98 -7.54 5.14 -0.31
CA PRO A 98 -8.56 5.95 0.34
C PRO A 98 -7.85 7.06 1.12
N GLN A 99 -8.32 8.30 0.96
CA GLN A 99 -7.75 9.54 1.48
C GLN A 99 -8.86 10.44 2.01
N GLY A 100 -8.53 11.64 2.46
CA GLY A 100 -9.50 12.58 3.00
C GLY A 100 -8.80 13.89 3.21
N GLU A 101 -8.10 14.04 4.34
CA GLU A 101 -7.41 15.26 4.68
C GLU A 101 -6.10 15.32 3.89
N ILE A 102 -6.17 15.67 2.61
CA ILE A 102 -5.06 15.93 1.74
C ILE A 102 -5.25 17.31 1.11
N ASP A 103 -4.39 18.22 1.54
CA ASP A 103 -3.82 19.33 0.77
C ASP A 103 -4.81 20.31 0.16
N GLY A 1 -0.63 6.99 26.59
CA GLY A 1 -1.32 6.44 27.76
C GLY A 1 -1.08 4.95 28.02
N ALA A 2 0.02 4.36 27.53
CA ALA A 2 0.42 2.97 27.77
C ALA A 2 1.95 2.94 27.86
N GLN A 3 2.54 1.77 28.12
CA GLN A 3 3.94 1.57 27.81
C GLN A 3 4.06 1.50 26.28
N ASP A 4 3.55 0.43 25.67
CA ASP A 4 3.80 0.09 24.27
C ASP A 4 2.55 -0.50 23.59
N GLY A 5 1.37 -0.24 24.18
CA GLY A 5 0.11 -0.89 23.85
C GLY A 5 -0.21 -0.97 22.35
N LYS A 6 -0.36 0.18 21.68
CA LYS A 6 -0.82 0.24 20.29
C LYS A 6 -0.12 1.37 19.53
N GLU A 7 1.16 1.62 19.81
CA GLU A 7 1.82 2.89 19.52
C GLU A 7 2.37 3.02 18.11
N THR A 8 1.83 2.26 17.16
CA THR A 8 2.29 2.16 15.78
C THR A 8 1.15 2.28 14.78
N THR A 9 1.50 2.53 13.52
CA THR A 9 0.59 2.50 12.40
C THR A 9 0.43 1.08 11.86
N THR A 10 -0.57 0.89 10.98
CA THR A 10 -0.75 -0.37 10.26
C THR A 10 -0.99 -0.07 8.77
N ILE A 11 -0.78 -1.05 7.90
CA ILE A 11 -0.92 -0.96 6.45
C ILE A 11 -1.82 -2.13 6.03
N ARG A 12 -2.55 -1.98 4.93
CA ARG A 12 -3.26 -3.08 4.27
C ARG A 12 -3.18 -2.88 2.76
N LEU A 13 -2.81 -3.93 2.04
CA LEU A 13 -2.79 -3.95 0.58
C LEU A 13 -4.03 -4.72 0.13
N ILE A 14 -4.76 -4.21 -0.87
CA ILE A 14 -5.97 -4.80 -1.42
C ILE A 14 -5.80 -4.83 -2.94
N ASN A 15 -5.98 -6.02 -3.54
CA ASN A 15 -5.70 -6.28 -4.94
C ASN A 15 -6.99 -6.27 -5.75
N GLN A 16 -7.65 -5.11 -5.89
CA GLN A 16 -9.02 -4.99 -6.39
C GLN A 16 -9.05 -4.99 -7.93
N THR A 17 -8.35 -5.95 -8.54
CA THR A 17 -8.03 -5.98 -9.95
C THR A 17 -8.33 -7.35 -10.57
N TYR A 18 -8.14 -7.43 -11.87
CA TYR A 18 -8.33 -8.63 -12.68
C TYR A 18 -7.02 -9.42 -12.91
N PHE A 19 -6.03 -9.33 -12.01
CA PHE A 19 -4.79 -10.08 -12.13
C PHE A 19 -4.25 -10.52 -10.77
N ASN A 20 -3.26 -11.41 -10.80
CA ASN A 20 -2.44 -11.80 -9.65
C ASN A 20 -1.16 -10.95 -9.59
N VAL A 21 -0.64 -10.65 -8.41
CA VAL A 21 0.67 -10.01 -8.23
C VAL A 21 1.51 -10.82 -7.24
N LYS A 22 2.83 -10.83 -7.41
CA LYS A 22 3.73 -11.76 -6.70
C LYS A 22 5.00 -11.07 -6.21
N ASN A 23 4.95 -9.75 -6.04
CA ASN A 23 6.04 -8.89 -5.62
C ASN A 23 5.45 -7.49 -5.60
N ILE A 24 4.65 -7.18 -4.57
CA ILE A 24 4.35 -5.79 -4.25
C ILE A 24 5.31 -5.38 -3.16
N LYS A 25 6.11 -4.36 -3.43
CA LYS A 25 6.98 -3.68 -2.47
C LYS A 25 6.28 -2.37 -2.10
N VAL A 26 6.47 -1.88 -0.88
CA VAL A 26 5.93 -0.63 -0.39
C VAL A 26 7.02 0.08 0.43
N THR A 27 7.12 1.40 0.41
CA THR A 27 8.03 2.19 1.26
C THR A 27 7.25 3.31 1.96
N TRP A 28 7.13 3.28 3.29
CA TRP A 28 6.27 4.17 4.09
C TRP A 28 7.06 5.21 4.89
N ASN A 29 8.31 5.46 4.51
CA ASN A 29 9.16 6.50 5.07
C ASN A 29 10.32 6.71 4.11
N ASP A 30 11.39 7.39 4.55
CA ASP A 30 12.61 7.54 3.76
C ASP A 30 13.42 6.25 3.85
N GLY A 31 12.94 5.19 3.21
CA GLY A 31 13.62 3.90 3.07
C GLY A 31 12.88 2.73 3.72
N LYS A 32 12.05 2.97 4.74
CA LYS A 32 11.35 1.90 5.45
C LYS A 32 10.42 1.14 4.49
N GLU A 33 10.78 -0.08 4.08
CA GLU A 33 10.03 -0.87 3.11
C GLU A 33 9.89 -2.33 3.54
N GLN A 34 8.93 -3.02 2.93
CA GLN A 34 8.70 -4.47 3.03
C GLN A 34 7.90 -4.95 1.80
N THR A 35 7.76 -6.26 1.61
CA THR A 35 7.00 -6.85 0.52
C THR A 35 6.21 -8.07 1.00
N VAL A 36 5.17 -8.42 0.23
CA VAL A 36 4.27 -9.55 0.46
C VAL A 36 4.84 -10.77 -0.26
N ASN A 37 4.33 -11.98 0.02
CA ASN A 37 4.49 -13.15 -0.85
C ASN A 37 3.79 -12.91 -2.20
N THR A 38 2.49 -13.17 -2.29
CA THR A 38 1.68 -13.05 -3.49
C THR A 38 0.28 -12.54 -3.06
N LEU A 39 -0.48 -11.98 -4.00
CA LEU A 39 -1.81 -11.42 -3.82
C LEU A 39 -2.69 -11.89 -4.97
N GLY A 40 -3.69 -12.67 -4.60
CA GLY A 40 -4.75 -13.16 -5.46
C GLY A 40 -5.62 -12.05 -6.03
N SER A 41 -6.47 -12.34 -7.00
CA SER A 41 -7.44 -11.40 -7.54
C SER A 41 -8.50 -11.11 -6.46
N HIS A 42 -8.74 -9.84 -6.13
CA HIS A 42 -9.53 -9.38 -5.00
C HIS A 42 -9.12 -10.07 -3.69
N ASP A 43 -7.81 -10.24 -3.51
CA ASP A 43 -7.23 -10.61 -2.23
C ASP A 43 -6.78 -9.40 -1.45
N SER A 44 -6.33 -9.61 -0.21
CA SER A 44 -5.85 -8.54 0.66
C SER A 44 -4.95 -9.10 1.77
N ILE A 45 -4.06 -8.25 2.30
CA ILE A 45 -3.18 -8.57 3.41
C ILE A 45 -2.91 -7.29 4.20
N ASP A 46 -2.81 -7.43 5.52
CA ASP A 46 -2.38 -6.37 6.42
C ASP A 46 -1.01 -6.70 6.98
N PHE A 47 -0.24 -5.65 7.28
CA PHE A 47 1.01 -5.74 8.02
C PHE A 47 1.19 -4.48 8.88
N SER A 48 1.94 -4.61 9.97
CA SER A 48 2.41 -3.56 10.83
C SER A 48 3.30 -2.55 10.07
N SER A 49 3.71 -1.47 10.74
CA SER A 49 4.69 -0.56 10.20
C SER A 49 5.60 -0.11 11.33
N ASP A 50 6.88 0.11 11.01
CA ASP A 50 7.97 0.22 11.98
C ASP A 50 8.15 1.64 12.51
N ALA A 51 7.10 2.46 12.43
CA ALA A 51 7.08 3.85 12.87
C ALA A 51 5.74 4.11 13.59
N GLY A 52 5.74 5.15 14.42
CA GLY A 52 4.56 5.55 15.19
C GLY A 52 3.49 6.18 14.33
N SER A 53 3.89 6.93 13.29
CA SER A 53 2.98 7.55 12.34
C SER A 53 3.68 7.74 10.99
N VAL A 54 2.94 8.05 9.93
CA VAL A 54 3.43 8.16 8.57
C VAL A 54 2.54 9.10 7.76
N TYR A 55 3.11 9.72 6.73
CA TYR A 55 2.47 10.69 5.82
C TYR A 55 2.80 10.43 4.34
N LYS A 56 3.49 9.33 4.01
CA LYS A 56 3.91 9.06 2.63
C LYS A 56 3.93 7.55 2.40
N MET A 57 3.75 7.12 1.16
CA MET A 57 3.75 5.72 0.80
C MET A 57 4.13 5.59 -0.67
N ASP A 58 5.20 4.86 -0.95
CA ASP A 58 5.66 4.59 -2.31
C ASP A 58 5.39 3.12 -2.55
N VAL A 59 4.31 2.82 -3.27
CA VAL A 59 3.98 1.45 -3.68
C VAL A 59 4.68 1.16 -5.01
N THR A 60 5.20 -0.05 -5.19
CA THR A 60 5.80 -0.48 -6.43
C THR A 60 5.66 -1.99 -6.49
N GLY A 61 4.95 -2.53 -7.49
CA GLY A 61 4.85 -3.97 -7.66
C GLY A 61 4.88 -4.36 -9.12
N THR A 62 4.87 -5.66 -9.41
CA THR A 62 4.72 -6.18 -10.77
C THR A 62 3.68 -7.31 -10.77
N THR A 63 2.88 -7.36 -11.84
CA THR A 63 1.77 -8.27 -12.04
C THR A 63 2.23 -9.57 -12.68
N GLN A 64 1.30 -10.53 -12.77
CA GLN A 64 1.43 -11.76 -13.51
C GLN A 64 1.84 -11.52 -14.97
N SER A 65 1.27 -10.51 -15.63
CA SER A 65 1.59 -10.19 -17.02
C SER A 65 3.02 -9.61 -17.14
N GLY A 66 3.67 -9.27 -16.03
CA GLY A 66 4.94 -8.57 -16.05
C GLY A 66 4.74 -7.07 -16.22
N GLU A 67 3.54 -6.54 -15.93
CA GLU A 67 3.33 -5.11 -15.85
C GLU A 67 3.77 -4.62 -14.50
N LYS A 68 4.52 -3.53 -14.48
CA LYS A 68 4.96 -2.88 -13.28
C LYS A 68 4.04 -1.69 -13.06
N PHE A 69 3.68 -1.46 -11.79
CA PHE A 69 2.78 -0.39 -11.38
C PHE A 69 3.40 0.29 -10.15
N THR A 70 3.33 1.62 -10.05
CA THR A 70 3.79 2.37 -8.88
C THR A 70 2.78 3.39 -8.40
N GLY A 71 2.86 3.76 -7.12
CA GLY A 71 1.96 4.71 -6.48
C GLY A 71 2.57 6.10 -6.34
N HIS A 72 3.61 6.24 -5.51
CA HIS A 72 4.23 7.48 -5.05
C HIS A 72 3.19 8.46 -4.48
N PHE A 73 3.00 8.41 -3.16
CA PHE A 73 1.99 9.20 -2.46
C PHE A 73 2.60 9.96 -1.29
N LYS A 74 2.08 11.16 -1.05
CA LYS A 74 2.42 12.01 0.09
C LYS A 74 1.14 12.61 0.67
N GLY A 75 1.28 13.33 1.78
CA GLY A 75 0.18 14.06 2.39
C GLY A 75 -0.80 13.18 3.14
N LEU A 76 -0.37 12.00 3.59
CA LEU A 76 -1.25 11.01 4.21
C LEU A 76 -1.46 11.36 5.68
N VAL A 77 -2.55 10.89 6.28
CA VAL A 77 -2.91 11.09 7.69
C VAL A 77 -3.61 9.83 8.24
N GLY A 78 -3.95 9.86 9.53
CA GLY A 78 -4.58 8.76 10.24
C GLY A 78 -3.53 7.76 10.73
N LYS A 79 -3.95 6.81 11.57
CA LYS A 79 -3.11 5.73 12.10
C LYS A 79 -3.15 4.46 11.24
N ASP A 80 -3.85 4.46 10.12
CA ASP A 80 -3.75 3.40 9.12
C ASP A 80 -3.50 4.01 7.74
N THR A 81 -2.83 3.21 6.90
CA THR A 81 -2.69 3.44 5.49
C THR A 81 -3.27 2.22 4.76
N ARG A 82 -3.69 2.39 3.51
CA ARG A 82 -4.01 1.28 2.61
C ARG A 82 -3.36 1.48 1.27
N VAL A 83 -3.64 0.56 0.35
CA VAL A 83 -3.35 0.64 -1.06
C VAL A 83 -4.52 -0.05 -1.75
N PHE A 84 -5.34 0.70 -2.49
CA PHE A 84 -6.31 0.15 -3.42
C PHE A 84 -5.61 0.02 -4.75
N ILE A 85 -5.12 -1.17 -5.07
CA ILE A 85 -4.71 -1.47 -6.44
C ILE A 85 -6.04 -1.61 -7.20
N GLU A 86 -6.24 -0.78 -8.21
CA GLU A 86 -7.33 -0.78 -9.17
C GLU A 86 -6.79 -0.08 -10.42
N LEU A 87 -7.52 -0.14 -11.52
CA LEU A 87 -7.06 0.33 -12.83
C LEU A 87 -7.52 1.78 -13.04
N ASP A 88 -6.93 2.48 -14.00
CA ASP A 88 -7.48 3.73 -14.53
C ASP A 88 -6.93 3.99 -15.94
N GLU A 89 -7.17 5.17 -16.50
CA GLU A 89 -6.53 5.73 -17.69
C GLU A 89 -6.97 5.06 -19.00
N ASN A 90 -6.57 3.81 -19.19
CA ASN A 90 -6.88 2.93 -20.32
C ASN A 90 -6.93 1.49 -19.80
N ALA A 91 -7.51 1.32 -18.61
CA ALA A 91 -7.46 0.11 -17.81
C ALA A 91 -6.02 -0.41 -17.63
N ASP A 92 -5.05 0.50 -17.50
CA ASP A 92 -3.68 0.15 -17.07
C ASP A 92 -3.69 0.10 -15.56
N VAL A 93 -2.68 -0.55 -15.00
CA VAL A 93 -2.58 -0.67 -13.56
C VAL A 93 -2.00 0.61 -12.96
N GLN A 94 -2.86 1.36 -12.28
CA GLN A 94 -2.48 2.52 -11.48
C GLN A 94 -2.40 2.07 -10.00
N VAL A 95 -2.37 3.03 -9.07
CA VAL A 95 -2.55 2.76 -7.66
C VAL A 95 -3.41 3.88 -7.09
N PHE A 96 -4.34 3.51 -6.23
CA PHE A 96 -5.24 4.41 -5.56
C PHE A 96 -5.18 4.19 -4.05
N ILE A 97 -5.80 5.10 -3.29
CA ILE A 97 -5.87 5.02 -1.85
C ILE A 97 -7.12 5.75 -1.37
N PRO A 98 -7.78 5.25 -0.31
CA PRO A 98 -8.79 6.02 0.38
C PRO A 98 -8.13 7.14 1.19
N GLN A 99 -8.30 8.39 0.79
CA GLN A 99 -7.91 9.61 1.51
C GLN A 99 -9.10 10.57 1.47
N GLY A 100 -9.01 11.71 2.17
CA GLY A 100 -10.11 12.67 2.24
C GLY A 100 -9.71 13.90 3.03
N GLU A 101 -9.03 13.71 4.16
CA GLU A 101 -8.45 14.79 4.96
C GLU A 101 -7.06 15.07 4.38
N ILE A 102 -7.03 15.62 3.18
CA ILE A 102 -5.88 16.10 2.48
C ILE A 102 -6.29 17.45 1.92
N ASP A 103 -5.69 18.52 2.44
CA ASP A 103 -5.99 19.92 2.17
C ASP A 103 -4.70 20.61 1.77
N GLY A 1 -6.79 -7.66 26.01
CA GLY A 1 -7.11 -6.46 25.24
C GLY A 1 -6.12 -5.36 25.54
N ALA A 2 -5.82 -4.54 24.52
CA ALA A 2 -4.93 -3.40 24.66
C ALA A 2 -5.55 -2.31 25.56
N GLN A 3 -4.81 -1.22 25.75
CA GLN A 3 -5.31 0.03 26.31
C GLN A 3 -4.74 1.17 25.47
N ASP A 4 -3.40 1.23 25.38
CA ASP A 4 -2.73 2.25 24.57
C ASP A 4 -1.37 1.79 24.04
N GLY A 5 -1.06 0.50 24.17
CA GLY A 5 0.22 -0.11 23.80
C GLY A 5 0.35 -0.31 22.30
N LYS A 6 -0.06 0.67 21.50
CA LYS A 6 0.13 0.77 20.05
C LYS A 6 0.52 2.21 19.81
N GLU A 7 1.79 2.44 19.47
CA GLU A 7 2.33 3.79 19.28
C GLU A 7 3.05 3.86 17.92
N THR A 8 2.51 3.07 17.00
CA THR A 8 2.98 2.73 15.69
C THR A 8 1.91 3.10 14.66
N THR A 9 2.20 2.85 13.39
CA THR A 9 1.20 2.74 12.36
C THR A 9 0.85 1.28 12.11
N THR A 10 0.06 1.03 11.07
CA THR A 10 -0.06 -0.26 10.43
C THR A 10 -0.11 0.03 8.92
N ILE A 11 0.13 -0.96 8.04
CA ILE A 11 -0.05 -0.78 6.59
C ILE A 11 -0.86 -1.97 6.07
N ARG A 12 -1.83 -1.72 5.18
CA ARG A 12 -2.77 -2.72 4.66
C ARG A 12 -2.82 -2.66 3.14
N LEU A 13 -2.53 -3.77 2.47
CA LEU A 13 -2.47 -3.88 1.02
C LEU A 13 -3.68 -4.68 0.56
N ILE A 14 -4.45 -4.19 -0.41
CA ILE A 14 -5.62 -4.87 -1.00
C ILE A 14 -5.50 -4.87 -2.53
N ASN A 15 -5.51 -6.06 -3.14
CA ASN A 15 -5.42 -6.27 -4.57
C ASN A 15 -6.76 -6.14 -5.32
N GLN A 16 -7.42 -4.99 -5.29
CA GLN A 16 -8.81 -4.84 -5.76
C GLN A 16 -8.92 -4.78 -7.31
N THR A 17 -8.25 -5.70 -8.02
CA THR A 17 -8.11 -5.77 -9.47
C THR A 17 -8.56 -7.13 -10.00
N TYR A 18 -8.47 -7.29 -11.33
CA TYR A 18 -8.70 -8.55 -12.03
C TYR A 18 -7.46 -9.46 -12.14
N PHE A 19 -6.31 -9.15 -11.50
CA PHE A 19 -5.10 -9.98 -11.60
C PHE A 19 -4.60 -10.44 -10.22
N ASN A 20 -3.39 -11.01 -10.18
CA ASN A 20 -2.62 -11.51 -9.04
C ASN A 20 -1.27 -10.79 -9.04
N VAL A 21 -0.62 -10.61 -7.89
CA VAL A 21 0.65 -9.88 -7.75
C VAL A 21 1.51 -10.59 -6.70
N LYS A 22 2.83 -10.69 -6.91
CA LYS A 22 3.67 -11.71 -6.25
C LYS A 22 5.05 -11.21 -5.89
N ASN A 23 5.14 -9.91 -5.71
CA ASN A 23 6.40 -9.17 -5.74
C ASN A 23 6.19 -7.70 -5.31
N ILE A 24 5.11 -7.38 -4.61
CA ILE A 24 4.77 -6.01 -4.24
C ILE A 24 5.86 -5.50 -3.30
N LYS A 25 6.51 -4.38 -3.63
CA LYS A 25 7.41 -3.63 -2.76
C LYS A 25 6.61 -2.42 -2.29
N VAL A 26 6.56 -2.17 -0.99
CA VAL A 26 6.02 -0.92 -0.46
C VAL A 26 7.19 -0.18 0.18
N THR A 27 7.12 1.14 0.24
CA THR A 27 8.05 2.00 0.95
C THR A 27 7.18 2.93 1.78
N TRP A 28 7.56 3.27 3.01
CA TRP A 28 6.76 4.09 3.93
C TRP A 28 7.61 5.13 4.65
N ASN A 29 8.74 5.49 4.05
CA ASN A 29 9.64 6.50 4.57
C ASN A 29 10.66 6.83 3.50
N ASP A 30 11.62 7.71 3.82
CA ASP A 30 12.79 7.92 2.96
C ASP A 30 13.81 6.82 3.27
N GLY A 31 13.45 5.57 2.96
CA GLY A 31 14.35 4.42 3.00
C GLY A 31 13.78 3.16 3.68
N LYS A 32 12.58 3.19 4.27
CA LYS A 32 12.00 2.01 4.93
C LYS A 32 11.07 1.28 3.97
N GLU A 33 11.32 -0.01 3.73
CA GLU A 33 10.51 -0.87 2.88
C GLU A 33 10.31 -2.27 3.48
N GLN A 34 9.50 -3.10 2.80
CA GLN A 34 9.46 -4.56 2.83
C GLN A 34 8.66 -5.08 1.62
N THR A 35 8.61 -6.41 1.37
CA THR A 35 7.96 -6.96 0.18
C THR A 35 6.98 -8.10 0.52
N VAL A 36 5.81 -8.16 -0.13
CA VAL A 36 4.75 -9.12 0.19
C VAL A 36 4.99 -10.42 -0.55
N ASN A 37 4.72 -11.56 0.09
CA ASN A 37 4.89 -12.90 -0.49
C ASN A 37 4.09 -13.05 -1.80
N THR A 38 2.77 -12.85 -1.75
CA THR A 38 1.85 -12.72 -2.86
C THR A 38 0.57 -12.04 -2.34
N LEU A 39 -0.20 -11.45 -3.23
CA LEU A 39 -1.55 -10.97 -3.01
C LEU A 39 -2.40 -11.47 -4.17
N GLY A 40 -3.21 -12.48 -3.90
CA GLY A 40 -4.11 -13.09 -4.88
C GLY A 40 -5.23 -12.15 -5.31
N SER A 41 -6.11 -12.65 -6.17
CA SER A 41 -7.24 -11.94 -6.74
C SER A 41 -8.15 -11.33 -5.66
N HIS A 42 -8.28 -9.99 -5.62
CA HIS A 42 -9.02 -9.24 -4.58
C HIS A 42 -8.50 -9.45 -3.16
N ASP A 43 -7.35 -10.12 -2.99
CA ASP A 43 -6.84 -10.50 -1.69
C ASP A 43 -6.23 -9.32 -0.94
N SER A 44 -5.82 -9.58 0.29
CA SER A 44 -5.23 -8.56 1.14
C SER A 44 -4.35 -9.12 2.25
N ILE A 45 -3.52 -8.25 2.81
CA ILE A 45 -2.62 -8.50 3.91
C ILE A 45 -2.61 -7.22 4.76
N ASP A 46 -2.34 -7.33 6.05
CA ASP A 46 -1.94 -6.21 6.91
C ASP A 46 -0.59 -6.56 7.53
N PHE A 47 0.36 -5.63 7.50
CA PHE A 47 1.69 -5.86 8.05
C PHE A 47 2.19 -4.66 8.86
N SER A 48 3.18 -4.97 9.69
CA SER A 48 3.84 -4.05 10.61
C SER A 48 4.86 -3.21 9.85
N SER A 49 5.15 -2.04 10.43
CA SER A 49 5.99 -1.01 9.88
C SER A 49 6.93 -0.53 11.00
N ASP A 50 8.23 -0.58 10.74
CA ASP A 50 9.34 -0.03 11.52
C ASP A 50 9.30 1.52 11.55
N ALA A 51 8.12 2.12 11.75
CA ALA A 51 7.90 3.55 11.76
C ALA A 51 6.73 3.85 12.69
N GLY A 52 7.00 4.67 13.71
CA GLY A 52 6.01 5.14 14.66
C GLY A 52 4.88 5.90 13.97
N SER A 53 5.24 6.76 13.01
CA SER A 53 4.33 7.52 12.17
C SER A 53 4.87 7.51 10.75
N VAL A 54 4.01 7.80 9.77
CA VAL A 54 4.38 7.98 8.38
C VAL A 54 3.43 8.96 7.71
N TYR A 55 3.94 9.59 6.64
CA TYR A 55 3.26 10.56 5.79
C TYR A 55 3.48 10.30 4.30
N LYS A 56 4.10 9.19 3.87
CA LYS A 56 4.37 8.92 2.46
C LYS A 56 4.33 7.42 2.20
N MET A 57 4.01 7.03 0.97
CA MET A 57 3.93 5.62 0.61
C MET A 57 4.31 5.49 -0.86
N ASP A 58 5.47 4.89 -1.13
CA ASP A 58 6.03 4.76 -2.47
C ASP A 58 5.92 3.29 -2.84
N VAL A 59 4.77 2.91 -3.41
CA VAL A 59 4.49 1.53 -3.78
C VAL A 59 5.10 1.24 -5.15
N THR A 60 5.56 0.01 -5.39
CA THR A 60 6.22 -0.40 -6.62
C THR A 60 6.19 -1.94 -6.71
N GLY A 61 5.41 -2.48 -7.65
CA GLY A 61 5.22 -3.90 -7.85
C GLY A 61 5.12 -4.24 -9.33
N THR A 62 4.68 -5.48 -9.60
CA THR A 62 4.54 -6.03 -10.94
C THR A 62 3.31 -6.96 -10.99
N THR A 63 2.50 -6.88 -12.03
CA THR A 63 1.26 -7.63 -12.24
C THR A 63 1.56 -9.09 -12.60
N GLN A 64 0.48 -9.87 -12.72
CA GLN A 64 0.50 -11.20 -13.28
C GLN A 64 1.13 -11.18 -14.69
N SER A 65 0.80 -10.17 -15.51
CA SER A 65 1.34 -9.99 -16.86
C SER A 65 2.81 -9.54 -16.90
N GLY A 66 3.40 -9.18 -15.75
CA GLY A 66 4.76 -8.66 -15.74
C GLY A 66 4.77 -7.15 -16.03
N GLU A 67 3.60 -6.50 -16.06
CA GLU A 67 3.56 -5.05 -16.12
C GLU A 67 3.96 -4.52 -14.77
N LYS A 68 4.84 -3.52 -14.77
CA LYS A 68 5.15 -2.80 -13.55
C LYS A 68 3.98 -1.88 -13.24
N PHE A 69 3.78 -1.55 -11.97
CA PHE A 69 2.84 -0.53 -11.50
C PHE A 69 3.47 0.18 -10.30
N THR A 70 3.07 1.42 -10.01
CA THR A 70 3.59 2.19 -8.88
C THR A 70 2.52 3.07 -8.25
N GLY A 71 2.73 3.47 -6.99
CA GLY A 71 1.75 4.24 -6.22
C GLY A 71 2.10 5.72 -6.17
N HIS A 72 3.29 6.02 -5.64
CA HIS A 72 3.87 7.34 -5.42
C HIS A 72 2.91 8.32 -4.72
N PHE A 73 2.82 8.26 -3.38
CA PHE A 73 1.93 9.12 -2.62
C PHE A 73 2.69 9.86 -1.52
N LYS A 74 2.26 11.08 -1.23
CA LYS A 74 2.90 11.97 -0.28
C LYS A 74 1.89 12.71 0.60
N GLY A 75 2.39 13.23 1.70
CA GLY A 75 1.68 13.95 2.74
C GLY A 75 0.35 13.32 3.16
N LEU A 76 0.40 12.02 3.38
CA LEU A 76 -0.69 11.19 3.84
C LEU A 76 -1.12 11.66 5.23
N VAL A 77 -2.40 11.46 5.53
CA VAL A 77 -2.99 11.82 6.81
C VAL A 77 -3.55 10.56 7.46
N GLY A 78 -3.52 10.56 8.78
CA GLY A 78 -4.05 9.54 9.69
C GLY A 78 -2.98 8.55 10.17
N LYS A 79 -3.30 7.84 11.26
CA LYS A 79 -2.42 6.92 11.98
C LYS A 79 -2.30 5.55 11.30
N ASP A 80 -2.61 5.43 10.01
CA ASP A 80 -2.34 4.24 9.21
C ASP A 80 -2.34 4.61 7.74
N THR A 81 -1.94 3.65 6.91
CA THR A 81 -2.01 3.76 5.47
C THR A 81 -2.61 2.47 4.92
N ARG A 82 -3.48 2.57 3.92
CA ARG A 82 -3.94 1.42 3.12
C ARG A 82 -3.68 1.74 1.66
N VAL A 83 -3.72 0.72 0.81
CA VAL A 83 -3.33 0.76 -0.58
C VAL A 83 -4.42 0.04 -1.36
N PHE A 84 -5.20 0.77 -2.17
CA PHE A 84 -6.21 0.17 -3.03
C PHE A 84 -5.62 0.07 -4.43
N ILE A 85 -5.34 -1.14 -4.90
CA ILE A 85 -4.92 -1.36 -6.28
C ILE A 85 -6.20 -1.41 -7.11
N GLU A 86 -6.28 -0.64 -8.19
CA GLU A 86 -7.37 -0.67 -9.15
C GLU A 86 -6.81 -0.42 -10.56
N LEU A 87 -7.62 -0.67 -11.59
CA LEU A 87 -7.34 -0.19 -12.95
C LEU A 87 -8.01 1.16 -13.09
N ASP A 88 -7.59 1.99 -14.04
CA ASP A 88 -8.41 3.11 -14.50
C ASP A 88 -7.96 3.53 -15.90
N GLU A 89 -8.56 4.61 -16.42
CA GLU A 89 -8.21 5.39 -17.61
C GLU A 89 -8.57 4.63 -18.89
N ASN A 90 -7.93 3.49 -19.10
CA ASN A 90 -8.14 2.61 -20.22
C ASN A 90 -7.75 1.19 -19.83
N ALA A 91 -8.15 0.78 -18.61
CA ALA A 91 -7.91 -0.53 -18.02
C ALA A 91 -6.42 -0.81 -17.71
N ASP A 92 -5.62 0.25 -17.55
CA ASP A 92 -4.21 0.15 -17.18
C ASP A 92 -4.13 0.30 -15.66
N VAL A 93 -3.13 -0.32 -15.02
CA VAL A 93 -3.08 -0.36 -13.55
C VAL A 93 -2.70 1.01 -12.99
N GLN A 94 -3.62 1.62 -12.22
CA GLN A 94 -3.34 2.77 -11.37
C GLN A 94 -3.24 2.29 -9.91
N VAL A 95 -3.16 3.23 -8.97
CA VAL A 95 -3.24 2.95 -7.55
C VAL A 95 -4.05 4.08 -6.95
N PHE A 96 -4.89 3.74 -5.97
CA PHE A 96 -5.73 4.63 -5.22
C PHE A 96 -5.45 4.41 -3.75
N ILE A 97 -5.91 5.34 -2.92
CA ILE A 97 -5.81 5.21 -1.49
C ILE A 97 -7.00 5.87 -0.82
N PRO A 98 -7.48 5.28 0.30
CA PRO A 98 -8.40 5.97 1.16
C PRO A 98 -7.62 7.09 1.86
N GLN A 99 -8.12 8.31 1.73
CA GLN A 99 -7.68 9.53 2.41
C GLN A 99 -8.95 10.27 2.83
N GLY A 100 -8.84 11.52 3.30
CA GLY A 100 -9.97 12.34 3.66
C GLY A 100 -9.53 13.79 3.53
N GLU A 101 -8.78 14.28 4.50
CA GLU A 101 -8.42 15.69 4.70
C GLU A 101 -7.34 16.20 3.73
N ILE A 102 -7.12 15.53 2.60
CA ILE A 102 -6.18 15.89 1.55
C ILE A 102 -6.59 17.22 0.92
N ASP A 103 -6.02 18.27 1.47
CA ASP A 103 -5.70 19.51 0.78
C ASP A 103 -4.57 19.27 -0.21
N GLY A 1 7.54 3.59 24.03
CA GLY A 1 7.10 2.35 24.65
C GLY A 1 7.26 2.42 26.16
N ALA A 2 6.19 2.19 26.91
CA ALA A 2 6.04 2.47 28.34
C ALA A 2 5.45 1.28 29.10
N GLN A 3 5.76 0.04 28.72
CA GLN A 3 5.05 -1.23 29.03
C GLN A 3 3.76 -1.37 28.22
N ASP A 4 3.29 -0.30 27.57
CA ASP A 4 2.09 -0.32 26.76
C ASP A 4 2.36 0.70 25.67
N GLY A 5 2.83 0.22 24.53
CA GLY A 5 3.50 1.05 23.54
C GLY A 5 3.24 0.46 22.17
N LYS A 6 2.06 0.72 21.63
CA LYS A 6 1.56 0.06 20.43
C LYS A 6 0.93 1.04 19.45
N GLU A 7 1.32 2.31 19.52
CA GLU A 7 0.77 3.37 18.68
C GLU A 7 1.57 3.44 17.38
N THR A 8 1.58 2.32 16.67
CA THR A 8 2.07 2.15 15.32
C THR A 8 0.99 2.51 14.30
N THR A 9 1.41 2.53 13.04
CA THR A 9 0.50 2.54 11.90
C THR A 9 0.23 1.09 11.47
N THR A 10 -0.79 0.90 10.63
CA THR A 10 -1.08 -0.38 10.01
C THR A 10 -1.53 -0.09 8.57
N ILE A 11 -1.04 -0.86 7.61
CA ILE A 11 -1.28 -0.67 6.19
C ILE A 11 -1.96 -1.93 5.67
N ARG A 12 -2.88 -1.80 4.72
CA ARG A 12 -3.70 -2.89 4.22
C ARG A 12 -3.77 -2.81 2.71
N LEU A 13 -3.37 -3.87 2.01
CA LEU A 13 -3.12 -3.87 0.56
C LEU A 13 -4.14 -4.72 -0.17
N ILE A 14 -5.11 -4.11 -0.85
CA ILE A 14 -6.21 -4.79 -1.53
C ILE A 14 -5.94 -4.80 -3.04
N ASN A 15 -6.06 -5.98 -3.65
CA ASN A 15 -5.73 -6.20 -5.06
C ASN A 15 -6.99 -6.18 -5.95
N GLN A 16 -7.60 -5.01 -6.15
CA GLN A 16 -8.94 -4.90 -6.75
C GLN A 16 -8.84 -4.82 -8.28
N THR A 17 -8.20 -5.83 -8.88
CA THR A 17 -7.72 -5.79 -10.26
C THR A 17 -7.93 -7.14 -10.98
N TYR A 18 -7.82 -7.12 -12.31
CA TYR A 18 -8.01 -8.28 -13.19
C TYR A 18 -6.84 -9.28 -13.21
N PHE A 19 -5.85 -9.10 -12.34
CA PHE A 19 -4.63 -9.89 -12.33
C PHE A 19 -4.30 -10.36 -10.93
N ASN A 20 -3.26 -11.19 -10.84
CA ASN A 20 -2.52 -11.54 -9.62
C ASN A 20 -1.22 -10.72 -9.57
N VAL A 21 -0.64 -10.54 -8.38
CA VAL A 21 0.65 -9.86 -8.16
C VAL A 21 1.45 -10.62 -7.10
N LYS A 22 2.78 -10.64 -7.20
CA LYS A 22 3.65 -11.62 -6.51
C LYS A 22 5.01 -11.04 -6.09
N ASN A 23 5.10 -9.72 -5.95
CA ASN A 23 6.32 -9.00 -5.58
C ASN A 23 6.03 -7.55 -5.22
N ILE A 24 4.97 -7.29 -4.45
CA ILE A 24 4.66 -5.94 -4.04
C ILE A 24 5.58 -5.54 -2.87
N LYS A 25 6.39 -4.51 -3.08
CA LYS A 25 7.13 -3.71 -2.11
C LYS A 25 6.21 -2.59 -1.61
N VAL A 26 6.28 -2.27 -0.32
CA VAL A 26 5.46 -1.23 0.31
C VAL A 26 6.38 -0.39 1.21
N THR A 27 6.56 0.92 1.01
CA THR A 27 7.37 1.82 1.83
C THR A 27 6.48 2.94 2.40
N TRP A 28 6.71 3.42 3.63
CA TRP A 28 5.87 4.42 4.31
C TRP A 28 6.67 5.38 5.19
N ASN A 29 7.95 5.52 4.89
CA ASN A 29 8.93 6.34 5.59
C ASN A 29 10.22 6.29 4.79
N ASP A 30 11.32 6.86 5.28
CA ASP A 30 12.55 6.95 4.47
C ASP A 30 13.34 5.63 4.46
N GLY A 31 12.99 4.67 5.33
CA GLY A 31 13.68 3.39 5.45
C GLY A 31 12.84 2.29 6.11
N LYS A 32 11.50 2.39 6.11
CA LYS A 32 10.62 1.31 6.52
C LYS A 32 9.86 0.85 5.30
N GLU A 33 10.04 -0.41 4.95
CA GLU A 33 9.18 -1.15 4.05
C GLU A 33 8.88 -2.54 4.62
N GLN A 34 8.01 -3.27 3.94
CA GLN A 34 7.98 -4.72 3.90
C GLN A 34 7.63 -5.16 2.47
N THR A 35 7.59 -6.46 2.23
CA THR A 35 7.20 -7.05 0.96
C THR A 35 6.16 -8.13 1.22
N VAL A 36 5.24 -8.28 0.27
CA VAL A 36 4.12 -9.19 0.34
C VAL A 36 4.54 -10.49 -0.35
N ASN A 37 3.91 -11.63 -0.02
CA ASN A 37 4.06 -12.86 -0.77
C ASN A 37 3.40 -12.73 -2.15
N THR A 38 2.09 -12.97 -2.25
CA THR A 38 1.32 -12.93 -3.48
C THR A 38 -0.10 -12.48 -3.13
N LEU A 39 -0.83 -11.91 -4.09
CA LEU A 39 -2.13 -11.29 -3.92
C LEU A 39 -2.98 -11.67 -5.12
N GLY A 40 -3.94 -12.55 -4.86
CA GLY A 40 -4.95 -13.00 -5.79
C GLY A 40 -5.91 -11.89 -6.23
N SER A 41 -6.87 -12.21 -7.10
CA SER A 41 -7.89 -11.25 -7.51
C SER A 41 -8.75 -10.89 -6.30
N HIS A 42 -8.88 -9.60 -5.98
CA HIS A 42 -9.54 -9.07 -4.78
C HIS A 42 -8.96 -9.61 -3.47
N ASP A 43 -7.71 -10.11 -3.48
CA ASP A 43 -7.04 -10.49 -2.23
C ASP A 43 -6.80 -9.28 -1.37
N SER A 44 -6.42 -9.56 -0.14
CA SER A 44 -6.27 -8.56 0.92
C SER A 44 -5.51 -9.13 2.13
N ILE A 45 -4.87 -8.25 2.89
CA ILE A 45 -3.85 -8.53 3.89
C ILE A 45 -3.45 -7.19 4.51
N ASP A 46 -3.19 -7.22 5.81
CA ASP A 46 -2.85 -6.08 6.64
C ASP A 46 -1.47 -6.39 7.24
N PHE A 47 -0.63 -5.38 7.38
CA PHE A 47 0.65 -5.51 8.08
C PHE A 47 0.90 -4.28 8.95
N SER A 48 1.37 -4.55 10.18
CA SER A 48 1.80 -3.53 11.13
C SER A 48 2.98 -2.77 10.57
N SER A 49 3.09 -1.50 10.97
CA SER A 49 3.95 -0.52 10.35
C SER A 49 4.64 0.23 11.48
N ASP A 50 5.92 -0.09 11.73
CA ASP A 50 6.68 0.24 12.94
C ASP A 50 6.78 1.73 13.27
N ALA A 51 6.49 2.59 12.29
CA ALA A 51 6.46 4.02 12.42
C ALA A 51 5.22 4.43 13.22
N GLY A 52 5.35 5.43 14.07
CA GLY A 52 4.26 5.93 14.89
C GLY A 52 3.29 6.80 14.09
N SER A 53 3.71 7.31 12.93
CA SER A 53 2.87 7.96 11.95
C SER A 53 3.43 7.64 10.55
N VAL A 54 2.64 7.86 9.51
CA VAL A 54 3.11 8.05 8.15
C VAL A 54 2.46 9.29 7.53
N TYR A 55 3.28 10.02 6.78
CA TYR A 55 2.94 11.19 5.99
C TYR A 55 3.27 11.01 4.49
N LYS A 56 3.96 9.94 4.07
CA LYS A 56 4.18 9.61 2.65
C LYS A 56 4.22 8.10 2.44
N MET A 57 3.76 7.62 1.29
CA MET A 57 3.81 6.22 0.92
C MET A 57 4.35 6.11 -0.49
N ASP A 58 5.16 5.09 -0.70
CA ASP A 58 5.78 4.77 -1.95
C ASP A 58 5.65 3.26 -2.05
N VAL A 59 4.93 2.82 -3.06
CA VAL A 59 4.81 1.41 -3.35
C VAL A 59 5.43 1.10 -4.70
N THR A 60 5.75 -0.17 -4.93
CA THR A 60 6.11 -0.67 -6.25
C THR A 60 5.79 -2.16 -6.25
N GLY A 61 5.03 -2.60 -7.24
CA GLY A 61 4.74 -4.01 -7.44
C GLY A 61 4.65 -4.32 -8.92
N THR A 62 4.51 -5.59 -9.28
CA THR A 62 4.48 -6.03 -10.66
C THR A 62 3.48 -7.17 -10.83
N THR A 63 2.72 -7.11 -11.92
CA THR A 63 1.58 -7.97 -12.21
C THR A 63 1.98 -9.34 -12.75
N GLN A 64 0.99 -10.23 -12.89
CA GLN A 64 1.09 -11.50 -13.60
C GLN A 64 1.62 -11.31 -15.02
N SER A 65 1.22 -10.21 -15.68
CA SER A 65 1.66 -9.84 -17.01
C SER A 65 3.03 -9.15 -17.02
N GLY A 66 3.63 -8.88 -15.85
CA GLY A 66 4.94 -8.27 -15.75
C GLY A 66 4.91 -6.74 -15.79
N GLU A 67 3.73 -6.10 -15.79
CA GLU A 67 3.64 -4.65 -15.77
C GLU A 67 3.94 -4.20 -14.36
N LYS A 68 4.61 -3.08 -14.21
CA LYS A 68 4.94 -2.50 -12.94
C LYS A 68 3.95 -1.39 -12.67
N PHE A 69 3.66 -1.21 -11.41
CA PHE A 69 2.89 -0.08 -10.92
C PHE A 69 3.65 0.54 -9.75
N THR A 70 3.54 1.86 -9.59
CA THR A 70 4.16 2.60 -8.50
C THR A 70 3.10 3.46 -7.80
N GLY A 71 3.31 3.73 -6.52
CA GLY A 71 2.36 4.49 -5.69
C GLY A 71 2.56 6.00 -5.81
N HIS A 72 3.65 6.45 -5.18
CA HIS A 72 4.05 7.82 -4.89
C HIS A 72 2.92 8.69 -4.37
N PHE A 73 2.75 8.69 -3.05
CA PHE A 73 1.72 9.40 -2.32
C PHE A 73 2.35 10.31 -1.27
N LYS A 74 1.78 11.49 -1.11
CA LYS A 74 2.21 12.52 -0.17
C LYS A 74 0.98 13.09 0.53
N GLY A 75 1.21 13.76 1.65
CA GLY A 75 0.17 14.36 2.46
C GLY A 75 -0.74 13.33 3.09
N LEU A 76 -0.15 12.35 3.76
CA LEU A 76 -0.92 11.27 4.36
C LEU A 76 -1.33 11.72 5.77
N VAL A 77 -2.54 11.36 6.20
CA VAL A 77 -3.09 11.68 7.50
C VAL A 77 -3.88 10.50 8.06
N GLY A 78 -4.10 10.50 9.37
CA GLY A 78 -4.67 9.37 10.07
C GLY A 78 -3.59 8.31 10.35
N LYS A 79 -3.88 7.38 11.26
CA LYS A 79 -2.92 6.40 11.80
C LYS A 79 -3.18 5.01 11.24
N ASP A 80 -3.87 4.94 10.11
CA ASP A 80 -3.95 3.81 9.21
C ASP A 80 -3.90 4.32 7.79
N THR A 81 -3.69 3.41 6.85
CA THR A 81 -3.67 3.66 5.42
C THR A 81 -4.10 2.36 4.75
N ARG A 82 -4.72 2.42 3.57
CA ARG A 82 -4.97 1.24 2.75
C ARG A 82 -4.55 1.56 1.34
N VAL A 83 -4.42 0.54 0.51
CA VAL A 83 -4.02 0.68 -0.88
C VAL A 83 -5.03 -0.06 -1.71
N PHE A 84 -5.64 0.67 -2.65
CA PHE A 84 -6.60 0.15 -3.61
C PHE A 84 -5.88 0.10 -4.95
N ILE A 85 -5.34 -1.07 -5.31
CA ILE A 85 -4.80 -1.27 -6.65
C ILE A 85 -6.01 -1.36 -7.57
N GLU A 86 -6.02 -0.60 -8.66
CA GLU A 86 -7.01 -0.56 -9.73
C GLU A 86 -6.29 -0.26 -11.06
N LEU A 87 -7.06 -0.19 -12.14
CA LEU A 87 -6.56 0.03 -13.51
C LEU A 87 -6.84 1.47 -13.95
N ASP A 88 -6.41 1.83 -15.16
CA ASP A 88 -6.66 3.13 -15.80
C ASP A 88 -7.44 2.98 -17.11
N GLU A 89 -7.67 4.09 -17.81
CA GLU A 89 -8.61 4.17 -18.92
C GLU A 89 -8.29 3.19 -20.06
N ASN A 90 -7.01 2.96 -20.37
CA ASN A 90 -6.58 2.01 -21.39
C ASN A 90 -6.07 0.72 -20.74
N ALA A 91 -6.73 0.29 -19.66
CA ALA A 91 -6.45 -0.97 -18.96
C ALA A 91 -5.00 -1.03 -18.43
N ASP A 92 -4.43 0.13 -18.11
CA ASP A 92 -3.10 0.32 -17.54
C ASP A 92 -3.17 0.08 -16.03
N VAL A 93 -2.07 0.04 -15.29
CA VAL A 93 -2.07 -0.22 -13.85
C VAL A 93 -1.49 0.96 -13.10
N GLN A 94 -2.29 1.49 -12.16
CA GLN A 94 -1.95 2.61 -11.29
C GLN A 94 -2.00 2.11 -9.84
N VAL A 95 -2.03 3.01 -8.86
CA VAL A 95 -2.28 2.68 -7.47
C VAL A 95 -3.12 3.83 -6.90
N PHE A 96 -4.17 3.50 -6.14
CA PHE A 96 -5.06 4.44 -5.49
C PHE A 96 -5.13 4.14 -3.99
N ILE A 97 -5.78 5.02 -3.23
CA ILE A 97 -5.86 4.93 -1.79
C ILE A 97 -7.13 5.64 -1.27
N PRO A 98 -7.77 5.11 -0.21
CA PRO A 98 -8.83 5.83 0.49
C PRO A 98 -8.22 6.95 1.33
N GLN A 99 -8.02 8.11 0.73
CA GLN A 99 -7.74 9.36 1.43
C GLN A 99 -9.09 10.02 1.80
N GLY A 100 -9.11 11.31 2.07
CA GLY A 100 -10.36 12.02 2.26
C GLY A 100 -10.20 13.37 2.92
N GLU A 101 -9.11 13.56 3.66
CA GLU A 101 -8.74 14.85 4.22
C GLU A 101 -7.37 15.17 3.61
N ILE A 102 -7.36 15.59 2.35
CA ILE A 102 -6.18 15.96 1.61
C ILE A 102 -6.54 17.14 0.72
N ASP A 103 -5.99 18.31 1.03
CA ASP A 103 -6.17 19.54 0.28
C ASP A 103 -4.82 20.24 0.20
N GLY A 1 7.54 9.67 27.16
CA GLY A 1 6.64 8.53 27.38
C GLY A 1 7.45 7.26 27.35
N ALA A 2 7.05 6.31 26.51
CA ALA A 2 7.79 5.08 26.24
C ALA A 2 8.01 5.00 24.73
N GLN A 3 9.07 4.33 24.31
CA GLN A 3 9.46 4.23 22.92
C GLN A 3 8.86 2.96 22.28
N ASP A 4 8.10 2.15 23.01
CA ASP A 4 7.55 0.89 22.56
C ASP A 4 6.35 0.68 23.45
N GLY A 5 5.16 0.95 22.92
CA GLY A 5 3.94 1.01 23.70
C GLY A 5 2.83 0.26 22.99
N LYS A 6 1.74 0.95 22.63
CA LYS A 6 0.72 0.40 21.74
C LYS A 6 0.22 1.54 20.87
N GLU A 7 0.92 1.83 19.79
CA GLU A 7 0.67 3.05 19.02
C GLU A 7 1.04 2.95 17.54
N THR A 8 1.06 1.75 17.00
CA THR A 8 1.34 1.53 15.58
C THR A 8 0.17 2.01 14.70
N THR A 9 0.50 2.21 13.43
CA THR A 9 -0.41 2.34 12.32
C THR A 9 -0.84 0.97 11.81
N THR A 10 -1.63 1.00 10.74
CA THR A 10 -1.88 -0.15 9.92
C THR A 10 -1.60 0.21 8.45
N ILE A 11 -1.30 -0.78 7.63
CA ILE A 11 -1.35 -0.70 6.17
C ILE A 11 -2.23 -1.86 5.74
N ARG A 12 -2.99 -1.66 4.66
CA ARG A 12 -3.84 -2.68 4.10
C ARG A 12 -3.82 -2.57 2.59
N LEU A 13 -3.37 -3.61 1.90
CA LEU A 13 -3.35 -3.64 0.43
C LEU A 13 -4.61 -4.34 -0.08
N ILE A 14 -5.30 -3.77 -1.07
CA ILE A 14 -6.45 -4.37 -1.75
C ILE A 14 -6.20 -4.41 -3.26
N ASN A 15 -6.32 -5.60 -3.86
CA ASN A 15 -5.90 -5.89 -5.22
C ASN A 15 -7.04 -5.80 -6.25
N GLN A 16 -7.74 -4.66 -6.27
CA GLN A 16 -9.03 -4.48 -6.97
C GLN A 16 -8.92 -4.50 -8.51
N THR A 17 -7.73 -4.71 -9.06
CA THR A 17 -7.45 -4.97 -10.47
C THR A 17 -7.93 -6.37 -10.92
N TYR A 18 -7.60 -6.75 -12.16
CA TYR A 18 -7.94 -8.00 -12.83
C TYR A 18 -6.89 -9.12 -12.75
N PHE A 19 -5.78 -8.94 -12.04
CA PHE A 19 -4.63 -9.85 -12.08
C PHE A 19 -4.28 -10.39 -10.69
N ASN A 20 -3.16 -11.11 -10.61
CA ASN A 20 -2.50 -11.57 -9.40
C ASN A 20 -1.22 -10.78 -9.23
N VAL A 21 -0.75 -10.55 -8.00
CA VAL A 21 0.50 -9.86 -7.70
C VAL A 21 1.20 -10.60 -6.56
N LYS A 22 2.52 -10.80 -6.65
CA LYS A 22 3.25 -11.82 -5.87
C LYS A 22 4.59 -11.29 -5.36
N ASN A 23 4.70 -9.97 -5.37
CA ASN A 23 5.95 -9.26 -5.29
C ASN A 23 5.68 -7.76 -5.05
N ILE A 24 4.75 -7.43 -4.17
CA ILE A 24 4.42 -6.04 -3.89
C ILE A 24 5.36 -5.60 -2.78
N LYS A 25 6.31 -4.74 -3.11
CA LYS A 25 7.08 -3.93 -2.16
C LYS A 25 6.15 -2.80 -1.73
N VAL A 26 6.06 -2.52 -0.43
CA VAL A 26 5.38 -1.33 0.06
C VAL A 26 6.29 -0.66 1.07
N THR A 27 6.27 0.67 1.09
CA THR A 27 7.14 1.51 1.89
C THR A 27 6.26 2.60 2.50
N TRP A 28 6.48 2.96 3.76
CA TRP A 28 5.64 3.89 4.54
C TRP A 28 6.51 4.83 5.39
N ASN A 29 7.80 4.87 5.11
CA ASN A 29 8.69 5.86 5.68
C ASN A 29 9.85 6.02 4.71
N ASP A 30 10.92 6.72 5.09
CA ASP A 30 12.10 6.83 4.23
C ASP A 30 12.87 5.53 4.36
N GLY A 31 12.39 4.45 3.71
CA GLY A 31 13.04 3.16 3.69
C GLY A 31 12.50 2.15 4.70
N LYS A 32 11.47 2.47 5.50
CA LYS A 32 10.73 1.44 6.24
C LYS A 32 9.79 0.79 5.24
N GLU A 33 10.03 -0.48 4.93
CA GLU A 33 9.35 -1.22 3.88
C GLU A 33 9.23 -2.69 4.27
N GLN A 34 8.32 -3.43 3.63
CA GLN A 34 8.27 -4.89 3.61
C GLN A 34 7.62 -5.35 2.29
N THR A 35 7.56 -6.65 2.02
CA THR A 35 6.89 -7.16 0.82
C THR A 35 5.80 -8.16 1.20
N VAL A 36 4.69 -8.17 0.46
CA VAL A 36 3.55 -9.04 0.77
C VAL A 36 3.91 -10.48 0.36
N ASN A 37 3.11 -11.48 0.73
CA ASN A 37 3.20 -12.80 0.12
C ASN A 37 2.67 -12.74 -1.32
N THR A 38 1.36 -12.87 -1.55
CA THR A 38 0.71 -12.77 -2.86
C THR A 38 -0.73 -12.28 -2.64
N LEU A 39 -1.35 -11.71 -3.68
CA LEU A 39 -2.69 -11.12 -3.67
C LEU A 39 -3.33 -11.45 -5.01
N GLY A 40 -4.37 -12.27 -4.97
CA GLY A 40 -5.19 -12.62 -6.11
C GLY A 40 -6.18 -11.51 -6.44
N SER A 41 -7.00 -11.70 -7.47
CA SER A 41 -7.95 -10.68 -7.89
C SER A 41 -8.85 -10.31 -6.72
N HIS A 42 -9.00 -9.00 -6.45
CA HIS A 42 -9.76 -8.43 -5.35
C HIS A 42 -9.26 -8.82 -3.95
N ASP A 43 -8.18 -9.61 -3.82
CA ASP A 43 -7.73 -10.05 -2.50
C ASP A 43 -7.20 -8.88 -1.68
N SER A 44 -6.93 -9.15 -0.42
CA SER A 44 -6.39 -8.15 0.48
C SER A 44 -5.64 -8.75 1.66
N ILE A 45 -4.80 -7.92 2.27
CA ILE A 45 -3.89 -8.25 3.35
C ILE A 45 -3.74 -6.96 4.14
N ASP A 46 -3.57 -7.11 5.45
CA ASP A 46 -3.20 -6.04 6.34
C ASP A 46 -1.99 -6.49 7.15
N PHE A 47 -1.18 -5.50 7.49
CA PHE A 47 0.00 -5.63 8.33
C PHE A 47 0.21 -4.36 9.15
N SER A 48 0.69 -4.50 10.39
CA SER A 48 1.11 -3.41 11.25
C SER A 48 2.42 -2.85 10.71
N SER A 49 2.38 -1.56 10.44
CA SER A 49 3.49 -0.74 10.02
C SER A 49 4.29 -0.31 11.25
N ASP A 50 5.60 -0.42 11.14
CA ASP A 50 6.53 -0.36 12.27
C ASP A 50 6.91 1.06 12.69
N ALA A 51 6.01 2.02 12.54
CA ALA A 51 6.21 3.40 12.95
C ALA A 51 4.87 3.91 13.46
N GLY A 52 4.85 4.73 14.50
CA GLY A 52 3.60 5.18 15.10
C GLY A 52 2.85 6.21 14.24
N SER A 53 3.48 6.71 13.18
CA SER A 53 2.92 7.67 12.25
C SER A 53 3.55 7.47 10.87
N VAL A 54 2.91 8.00 9.84
CA VAL A 54 3.37 8.10 8.47
C VAL A 54 2.65 9.25 7.77
N TYR A 55 3.24 9.73 6.68
CA TYR A 55 2.70 10.72 5.75
C TYR A 55 3.08 10.44 4.29
N LYS A 56 3.75 9.32 3.99
CA LYS A 56 4.22 8.96 2.65
C LYS A 56 3.95 7.49 2.41
N MET A 57 3.79 7.07 1.17
CA MET A 57 3.74 5.65 0.85
C MET A 57 4.31 5.47 -0.56
N ASP A 58 5.35 4.65 -0.69
CA ASP A 58 6.16 4.57 -1.89
C ASP A 58 6.16 3.11 -2.35
N VAL A 59 5.05 2.72 -2.95
CA VAL A 59 4.76 1.35 -3.36
C VAL A 59 5.46 1.02 -4.67
N THR A 60 5.82 -0.24 -4.89
CA THR A 60 6.31 -0.75 -6.16
C THR A 60 6.05 -2.25 -6.24
N GLY A 61 5.62 -2.74 -7.41
CA GLY A 61 5.38 -4.16 -7.62
C GLY A 61 5.35 -4.52 -9.10
N THR A 62 5.00 -5.78 -9.38
CA THR A 62 5.00 -6.38 -10.70
C THR A 62 3.69 -7.16 -10.89
N THR A 63 3.01 -7.14 -12.05
CA THR A 63 1.75 -7.89 -12.18
C THR A 63 2.03 -9.39 -12.35
N GLN A 64 0.95 -10.16 -12.52
CA GLN A 64 0.93 -11.50 -13.03
C GLN A 64 1.83 -11.59 -14.26
N SER A 65 1.57 -10.74 -15.26
CA SER A 65 2.24 -10.72 -16.55
C SER A 65 3.67 -10.13 -16.51
N GLY A 66 4.14 -9.67 -15.35
CA GLY A 66 5.54 -9.27 -15.21
C GLY A 66 5.76 -7.79 -15.47
N GLU A 67 4.72 -6.98 -15.67
CA GLU A 67 4.86 -5.54 -15.89
C GLU A 67 4.96 -4.83 -14.55
N LYS A 68 5.67 -3.70 -14.48
CA LYS A 68 6.04 -3.07 -13.22
C LYS A 68 5.22 -1.80 -13.00
N PHE A 69 4.76 -1.62 -11.77
CA PHE A 69 3.91 -0.52 -11.31
C PHE A 69 4.50 0.09 -10.02
N THR A 70 4.17 1.34 -9.70
CA THR A 70 4.60 2.05 -8.50
C THR A 70 3.55 3.08 -8.07
N GLY A 71 3.55 3.45 -6.78
CA GLY A 71 2.63 4.45 -6.22
C GLY A 71 3.22 5.86 -6.15
N HIS A 72 4.15 6.06 -5.21
CA HIS A 72 4.74 7.34 -4.81
C HIS A 72 3.69 8.39 -4.39
N PHE A 73 3.24 8.30 -3.14
CA PHE A 73 2.22 9.17 -2.55
C PHE A 73 2.83 9.95 -1.40
N LYS A 74 2.21 11.09 -1.06
CA LYS A 74 2.68 11.91 0.05
C LYS A 74 1.55 12.74 0.64
N GLY A 75 1.84 13.40 1.76
CA GLY A 75 0.90 14.23 2.48
C GLY A 75 -0.29 13.45 3.06
N LEU A 76 -0.07 12.18 3.40
CA LEU A 76 -1.10 11.29 3.97
C LEU A 76 -1.47 11.72 5.39
N VAL A 77 -2.56 11.18 5.92
CA VAL A 77 -3.07 11.40 7.29
C VAL A 77 -3.79 10.14 7.78
N GLY A 78 -4.00 10.03 9.09
CA GLY A 78 -4.74 8.99 9.77
C GLY A 78 -3.91 7.72 9.95
N LYS A 79 -4.23 6.93 10.99
CA LYS A 79 -3.34 5.86 11.47
C LYS A 79 -3.49 4.54 10.70
N ASP A 80 -4.03 4.60 9.49
CA ASP A 80 -4.15 3.50 8.53
C ASP A 80 -3.65 3.95 7.17
N THR A 81 -3.39 2.99 6.29
CA THR A 81 -2.91 3.25 4.94
C THR A 81 -3.49 2.18 4.00
N ARG A 82 -4.63 2.45 3.36
CA ARG A 82 -5.14 1.55 2.33
C ARG A 82 -4.50 1.88 0.99
N VAL A 83 -4.53 0.92 0.08
CA VAL A 83 -3.94 0.97 -1.25
C VAL A 83 -4.94 0.27 -2.17
N PHE A 84 -5.70 1.02 -2.99
CA PHE A 84 -6.68 0.49 -3.93
C PHE A 84 -6.00 0.31 -5.29
N ILE A 85 -5.52 -0.89 -5.59
CA ILE A 85 -4.89 -1.17 -6.88
C ILE A 85 -6.03 -1.21 -7.91
N GLU A 86 -6.03 -0.30 -8.88
CA GLU A 86 -7.03 -0.19 -9.97
C GLU A 86 -6.31 0.22 -11.26
N LEU A 87 -7.02 0.39 -12.38
CA LEU A 87 -6.45 0.77 -13.68
C LEU A 87 -7.07 2.08 -14.17
N ASP A 88 -6.36 2.85 -15.00
CA ASP A 88 -6.89 4.09 -15.60
C ASP A 88 -6.15 4.43 -16.89
N GLU A 89 -6.46 5.58 -17.50
CA GLU A 89 -6.05 6.15 -18.80
C GLU A 89 -6.41 5.24 -19.97
N ASN A 90 -5.73 4.11 -20.08
CA ASN A 90 -5.76 3.17 -21.19
C ASN A 90 -5.97 1.72 -20.72
N ALA A 91 -6.03 1.49 -19.40
CA ALA A 91 -5.80 0.23 -18.71
C ALA A 91 -4.31 -0.09 -18.65
N ASP A 92 -3.54 0.84 -18.09
CA ASP A 92 -2.24 0.57 -17.50
C ASP A 92 -2.47 0.53 -15.99
N VAL A 93 -1.51 -0.01 -15.26
CA VAL A 93 -1.69 -0.36 -13.86
C VAL A 93 -1.44 0.86 -12.96
N GLN A 94 -2.47 1.30 -12.24
CA GLN A 94 -2.42 2.48 -11.38
C GLN A 94 -2.44 2.09 -9.91
N VAL A 95 -2.29 3.11 -9.08
CA VAL A 95 -2.20 2.98 -7.64
C VAL A 95 -3.07 4.12 -7.13
N PHE A 96 -4.28 3.77 -6.74
CA PHE A 96 -5.24 4.71 -6.16
C PHE A 96 -5.29 4.55 -4.65
N ILE A 97 -5.84 5.54 -3.94
CA ILE A 97 -5.98 5.49 -2.49
C ILE A 97 -7.17 6.32 -2.03
N PRO A 98 -7.87 5.85 -0.98
CA PRO A 98 -8.87 6.64 -0.28
C PRO A 98 -8.17 7.69 0.61
N GLN A 99 -8.46 8.97 0.38
CA GLN A 99 -8.01 10.11 1.15
C GLN A 99 -9.17 11.13 1.20
N GLY A 100 -8.97 12.29 1.84
CA GLY A 100 -9.65 13.53 1.48
C GLY A 100 -10.51 14.11 2.61
N GLU A 101 -10.98 13.24 3.50
CA GLU A 101 -11.65 13.57 4.75
C GLU A 101 -11.38 12.39 5.69
N ILE A 102 -10.15 12.28 6.18
CA ILE A 102 -9.67 11.16 6.99
C ILE A 102 -8.80 11.73 8.10
N ASP A 103 -9.19 11.42 9.33
CA ASP A 103 -8.60 11.80 10.61
C ASP A 103 -8.30 13.28 10.66
N GLY A 1 -8.37 3.78 27.22
CA GLY A 1 -7.23 4.18 26.38
C GLY A 1 -5.95 3.65 26.98
N ALA A 2 -5.13 2.97 26.17
CA ALA A 2 -3.74 2.71 26.46
C ALA A 2 -3.00 4.05 26.56
N GLN A 3 -1.87 4.06 27.26
CA GLN A 3 -0.95 5.19 27.27
C GLN A 3 -0.19 5.16 25.94
N ASP A 4 0.74 4.21 25.79
CA ASP A 4 1.72 4.24 24.71
C ASP A 4 2.15 2.81 24.32
N GLY A 5 1.17 1.91 24.26
CA GLY A 5 1.41 0.49 24.13
C GLY A 5 1.34 -0.04 22.69
N LYS A 6 1.34 0.81 21.64
CA LYS A 6 1.10 0.33 20.27
C LYS A 6 1.79 1.23 19.23
N GLU A 7 3.04 1.64 19.42
CA GLU A 7 3.75 2.61 18.58
C GLU A 7 4.33 1.91 17.34
N THR A 8 3.43 1.35 16.54
CA THR A 8 3.67 0.82 15.22
C THR A 8 2.57 1.33 14.28
N THR A 9 2.68 0.98 13.00
CA THR A 9 1.68 1.22 11.99
C THR A 9 1.04 -0.09 11.56
N THR A 10 0.02 -0.04 10.70
CA THR A 10 -0.65 -1.22 10.16
C THR A 10 -1.13 -0.86 8.76
N ILE A 11 -0.40 -1.34 7.78
CA ILE A 11 -0.68 -1.11 6.37
C ILE A 11 -1.51 -2.29 5.90
N ARG A 12 -2.35 -2.08 4.87
CA ARG A 12 -3.08 -3.13 4.20
C ARG A 12 -2.99 -2.88 2.70
N LEU A 13 -2.60 -3.89 1.94
CA LEU A 13 -2.61 -3.88 0.48
C LEU A 13 -3.84 -4.66 0.04
N ILE A 14 -4.62 -4.13 -0.90
CA ILE A 14 -5.83 -4.77 -1.43
C ILE A 14 -5.71 -4.84 -2.94
N ASN A 15 -5.90 -6.03 -3.53
CA ASN A 15 -5.73 -6.29 -4.95
C ASN A 15 -7.06 -6.21 -5.71
N GLN A 16 -7.64 -5.02 -5.80
CA GLN A 16 -9.01 -4.84 -6.33
C GLN A 16 -9.01 -4.84 -7.87
N THR A 17 -8.31 -5.78 -8.50
CA THR A 17 -7.96 -5.77 -9.92
C THR A 17 -8.24 -7.12 -10.59
N TYR A 18 -7.94 -7.18 -11.88
CA TYR A 18 -8.18 -8.32 -12.77
C TYR A 18 -6.95 -9.20 -13.00
N PHE A 19 -5.91 -9.12 -12.16
CA PHE A 19 -4.71 -9.96 -12.28
C PHE A 19 -4.24 -10.40 -10.88
N ASN A 20 -3.20 -11.24 -10.82
CA ASN A 20 -2.50 -11.61 -9.59
C ASN A 20 -1.23 -10.76 -9.48
N VAL A 21 -0.68 -10.57 -8.28
CA VAL A 21 0.58 -9.86 -8.04
C VAL A 21 1.37 -10.63 -6.98
N LYS A 22 2.71 -10.68 -7.07
CA LYS A 22 3.55 -11.64 -6.32
C LYS A 22 4.80 -11.01 -5.72
N ASN A 23 4.80 -9.68 -5.65
CA ASN A 23 6.01 -8.91 -5.44
C ASN A 23 5.60 -7.45 -5.17
N ILE A 24 4.80 -7.17 -4.14
CA ILE A 24 4.55 -5.77 -3.83
C ILE A 24 5.65 -5.29 -2.91
N LYS A 25 6.51 -4.39 -3.40
CA LYS A 25 7.38 -3.59 -2.55
C LYS A 25 6.50 -2.47 -2.00
N VAL A 26 6.49 -2.29 -0.68
CA VAL A 26 5.96 -1.06 -0.09
C VAL A 26 7.05 -0.47 0.80
N THR A 27 6.99 0.84 1.00
CA THR A 27 7.87 1.68 1.77
C THR A 27 6.96 2.67 2.50
N TRP A 28 7.20 2.95 3.78
CA TRP A 28 6.33 3.79 4.63
C TRP A 28 7.15 4.78 5.47
N ASN A 29 8.40 4.98 5.10
CA ASN A 29 9.27 6.04 5.60
C ASN A 29 10.36 6.24 4.55
N ASP A 30 11.49 6.87 4.86
CA ASP A 30 12.55 7.12 3.88
C ASP A 30 13.42 5.87 3.62
N GLY A 31 12.82 4.75 3.26
CA GLY A 31 13.50 3.49 2.97
C GLY A 31 13.25 2.41 4.02
N LYS A 32 12.32 2.63 4.96
CA LYS A 32 11.77 1.56 5.74
C LYS A 32 10.75 0.86 4.83
N GLU A 33 11.07 -0.36 4.39
CA GLU A 33 10.40 -1.06 3.30
C GLU A 33 10.37 -2.58 3.53
N GLN A 34 9.47 -3.28 2.83
CA GLN A 34 9.37 -4.75 2.82
C GLN A 34 8.63 -5.20 1.54
N THR A 35 8.62 -6.51 1.27
CA THR A 35 7.84 -7.09 0.18
C THR A 35 6.83 -8.10 0.73
N VAL A 36 5.65 -8.20 0.11
CA VAL A 36 4.68 -9.23 0.42
C VAL A 36 4.98 -10.52 -0.34
N ASN A 37 4.31 -11.60 0.05
CA ASN A 37 4.23 -12.85 -0.70
C ASN A 37 3.47 -12.60 -2.02
N THR A 38 2.13 -12.66 -2.03
CA THR A 38 1.32 -12.70 -3.24
C THR A 38 -0.07 -12.15 -2.89
N LEU A 39 -0.83 -11.68 -3.88
CA LEU A 39 -2.16 -11.11 -3.76
C LEU A 39 -2.96 -11.57 -4.96
N GLY A 40 -3.90 -12.49 -4.71
CA GLY A 40 -4.84 -13.04 -5.67
C GLY A 40 -5.90 -12.01 -6.07
N SER A 41 -6.85 -12.39 -6.91
CA SER A 41 -7.94 -11.49 -7.32
C SER A 41 -8.74 -11.06 -6.09
N HIS A 42 -8.93 -9.75 -5.91
CA HIS A 42 -9.63 -9.16 -4.78
C HIS A 42 -9.10 -9.69 -3.44
N ASP A 43 -7.83 -10.11 -3.39
CA ASP A 43 -7.16 -10.48 -2.16
C ASP A 43 -6.86 -9.24 -1.35
N SER A 44 -6.37 -9.47 -0.15
CA SER A 44 -5.74 -8.46 0.67
C SER A 44 -4.72 -9.10 1.61
N ILE A 45 -3.84 -8.26 2.14
CA ILE A 45 -2.83 -8.59 3.12
C ILE A 45 -2.71 -7.36 3.99
N ASP A 46 -2.56 -7.59 5.28
CA ASP A 46 -2.28 -6.59 6.26
C ASP A 46 -1.02 -7.01 6.97
N PHE A 47 -0.19 -6.01 7.24
CA PHE A 47 1.05 -6.20 7.98
C PHE A 47 1.30 -5.01 8.90
N SER A 48 1.63 -5.33 10.15
CA SER A 48 2.16 -4.40 11.11
C SER A 48 3.48 -3.86 10.56
N SER A 49 3.75 -2.59 10.82
CA SER A 49 4.75 -1.82 10.09
C SER A 49 5.60 -1.07 11.10
N ASP A 50 6.91 -1.08 10.86
CA ASP A 50 7.92 -0.63 11.82
C ASP A 50 8.08 0.88 11.76
N ALA A 51 7.03 1.60 12.12
CA ALA A 51 7.09 3.05 12.17
C ALA A 51 5.98 3.52 13.10
N GLY A 52 6.33 4.29 14.11
CA GLY A 52 5.35 4.76 15.09
C GLY A 52 4.42 5.83 14.53
N SER A 53 4.84 6.51 13.46
CA SER A 53 4.03 7.41 12.65
C SER A 53 4.40 7.11 11.20
N VAL A 54 3.44 7.22 10.28
CA VAL A 54 3.72 7.24 8.85
C VAL A 54 2.97 8.44 8.29
N TYR A 55 3.52 8.97 7.19
CA TYR A 55 2.96 10.10 6.48
C TYR A 55 3.40 10.12 5.01
N LYS A 56 4.18 9.15 4.52
CA LYS A 56 4.52 8.95 3.11
C LYS A 56 4.45 7.47 2.82
N MET A 57 4.12 7.11 1.59
CA MET A 57 4.07 5.73 1.16
C MET A 57 4.57 5.68 -0.26
N ASP A 58 5.55 4.81 -0.50
CA ASP A 58 6.00 4.45 -1.84
C ASP A 58 5.62 2.99 -2.02
N VAL A 59 4.82 2.73 -3.05
CA VAL A 59 4.47 1.41 -3.52
C VAL A 59 5.09 1.23 -4.90
N THR A 60 5.53 0.01 -5.20
CA THR A 60 5.93 -0.40 -6.54
C THR A 60 5.80 -1.93 -6.58
N GLY A 61 4.96 -2.44 -7.48
CA GLY A 61 4.72 -3.87 -7.64
C GLY A 61 4.60 -4.20 -9.13
N THR A 62 4.46 -5.49 -9.45
CA THR A 62 4.42 -6.00 -10.82
C THR A 62 3.31 -7.06 -10.96
N THR A 63 2.55 -7.02 -12.06
CA THR A 63 1.38 -7.85 -12.34
C THR A 63 1.77 -9.27 -12.78
N GLN A 64 0.78 -10.15 -12.90
CA GLN A 64 0.93 -11.46 -13.51
C GLN A 64 1.48 -11.32 -14.92
N SER A 65 0.93 -10.38 -15.68
CA SER A 65 1.38 -9.99 -17.02
C SER A 65 2.83 -9.51 -17.05
N GLY A 66 3.41 -9.17 -15.89
CA GLY A 66 4.75 -8.62 -15.83
C GLY A 66 4.78 -7.16 -16.21
N GLU A 67 3.69 -6.42 -16.04
CA GLU A 67 3.74 -4.96 -16.04
C GLU A 67 4.10 -4.49 -14.65
N LYS A 68 4.65 -3.29 -14.57
CA LYS A 68 5.07 -2.69 -13.33
C LYS A 68 4.38 -1.37 -13.09
N PHE A 69 3.90 -1.21 -11.86
CA PHE A 69 3.09 -0.08 -11.42
C PHE A 69 3.73 0.54 -10.18
N THR A 70 3.30 1.74 -9.81
CA THR A 70 3.76 2.46 -8.65
C THR A 70 2.63 3.24 -7.97
N GLY A 71 2.87 3.65 -6.72
CA GLY A 71 1.99 4.50 -5.94
C GLY A 71 2.86 5.31 -4.99
N HIS A 72 3.25 6.52 -5.38
CA HIS A 72 4.17 7.34 -4.59
C HIS A 72 3.38 8.51 -4.01
N PHE A 73 3.13 8.47 -2.70
CA PHE A 73 2.12 9.26 -2.00
C PHE A 73 2.73 10.01 -0.83
N LYS A 74 2.04 11.07 -0.40
CA LYS A 74 2.51 12.01 0.61
C LYS A 74 1.34 12.42 1.50
N GLY A 75 1.66 12.92 2.70
CA GLY A 75 0.72 13.30 3.74
C GLY A 75 -0.37 12.28 3.94
N LEU A 76 0.04 11.07 4.31
CA LEU A 76 -0.85 9.97 4.64
C LEU A 76 -1.38 10.19 6.07
N VAL A 77 -2.46 9.49 6.42
CA VAL A 77 -2.97 9.45 7.79
C VAL A 77 -1.96 8.73 8.69
N GLY A 78 -2.09 8.87 10.02
CA GLY A 78 -1.05 8.54 10.97
C GLY A 78 -0.71 7.05 11.07
N LYS A 79 -1.48 6.35 11.89
CA LYS A 79 -1.09 5.05 12.46
C LYS A 79 -1.78 3.86 11.80
N ASP A 80 -2.43 4.09 10.66
CA ASP A 80 -3.06 3.09 9.81
C ASP A 80 -2.88 3.50 8.35
N THR A 81 -2.82 2.55 7.41
CA THR A 81 -2.82 2.81 5.97
C THR A 81 -3.60 1.71 5.24
N ARG A 82 -4.21 2.04 4.10
CA ARG A 82 -4.57 1.07 3.08
C ARG A 82 -4.04 1.55 1.75
N VAL A 83 -4.05 0.67 0.75
CA VAL A 83 -3.56 0.91 -0.59
C VAL A 83 -4.53 0.19 -1.53
N PHE A 84 -5.21 0.94 -2.37
CA PHE A 84 -6.12 0.40 -3.36
C PHE A 84 -5.32 0.22 -4.64
N ILE A 85 -4.95 -1.02 -4.91
CA ILE A 85 -4.62 -1.50 -6.23
C ILE A 85 -5.96 -1.57 -6.94
N GLU A 86 -6.11 -0.81 -8.00
CA GLU A 86 -7.27 -0.76 -8.88
C GLU A 86 -6.82 -0.25 -10.25
N LEU A 87 -7.73 -0.16 -11.21
CA LEU A 87 -7.44 0.39 -12.53
C LEU A 87 -8.19 1.70 -12.69
N ASP A 88 -7.77 2.49 -13.66
CA ASP A 88 -8.48 3.67 -14.15
C ASP A 88 -7.92 4.00 -15.54
N GLU A 89 -8.17 5.21 -16.05
CA GLU A 89 -7.54 5.82 -17.21
C GLU A 89 -7.91 5.16 -18.53
N ASN A 90 -7.42 3.95 -18.76
CA ASN A 90 -7.61 3.14 -19.96
C ASN A 90 -7.74 1.67 -19.56
N ALA A 91 -8.21 1.36 -18.34
CA ALA A 91 -7.98 0.11 -17.62
C ALA A 91 -6.48 -0.13 -17.40
N ASP A 92 -5.72 0.96 -17.27
CA ASP A 92 -4.28 0.94 -17.00
C ASP A 92 -4.09 0.55 -15.54
N VAL A 93 -3.04 -0.22 -15.25
CA VAL A 93 -2.65 -0.49 -13.87
C VAL A 93 -2.17 0.83 -13.24
N GLN A 94 -2.64 1.13 -12.03
CA GLN A 94 -2.20 2.25 -11.21
C GLN A 94 -2.39 1.94 -9.72
N VAL A 95 -2.18 2.91 -8.83
CA VAL A 95 -2.45 2.75 -7.41
C VAL A 95 -3.21 3.97 -6.92
N PHE A 96 -4.11 3.75 -5.98
CA PHE A 96 -5.05 4.69 -5.41
C PHE A 96 -5.02 4.53 -3.89
N ILE A 97 -5.61 5.47 -3.16
CA ILE A 97 -5.73 5.37 -1.71
C ILE A 97 -7.03 6.02 -1.22
N PRO A 98 -7.65 5.47 -0.17
CA PRO A 98 -8.80 6.07 0.50
C PRO A 98 -8.35 7.32 1.23
N GLN A 99 -8.88 8.47 0.84
CA GLN A 99 -8.44 9.80 1.25
C GLN A 99 -9.65 10.70 1.50
N GLY A 100 -9.42 12.00 1.69
CA GLY A 100 -10.49 12.99 1.84
C GLY A 100 -9.89 14.37 2.00
N GLU A 101 -9.08 14.54 3.04
CA GLU A 101 -8.36 15.77 3.37
C GLU A 101 -7.14 15.89 2.46
N ILE A 102 -7.39 16.04 1.16
CA ILE A 102 -6.42 16.26 0.10
C ILE A 102 -6.74 17.63 -0.48
N ASP A 103 -6.33 18.65 0.28
CA ASP A 103 -6.66 20.06 0.14
C ASP A 103 -5.76 20.80 1.12
N GLY A 1 7.75 7.70 20.42
CA GLY A 1 8.52 6.61 21.03
C GLY A 1 7.59 5.45 21.33
N ALA A 2 7.07 4.82 20.29
CA ALA A 2 6.43 3.54 20.39
C ALA A 2 7.51 2.50 20.65
N GLN A 3 7.15 1.43 21.36
CA GLN A 3 7.87 0.18 21.27
C GLN A 3 6.93 -0.78 20.55
N ASP A 4 5.98 -1.39 21.27
CA ASP A 4 5.21 -2.53 20.80
C ASP A 4 3.79 -2.49 21.40
N GLY A 5 3.33 -1.27 21.68
CA GLY A 5 2.05 -0.96 22.27
C GLY A 5 1.12 -0.37 21.23
N LYS A 6 -0.05 0.05 21.70
CA LYS A 6 -1.14 0.55 20.86
C LYS A 6 -0.93 2.01 20.42
N GLU A 7 0.21 2.32 19.83
CA GLU A 7 0.60 3.69 19.44
C GLU A 7 1.31 3.66 18.09
N THR A 8 0.83 2.80 17.20
CA THR A 8 1.43 2.44 15.92
C THR A 8 0.32 2.24 14.89
N THR A 9 0.59 2.63 13.64
CA THR A 9 -0.32 2.52 12.52
C THR A 9 -0.38 1.11 11.96
N THR A 10 -1.46 0.85 11.22
CA THR A 10 -1.63 -0.33 10.40
C THR A 10 -1.72 0.09 8.93
N ILE A 11 -1.38 -0.81 8.01
CA ILE A 11 -1.55 -0.65 6.57
C ILE A 11 -2.47 -1.78 6.10
N ARG A 12 -3.10 -1.62 4.95
CA ARG A 12 -3.70 -2.74 4.22
C ARG A 12 -3.39 -2.56 2.74
N LEU A 13 -3.19 -3.67 2.04
CA LEU A 13 -3.15 -3.72 0.59
C LEU A 13 -4.39 -4.44 0.08
N ILE A 14 -4.98 -3.94 -1.01
CA ILE A 14 -6.21 -4.45 -1.60
C ILE A 14 -6.03 -4.54 -3.11
N ASN A 15 -5.88 -5.76 -3.62
CA ASN A 15 -5.74 -6.02 -5.04
C ASN A 15 -7.07 -5.91 -5.81
N GLN A 16 -7.59 -4.72 -6.14
CA GLN A 16 -8.89 -4.57 -6.83
C GLN A 16 -8.72 -4.58 -8.35
N THR A 17 -8.10 -5.63 -8.87
CA THR A 17 -7.72 -5.71 -10.29
C THR A 17 -8.13 -7.03 -10.92
N TYR A 18 -7.78 -7.19 -12.20
CA TYR A 18 -8.00 -8.40 -12.99
C TYR A 18 -6.80 -9.36 -12.98
N PHE A 19 -5.78 -9.15 -12.15
CA PHE A 19 -4.59 -9.99 -12.11
C PHE A 19 -4.29 -10.42 -10.66
N ASN A 20 -3.31 -11.31 -10.49
CA ASN A 20 -2.67 -11.64 -9.22
C ASN A 20 -1.42 -10.76 -9.07
N VAL A 21 -0.94 -10.51 -7.86
CA VAL A 21 0.36 -9.87 -7.62
C VAL A 21 1.12 -10.69 -6.57
N LYS A 22 2.45 -10.80 -6.67
CA LYS A 22 3.23 -11.84 -5.97
C LYS A 22 4.55 -11.33 -5.42
N ASN A 23 4.66 -10.01 -5.28
CA ASN A 23 5.96 -9.35 -5.19
C ASN A 23 5.81 -7.85 -4.92
N ILE A 24 4.98 -7.47 -3.95
CA ILE A 24 4.56 -6.07 -3.81
C ILE A 24 5.39 -5.42 -2.71
N LYS A 25 6.29 -4.51 -3.07
CA LYS A 25 6.99 -3.68 -2.09
C LYS A 25 6.02 -2.70 -1.48
N VAL A 26 6.18 -2.41 -0.19
CA VAL A 26 5.44 -1.38 0.50
C VAL A 26 6.36 -0.60 1.42
N THR A 27 6.41 0.73 1.27
CA THR A 27 7.30 1.64 1.98
C THR A 27 6.43 2.79 2.51
N TRP A 28 6.50 3.14 3.79
CA TRP A 28 5.62 4.14 4.43
C TRP A 28 6.43 5.14 5.24
N ASN A 29 7.73 5.18 5.00
CA ASN A 29 8.63 6.08 5.67
C ASN A 29 9.89 6.24 4.84
N ASP A 30 10.86 7.00 5.33
CA ASP A 30 12.11 7.22 4.65
C ASP A 30 12.96 5.97 4.92
N GLY A 31 12.74 4.91 4.14
CA GLY A 31 13.53 3.69 4.15
C GLY A 31 12.84 2.48 4.80
N LYS A 32 11.75 2.65 5.55
CA LYS A 32 11.10 1.53 6.22
C LYS A 32 10.06 0.92 5.28
N GLU A 33 10.18 -0.38 5.04
CA GLU A 33 9.37 -1.11 4.08
C GLU A 33 9.14 -2.54 4.57
N GLN A 34 8.28 -3.24 3.83
CA GLN A 34 8.07 -4.69 3.81
C GLN A 34 7.65 -5.12 2.40
N THR A 35 7.41 -6.42 2.14
CA THR A 35 6.85 -6.85 0.86
C THR A 35 5.72 -7.88 1.11
N VAL A 36 4.71 -7.92 0.24
CA VAL A 36 3.58 -8.85 0.35
C VAL A 36 3.88 -10.08 -0.50
N ASN A 37 3.72 -11.27 0.11
CA ASN A 37 3.98 -12.59 -0.46
C ASN A 37 3.20 -12.76 -1.77
N THR A 38 1.88 -12.94 -1.72
CA THR A 38 1.03 -12.98 -2.89
C THR A 38 -0.35 -12.49 -2.48
N LEU A 39 -1.03 -11.75 -3.36
CA LEU A 39 -2.33 -11.13 -3.14
C LEU A 39 -3.17 -11.46 -4.37
N GLY A 40 -4.08 -12.41 -4.20
CA GLY A 40 -4.91 -12.92 -5.27
C GLY A 40 -5.80 -11.86 -5.89
N SER A 41 -6.44 -12.20 -7.00
CA SER A 41 -7.44 -11.37 -7.66
C SER A 41 -8.55 -11.06 -6.65
N HIS A 42 -8.75 -9.77 -6.32
CA HIS A 42 -9.69 -9.29 -5.32
C HIS A 42 -9.34 -9.67 -3.86
N ASP A 43 -8.10 -10.02 -3.58
CA ASP A 43 -7.63 -10.32 -2.22
C ASP A 43 -7.18 -9.06 -1.50
N SER A 44 -6.91 -9.23 -0.21
CA SER A 44 -6.37 -8.18 0.64
C SER A 44 -5.51 -8.76 1.76
N ILE A 45 -4.61 -7.93 2.31
CA ILE A 45 -3.83 -8.23 3.50
C ILE A 45 -3.69 -6.96 4.31
N ASP A 46 -3.72 -7.09 5.62
CA ASP A 46 -3.47 -6.03 6.59
C ASP A 46 -2.21 -6.39 7.38
N PHE A 47 -1.30 -5.44 7.54
CA PHE A 47 -0.04 -5.63 8.26
C PHE A 47 0.29 -4.39 9.07
N SER A 48 1.06 -4.56 10.15
CA SER A 48 1.50 -3.46 10.96
C SER A 48 2.59 -2.68 10.22
N SER A 49 2.71 -1.40 10.53
CA SER A 49 3.80 -0.55 10.03
C SER A 49 4.96 -0.69 11.03
N ASP A 50 5.89 0.28 11.08
CA ASP A 50 6.93 0.34 12.11
C ASP A 50 7.20 1.81 12.41
N ALA A 51 6.15 2.52 12.81
CA ALA A 51 6.20 3.94 13.07
C ALA A 51 4.87 4.37 13.67
N GLY A 52 4.91 5.24 14.68
CA GLY A 52 3.70 5.74 15.31
C GLY A 52 2.72 6.43 14.35
N SER A 53 3.26 6.96 13.25
CA SER A 53 2.52 7.76 12.29
C SER A 53 3.29 7.81 10.96
N VAL A 54 2.62 8.25 9.89
CA VAL A 54 3.12 8.32 8.53
C VAL A 54 2.42 9.43 7.75
N TYR A 55 3.18 10.03 6.83
CA TYR A 55 2.73 11.06 5.90
C TYR A 55 3.15 10.78 4.44
N LYS A 56 3.70 9.59 4.12
CA LYS A 56 4.18 9.24 2.77
C LYS A 56 3.93 7.75 2.48
N MET A 57 3.89 7.34 1.21
CA MET A 57 3.72 5.93 0.85
C MET A 57 4.30 5.68 -0.54
N ASP A 58 5.22 4.73 -0.66
CA ASP A 58 5.98 4.44 -1.87
C ASP A 58 5.83 2.96 -2.16
N VAL A 59 4.93 2.63 -3.08
CA VAL A 59 4.68 1.27 -3.54
C VAL A 59 5.48 1.06 -4.82
N THR A 60 5.93 -0.18 -5.07
CA THR A 60 6.63 -0.56 -6.29
C THR A 60 6.53 -2.09 -6.43
N GLY A 61 5.61 -2.58 -7.25
CA GLY A 61 5.33 -4.02 -7.38
C GLY A 61 5.12 -4.43 -8.84
N THR A 62 4.83 -5.71 -9.09
CA THR A 62 4.65 -6.26 -10.43
C THR A 62 3.39 -7.14 -10.53
N THR A 63 2.64 -7.08 -11.63
CA THR A 63 1.49 -7.94 -11.87
C THR A 63 1.92 -9.35 -12.23
N GLN A 64 0.93 -10.24 -12.28
CA GLN A 64 1.00 -11.55 -12.91
C GLN A 64 1.68 -11.41 -14.27
N SER A 65 1.18 -10.54 -15.15
CA SER A 65 1.68 -10.44 -16.52
C SER A 65 3.04 -9.74 -16.63
N GLY A 66 3.54 -9.13 -15.54
CA GLY A 66 4.85 -8.52 -15.49
C GLY A 66 4.80 -7.00 -15.39
N GLU A 67 3.61 -6.41 -15.27
CA GLU A 67 3.47 -4.97 -15.32
C GLU A 67 3.89 -4.38 -13.99
N LYS A 68 4.95 -3.59 -14.02
CA LYS A 68 5.53 -2.93 -12.87
C LYS A 68 4.78 -1.64 -12.66
N PHE A 69 4.30 -1.43 -11.45
CA PHE A 69 3.49 -0.30 -11.04
C PHE A 69 4.20 0.40 -9.88
N THR A 70 4.01 1.70 -9.71
CA THR A 70 4.52 2.45 -8.56
C THR A 70 3.53 3.51 -8.09
N GLY A 71 3.64 3.86 -6.80
CA GLY A 71 2.82 4.88 -6.16
C GLY A 71 3.53 6.21 -6.04
N HIS A 72 4.33 6.35 -4.98
CA HIS A 72 5.09 7.54 -4.62
C HIS A 72 4.16 8.72 -4.24
N PHE A 73 3.60 8.64 -3.03
CA PHE A 73 2.63 9.59 -2.45
C PHE A 73 3.23 10.31 -1.25
N LYS A 74 2.62 11.45 -0.91
CA LYS A 74 3.08 12.42 0.08
C LYS A 74 1.85 13.01 0.78
N GLY A 75 2.07 13.78 1.84
CA GLY A 75 1.08 14.64 2.47
C GLY A 75 -0.09 13.88 3.10
N LEU A 76 0.16 12.66 3.58
CA LEU A 76 -0.90 11.79 4.08
C LEU A 76 -1.27 12.19 5.52
N VAL A 77 -2.43 11.73 5.98
CA VAL A 77 -3.01 12.00 7.30
C VAL A 77 -3.79 10.78 7.81
N GLY A 78 -4.20 10.81 9.08
CA GLY A 78 -4.99 9.77 9.73
C GLY A 78 -4.09 8.75 10.41
N LYS A 79 -4.66 7.85 11.20
CA LYS A 79 -3.93 6.86 12.00
C LYS A 79 -3.97 5.48 11.31
N ASP A 80 -4.05 5.47 9.99
CA ASP A 80 -3.99 4.32 9.11
C ASP A 80 -3.78 4.82 7.68
N THR A 81 -3.46 3.89 6.78
CA THR A 81 -3.20 4.08 5.37
C THR A 81 -3.55 2.75 4.71
N ARG A 82 -3.65 2.72 3.39
CA ARG A 82 -3.84 1.52 2.60
C ARG A 82 -3.60 1.86 1.14
N VAL A 83 -3.62 0.87 0.26
CA VAL A 83 -3.31 1.01 -1.17
C VAL A 83 -4.50 0.47 -1.93
N PHE A 84 -5.11 1.31 -2.80
CA PHE A 84 -6.08 0.84 -3.78
C PHE A 84 -5.32 0.49 -5.06
N ILE A 85 -5.34 -0.80 -5.42
CA ILE A 85 -4.84 -1.29 -6.68
C ILE A 85 -6.03 -1.37 -7.61
N GLU A 86 -5.94 -0.68 -8.73
CA GLU A 86 -6.94 -0.65 -9.79
C GLU A 86 -6.21 -0.46 -11.12
N LEU A 87 -6.98 -0.31 -12.20
CA LEU A 87 -6.50 0.03 -13.53
C LEU A 87 -7.08 1.41 -13.89
N ASP A 88 -6.49 2.07 -14.88
CA ASP A 88 -7.04 3.26 -15.55
C ASP A 88 -6.49 3.27 -16.98
N GLU A 89 -6.78 4.33 -17.74
CA GLU A 89 -6.24 4.68 -19.04
C GLU A 89 -6.69 3.63 -20.07
N ASN A 90 -5.94 2.54 -20.16
CA ASN A 90 -5.99 1.52 -21.20
C ASN A 90 -5.79 0.13 -20.58
N ALA A 91 -6.32 -0.07 -19.37
CA ALA A 91 -6.03 -1.16 -18.44
C ALA A 91 -4.56 -1.09 -17.99
N ASP A 92 -4.00 0.12 -17.90
CA ASP A 92 -2.67 0.38 -17.35
C ASP A 92 -2.81 0.35 -15.83
N VAL A 93 -1.75 -0.05 -15.14
CA VAL A 93 -1.83 -0.40 -13.74
C VAL A 93 -1.42 0.79 -12.86
N GLN A 94 -2.43 1.48 -12.33
CA GLN A 94 -2.20 2.64 -11.49
C GLN A 94 -1.93 2.23 -10.06
N VAL A 95 -1.62 3.24 -9.26
CA VAL A 95 -1.69 3.17 -7.83
C VAL A 95 -2.55 4.33 -7.36
N PHE A 96 -3.44 4.05 -6.42
CA PHE A 96 -4.35 5.00 -5.83
C PHE A 96 -4.44 4.76 -4.34
N ILE A 97 -5.04 5.70 -3.61
CA ILE A 97 -5.21 5.64 -2.17
C ILE A 97 -6.44 6.45 -1.77
N PRO A 98 -7.17 5.99 -0.73
CA PRO A 98 -8.21 6.79 -0.11
C PRO A 98 -7.57 8.00 0.55
N GLN A 99 -8.01 9.20 0.18
CA GLN A 99 -7.56 10.48 0.70
C GLN A 99 -8.74 11.45 0.78
N GLY A 100 -8.52 12.59 1.42
CA GLY A 100 -9.33 13.79 1.29
C GLY A 100 -9.53 14.39 2.66
N GLU A 101 -10.45 13.83 3.42
CA GLU A 101 -10.98 14.41 4.65
C GLU A 101 -11.00 13.40 5.79
N ILE A 102 -10.27 12.30 5.62
CA ILE A 102 -10.11 11.18 6.53
C ILE A 102 -9.19 11.56 7.70
N ASP A 103 -9.49 12.69 8.33
CA ASP A 103 -8.83 13.24 9.50
C ASP A 103 -9.87 13.52 10.57
N GLY A 1 -3.04 6.39 24.86
CA GLY A 1 -1.64 6.18 24.47
C GLY A 1 -0.89 5.32 25.48
N ALA A 2 0.44 5.33 25.42
CA ALA A 2 1.32 4.63 26.36
C ALA A 2 2.62 5.45 26.49
N GLN A 3 3.76 4.85 26.88
CA GLN A 3 5.06 5.51 26.71
C GLN A 3 5.42 5.38 25.23
N ASP A 4 5.93 4.23 24.80
CA ASP A 4 6.09 3.87 23.40
C ASP A 4 6.00 2.37 23.35
N GLY A 5 4.74 1.92 23.35
CA GLY A 5 4.39 0.52 23.39
C GLY A 5 3.43 0.30 22.23
N LYS A 6 2.13 0.37 22.49
CA LYS A 6 1.08 0.24 21.50
C LYS A 6 0.92 1.55 20.71
N GLU A 7 1.94 1.92 19.93
CA GLU A 7 2.00 3.20 19.21
C GLU A 7 2.35 3.02 17.73
N THR A 8 2.06 1.85 17.18
CA THR A 8 2.45 1.48 15.82
C THR A 8 1.29 1.63 14.83
N THR A 9 1.56 1.50 13.53
CA THR A 9 0.58 1.69 12.46
C THR A 9 0.06 0.36 11.93
N THR A 10 -0.94 0.42 11.05
CA THR A 10 -1.41 -0.74 10.31
C THR A 10 -1.42 -0.43 8.82
N ILE A 11 -1.15 -1.42 7.97
CA ILE A 11 -1.27 -1.32 6.53
C ILE A 11 -2.19 -2.46 6.09
N ARG A 12 -2.91 -2.26 4.99
CA ARG A 12 -3.55 -3.31 4.22
C ARG A 12 -3.27 -3.03 2.76
N LEU A 13 -2.94 -4.07 2.02
CA LEU A 13 -2.94 -4.02 0.55
C LEU A 13 -4.20 -4.71 0.03
N ILE A 14 -4.85 -4.10 -0.96
CA ILE A 14 -6.03 -4.62 -1.65
C ILE A 14 -5.79 -4.58 -3.17
N ASN A 15 -5.67 -5.75 -3.80
CA ASN A 15 -5.49 -5.87 -5.23
C ASN A 15 -6.83 -5.73 -5.99
N GLN A 16 -7.37 -4.53 -6.24
CA GLN A 16 -8.71 -4.34 -6.84
C GLN A 16 -8.61 -4.17 -8.36
N THR A 17 -7.84 -5.03 -9.04
CA THR A 17 -7.59 -5.03 -10.47
C THR A 17 -8.18 -6.27 -11.13
N TYR A 18 -7.78 -6.58 -12.36
CA TYR A 18 -8.07 -7.83 -13.06
C TYR A 18 -6.96 -8.89 -12.99
N PHE A 19 -5.81 -8.64 -12.34
CA PHE A 19 -4.64 -9.52 -12.42
C PHE A 19 -4.20 -10.03 -11.03
N ASN A 20 -3.26 -10.96 -11.00
CA ASN A 20 -2.53 -11.39 -9.79
C ASN A 20 -1.23 -10.58 -9.64
N VAL A 21 -0.72 -10.39 -8.41
CA VAL A 21 0.61 -9.79 -8.16
C VAL A 21 1.38 -10.64 -7.14
N LYS A 22 2.70 -10.67 -7.24
CA LYS A 22 3.58 -11.66 -6.57
C LYS A 22 4.86 -11.05 -6.01
N ASN A 23 4.89 -9.73 -5.84
CA ASN A 23 6.15 -9.01 -5.65
C ASN A 23 5.91 -7.54 -5.31
N ILE A 24 5.03 -7.25 -4.35
CA ILE A 24 4.67 -5.89 -4.02
C ILE A 24 5.61 -5.43 -2.91
N LYS A 25 6.47 -4.45 -3.21
CA LYS A 25 7.24 -3.70 -2.21
C LYS A 25 6.29 -2.71 -1.55
N VAL A 26 6.40 -2.53 -0.23
CA VAL A 26 5.52 -1.67 0.54
C VAL A 26 6.43 -0.84 1.44
N THR A 27 6.55 0.46 1.21
CA THR A 27 7.46 1.37 1.93
C THR A 27 6.61 2.49 2.56
N TRP A 28 6.78 2.80 3.85
CA TRP A 28 5.88 3.72 4.60
C TRP A 28 6.65 4.79 5.37
N ASN A 29 7.90 5.01 4.95
CA ASN A 29 8.83 5.97 5.51
C ASN A 29 9.96 6.19 4.52
N ASP A 30 10.89 7.05 4.88
CA ASP A 30 12.23 7.05 4.28
C ASP A 30 12.90 5.80 4.84
N GLY A 31 12.87 4.73 4.05
CA GLY A 31 13.67 3.53 4.19
C GLY A 31 12.79 2.31 4.41
N LYS A 32 11.94 2.36 5.45
CA LYS A 32 11.28 1.22 6.02
C LYS A 32 10.26 0.64 5.04
N GLU A 33 10.44 -0.65 4.74
CA GLU A 33 9.61 -1.41 3.84
C GLU A 33 9.31 -2.80 4.41
N GLN A 34 8.54 -3.57 3.65
CA GLN A 34 8.43 -5.02 3.66
C GLN A 34 7.93 -5.45 2.27
N THR A 35 7.64 -6.73 2.05
CA THR A 35 7.10 -7.20 0.77
C THR A 35 5.89 -8.13 0.99
N VAL A 36 4.87 -8.03 0.14
CA VAL A 36 3.77 -8.98 0.14
C VAL A 36 4.23 -10.11 -0.78
N ASN A 37 3.98 -11.36 -0.37
CA ASN A 37 4.28 -12.54 -1.18
C ASN A 37 3.45 -12.48 -2.45
N THR A 38 2.19 -12.86 -2.39
CA THR A 38 1.33 -12.92 -3.56
C THR A 38 -0.06 -12.47 -3.13
N LEU A 39 -0.57 -11.43 -3.77
CA LEU A 39 -1.91 -10.90 -3.57
C LEU A 39 -2.71 -11.33 -4.78
N GLY A 40 -3.56 -12.32 -4.58
CA GLY A 40 -4.41 -12.89 -5.61
C GLY A 40 -5.29 -11.85 -6.29
N SER A 41 -5.94 -12.28 -7.35
CA SER A 41 -6.95 -11.53 -8.08
C SER A 41 -8.10 -11.23 -7.10
N HIS A 42 -8.30 -9.95 -6.75
CA HIS A 42 -9.26 -9.47 -5.78
C HIS A 42 -8.93 -9.91 -4.34
N ASP A 43 -7.66 -10.18 -4.02
CA ASP A 43 -7.26 -10.52 -2.66
C ASP A 43 -6.83 -9.28 -1.87
N SER A 44 -6.58 -9.49 -0.59
CA SER A 44 -6.08 -8.48 0.32
C SER A 44 -5.41 -9.12 1.54
N ILE A 45 -4.47 -8.39 2.15
CA ILE A 45 -3.75 -8.77 3.36
C ILE A 45 -3.42 -7.51 4.13
N ASP A 46 -3.43 -7.61 5.45
CA ASP A 46 -3.07 -6.55 6.36
C ASP A 46 -1.93 -7.01 7.25
N PHE A 47 -1.04 -6.07 7.56
CA PHE A 47 0.17 -6.32 8.32
C PHE A 47 0.58 -5.08 9.13
N SER A 48 1.31 -5.32 10.22
CA SER A 48 1.83 -4.30 11.11
C SER A 48 2.99 -3.54 10.45
N SER A 49 3.06 -2.23 10.76
CA SER A 49 4.10 -1.30 10.37
C SER A 49 4.59 -0.59 11.63
N ASP A 50 5.86 -0.21 11.67
CA ASP A 50 6.63 -0.18 12.91
C ASP A 50 7.41 1.14 13.03
N ALA A 51 6.69 2.27 12.90
CA ALA A 51 7.31 3.57 12.66
C ALA A 51 6.60 4.72 13.37
N GLY A 52 5.79 4.44 14.40
CA GLY A 52 5.16 5.43 15.27
C GLY A 52 3.95 6.12 14.66
N SER A 53 3.97 6.41 13.37
CA SER A 53 2.94 7.04 12.55
C SER A 53 3.44 7.05 11.11
N VAL A 54 2.55 7.33 10.14
CA VAL A 54 2.93 7.44 8.73
C VAL A 54 2.26 8.68 8.14
N TYR A 55 2.89 9.23 7.10
CA TYR A 55 2.42 10.31 6.25
C TYR A 55 2.73 10.07 4.77
N LYS A 56 3.54 9.07 4.43
CA LYS A 56 3.86 8.76 3.05
C LYS A 56 3.91 7.26 2.82
N MET A 57 3.68 6.87 1.58
CA MET A 57 3.51 5.48 1.20
C MET A 57 4.05 5.38 -0.21
N ASP A 58 4.86 4.36 -0.46
CA ASP A 58 5.56 4.11 -1.69
C ASP A 58 5.42 2.63 -1.97
N VAL A 59 4.60 2.32 -2.96
CA VAL A 59 4.50 1.00 -3.57
C VAL A 59 5.42 0.99 -4.78
N THR A 60 6.00 -0.17 -5.04
CA THR A 60 6.33 -0.58 -6.39
C THR A 60 5.99 -2.07 -6.47
N GLY A 61 5.36 -2.48 -7.56
CA GLY A 61 4.99 -3.86 -7.79
C GLY A 61 4.93 -4.14 -9.28
N THR A 62 4.61 -5.38 -9.61
CA THR A 62 4.57 -5.88 -10.98
C THR A 62 3.45 -6.93 -11.09
N THR A 63 2.65 -6.86 -12.16
CA THR A 63 1.52 -7.75 -12.44
C THR A 63 2.00 -9.12 -12.89
N GLN A 64 1.06 -10.06 -12.98
CA GLN A 64 1.21 -11.34 -13.67
C GLN A 64 1.75 -11.11 -15.08
N SER A 65 1.17 -10.17 -15.82
CA SER A 65 1.56 -9.73 -17.16
C SER A 65 2.92 -9.02 -17.21
N GLY A 66 3.54 -8.71 -16.07
CA GLY A 66 4.85 -8.11 -16.01
C GLY A 66 4.78 -6.60 -16.07
N GLU A 67 3.61 -5.99 -16.02
CA GLU A 67 3.50 -4.54 -15.99
C GLU A 67 3.87 -4.05 -14.63
N LYS A 68 4.59 -2.94 -14.60
CA LYS A 68 5.19 -2.43 -13.40
C LYS A 68 4.48 -1.16 -12.99
N PHE A 69 3.98 -1.17 -11.77
CA PHE A 69 3.20 -0.10 -11.19
C PHE A 69 3.94 0.46 -10.00
N THR A 70 3.64 1.70 -9.66
CA THR A 70 4.15 2.38 -8.49
C THR A 70 3.00 3.12 -7.81
N GLY A 71 3.17 3.48 -6.54
CA GLY A 71 2.16 4.20 -5.79
C GLY A 71 2.86 5.06 -4.77
N HIS A 72 3.31 6.25 -5.17
CA HIS A 72 4.05 7.15 -4.30
C HIS A 72 3.10 8.24 -3.84
N PHE A 73 2.96 8.43 -2.53
CA PHE A 73 2.02 9.31 -1.86
C PHE A 73 2.73 10.05 -0.74
N LYS A 74 2.27 11.26 -0.40
CA LYS A 74 3.05 12.20 0.38
C LYS A 74 2.30 12.98 1.44
N GLY A 75 1.01 12.71 1.56
CA GLY A 75 0.10 13.41 2.42
C GLY A 75 -0.87 12.33 2.87
N LEU A 76 -0.58 11.73 4.02
CA LEU A 76 -1.44 10.72 4.64
C LEU A 76 -1.70 11.11 6.08
N VAL A 77 -2.79 10.57 6.63
CA VAL A 77 -3.27 10.81 7.99
C VAL A 77 -3.57 9.47 8.66
N GLY A 78 -3.88 9.50 9.95
CA GLY A 78 -4.38 8.35 10.69
C GLY A 78 -3.33 7.27 10.94
N LYS A 79 -3.68 6.32 11.81
CA LYS A 79 -2.77 5.27 12.26
C LYS A 79 -2.88 4.01 11.40
N ASP A 80 -3.66 4.08 10.34
CA ASP A 80 -4.08 2.97 9.50
C ASP A 80 -3.99 3.43 8.06
N THR A 81 -3.62 2.52 7.18
CA THR A 81 -3.31 2.80 5.80
C THR A 81 -3.84 1.67 4.93
N ARG A 82 -4.33 2.00 3.74
CA ARG A 82 -4.83 1.07 2.73
C ARG A 82 -4.23 1.46 1.40
N VAL A 83 -4.33 0.56 0.43
CA VAL A 83 -3.79 0.73 -0.91
C VAL A 83 -4.84 0.16 -1.85
N PHE A 84 -5.43 1.00 -2.68
CA PHE A 84 -6.47 0.65 -3.63
C PHE A 84 -5.81 0.56 -4.99
N ILE A 85 -5.34 -0.64 -5.36
CA ILE A 85 -4.77 -0.89 -6.69
C ILE A 85 -5.94 -0.96 -7.65
N GLU A 86 -5.94 -0.19 -8.73
CA GLU A 86 -7.00 -0.16 -9.74
C GLU A 86 -6.43 0.25 -11.08
N LEU A 87 -7.24 0.06 -12.12
CA LEU A 87 -6.84 0.30 -13.48
C LEU A 87 -7.04 1.76 -13.84
N ASP A 88 -6.23 2.15 -14.80
CA ASP A 88 -6.41 3.33 -15.63
C ASP A 88 -7.59 3.11 -16.59
N GLU A 89 -7.98 4.15 -17.33
CA GLU A 89 -9.06 4.13 -18.31
C GLU A 89 -8.89 2.98 -19.31
N ASN A 90 -7.64 2.73 -19.68
CA ASN A 90 -7.22 1.84 -20.75
C ASN A 90 -6.82 0.46 -20.21
N ALA A 91 -7.11 0.15 -18.94
CA ALA A 91 -6.58 -1.04 -18.26
C ALA A 91 -5.04 -1.03 -18.36
N ASP A 92 -4.46 0.04 -17.84
CA ASP A 92 -3.09 0.13 -17.33
C ASP A 92 -3.22 0.13 -15.83
N VAL A 93 -2.11 0.25 -15.11
CA VAL A 93 -2.12 -0.01 -13.69
C VAL A 93 -1.66 1.20 -12.90
N GLN A 94 -2.57 1.81 -12.14
CA GLN A 94 -2.27 2.94 -11.27
C GLN A 94 -2.56 2.52 -9.83
N VAL A 95 -2.44 3.47 -8.89
CA VAL A 95 -2.68 3.21 -7.48
C VAL A 95 -3.48 4.38 -6.92
N PHE A 96 -4.44 4.05 -6.08
CA PHE A 96 -5.34 4.96 -5.40
C PHE A 96 -5.30 4.68 -3.91
N ILE A 97 -5.95 5.54 -3.15
CA ILE A 97 -6.09 5.38 -1.71
C ILE A 97 -7.38 6.04 -1.20
N PRO A 98 -7.99 5.46 -0.15
CA PRO A 98 -9.03 6.11 0.61
C PRO A 98 -8.39 7.28 1.36
N GLN A 99 -8.72 8.51 0.98
CA GLN A 99 -8.36 9.76 1.64
C GLN A 99 -9.60 10.67 1.58
N GLY A 100 -9.51 11.88 2.13
CA GLY A 100 -10.54 12.89 1.96
C GLY A 100 -10.25 14.08 2.84
N GLU A 101 -9.89 13.83 4.10
CA GLU A 101 -9.29 14.83 4.96
C GLU A 101 -7.82 14.92 4.59
N ILE A 102 -7.57 15.64 3.49
CA ILE A 102 -6.32 16.17 3.06
C ILE A 102 -6.70 17.45 2.34
N ASP A 103 -6.17 18.58 2.79
CA ASP A 103 -6.35 19.90 2.17
C ASP A 103 -4.98 20.52 1.91
N GLY A 1 2.67 6.08 24.80
CA GLY A 1 2.90 4.68 25.21
C GLY A 1 4.33 4.52 25.69
N ALA A 2 4.91 3.34 25.49
CA ALA A 2 6.19 2.94 26.07
C ALA A 2 7.24 2.54 25.01
N GLN A 3 7.10 3.03 23.77
CA GLN A 3 7.67 2.49 22.53
C GLN A 3 7.18 1.08 22.20
N ASP A 4 6.34 0.46 23.04
CA ASP A 4 5.90 -0.91 22.80
C ASP A 4 4.54 -1.11 23.45
N GLY A 5 3.64 -0.19 23.11
CA GLY A 5 2.26 -0.16 23.52
C GLY A 5 1.36 -0.45 22.33
N LYS A 6 0.28 0.30 22.21
CA LYS A 6 -0.77 0.17 21.20
C LYS A 6 -0.66 1.39 20.28
N GLU A 7 0.53 1.71 19.79
CA GLU A 7 0.85 3.01 19.21
C GLU A 7 1.73 2.77 17.98
N THR A 8 1.38 1.77 17.18
CA THR A 8 1.99 1.43 15.90
C THR A 8 0.88 1.35 14.85
N THR A 9 1.10 1.93 13.67
CA THR A 9 0.20 1.98 12.54
C THR A 9 -0.02 0.60 11.93
N THR A 10 -1.17 0.38 11.32
CA THR A 10 -1.41 -0.76 10.44
C THR A 10 -1.40 -0.28 8.99
N ILE A 11 -1.03 -1.15 8.05
CA ILE A 11 -1.23 -0.95 6.62
C ILE A 11 -2.06 -2.15 6.15
N ARG A 12 -2.82 -2.02 5.06
CA ARG A 12 -3.52 -3.13 4.42
C ARG A 12 -3.44 -2.94 2.91
N LEU A 13 -2.96 -3.94 2.19
CA LEU A 13 -2.92 -3.95 0.74
C LEU A 13 -4.13 -4.72 0.21
N ILE A 14 -4.72 -4.26 -0.89
CA ILE A 14 -5.88 -4.86 -1.54
C ILE A 14 -5.59 -4.92 -3.04
N ASN A 15 -5.96 -6.02 -3.70
CA ASN A 15 -5.68 -6.24 -5.12
C ASN A 15 -6.96 -6.20 -5.96
N GLN A 16 -7.57 -5.02 -6.11
CA GLN A 16 -8.89 -4.88 -6.72
C GLN A 16 -8.72 -4.75 -8.25
N THR A 17 -8.17 -5.79 -8.89
CA THR A 17 -7.94 -5.82 -10.33
C THR A 17 -8.20 -7.19 -10.94
N TYR A 18 -8.07 -7.24 -12.27
CA TYR A 18 -8.06 -8.43 -13.10
C TYR A 18 -6.79 -9.27 -13.00
N PHE A 19 -5.82 -8.93 -12.16
CA PHE A 19 -4.55 -9.66 -12.11
C PHE A 19 -4.21 -10.16 -10.71
N ASN A 20 -3.12 -10.92 -10.63
CA ASN A 20 -2.40 -11.29 -9.42
C ASN A 20 -1.15 -10.42 -9.33
N VAL A 21 -0.69 -10.07 -8.13
CA VAL A 21 0.57 -9.37 -7.88
C VAL A 21 1.35 -10.20 -6.86
N LYS A 22 2.66 -10.34 -7.05
CA LYS A 22 3.44 -11.39 -6.38
C LYS A 22 4.81 -10.93 -5.89
N ASN A 23 5.01 -9.62 -5.79
CA ASN A 23 6.29 -9.00 -5.48
C ASN A 23 6.02 -7.52 -5.20
N ILE A 24 5.06 -7.22 -4.32
CA ILE A 24 4.71 -5.85 -3.96
C ILE A 24 5.63 -5.43 -2.82
N LYS A 25 6.47 -4.43 -3.09
CA LYS A 25 7.46 -3.86 -2.19
C LYS A 25 6.79 -2.60 -1.62
N VAL A 26 6.40 -2.60 -0.35
CA VAL A 26 5.59 -1.53 0.25
C VAL A 26 6.47 -0.65 1.10
N THR A 27 6.37 0.68 0.95
CA THR A 27 7.10 1.66 1.76
C THR A 27 6.12 2.62 2.42
N TRP A 28 6.44 3.19 3.60
CA TRP A 28 5.57 4.11 4.35
C TRP A 28 6.34 5.24 5.04
N ASN A 29 7.51 5.58 4.48
CA ASN A 29 8.54 6.47 5.02
C ASN A 29 9.72 6.57 4.05
N ASP A 30 10.93 6.87 4.55
CA ASP A 30 12.17 6.98 3.80
C ASP A 30 13.17 5.85 4.14
N GLY A 31 12.71 4.72 4.71
CA GLY A 31 13.52 3.51 4.87
C GLY A 31 12.85 2.32 5.60
N LYS A 32 11.61 2.45 6.08
CA LYS A 32 10.76 1.32 6.47
C LYS A 32 9.95 0.84 5.27
N GLU A 33 10.32 -0.31 4.74
CA GLU A 33 9.56 -1.03 3.73
C GLU A 33 9.63 -2.53 4.01
N GLN A 34 8.78 -3.29 3.32
CA GLN A 34 8.64 -4.74 3.41
C GLN A 34 8.19 -5.28 2.05
N THR A 35 7.90 -6.58 1.92
CA THR A 35 7.22 -7.10 0.74
C THR A 35 6.20 -8.16 1.16
N VAL A 36 5.10 -8.24 0.41
CA VAL A 36 4.05 -9.23 0.59
C VAL A 36 4.54 -10.55 -0.02
N ASN A 37 3.85 -11.66 0.21
CA ASN A 37 4.04 -12.90 -0.53
C ASN A 37 3.44 -12.74 -1.92
N THR A 38 2.14 -12.97 -2.06
CA THR A 38 1.38 -12.79 -3.29
C THR A 38 -0.05 -12.37 -2.87
N LEU A 39 -0.76 -11.66 -3.75
CA LEU A 39 -2.16 -11.26 -3.59
C LEU A 39 -2.89 -11.75 -4.83
N GLY A 40 -3.78 -12.73 -4.62
CA GLY A 40 -4.70 -13.21 -5.63
C GLY A 40 -5.66 -12.12 -6.07
N SER A 41 -6.55 -12.43 -7.00
CA SER A 41 -7.55 -11.47 -7.47
C SER A 41 -8.41 -11.07 -6.27
N HIS A 42 -8.60 -9.76 -6.09
CA HIS A 42 -9.41 -9.17 -5.03
C HIS A 42 -9.00 -9.64 -3.64
N ASP A 43 -7.77 -10.12 -3.47
CA ASP A 43 -7.32 -10.54 -2.15
C ASP A 43 -6.89 -9.31 -1.37
N SER A 44 -6.57 -9.56 -0.11
CA SER A 44 -6.06 -8.52 0.78
C SER A 44 -5.16 -9.08 1.88
N ILE A 45 -4.30 -8.23 2.43
CA ILE A 45 -3.48 -8.54 3.58
C ILE A 45 -3.21 -7.26 4.36
N ASP A 46 -3.24 -7.38 5.67
CA ASP A 46 -2.89 -6.33 6.60
C ASP A 46 -1.65 -6.74 7.37
N PHE A 47 -0.86 -5.74 7.72
CA PHE A 47 0.35 -5.93 8.52
C PHE A 47 0.60 -4.73 9.42
N SER A 48 1.10 -5.02 10.62
CA SER A 48 1.57 -4.04 11.58
C SER A 48 2.85 -3.42 11.01
N SER A 49 2.86 -2.09 10.90
CA SER A 49 3.98 -1.27 10.45
C SER A 49 4.85 -0.93 11.67
N ASP A 50 6.07 -0.44 11.45
CA ASP A 50 7.09 -0.31 12.50
C ASP A 50 7.65 1.12 12.52
N ALA A 51 6.77 2.11 12.71
CA ALA A 51 7.14 3.51 12.58
C ALA A 51 6.33 4.46 13.49
N GLY A 52 5.28 3.97 14.16
CA GLY A 52 4.45 4.75 15.05
C GLY A 52 3.28 5.35 14.28
N SER A 53 3.56 6.23 13.33
CA SER A 53 2.57 6.82 12.43
C SER A 53 2.87 6.39 10.99
N VAL A 54 2.17 6.96 10.00
CA VAL A 54 2.55 7.03 8.58
C VAL A 54 1.99 8.39 8.12
N TYR A 55 2.60 8.97 7.09
CA TYR A 55 2.02 10.09 6.34
C TYR A 55 2.34 10.07 4.84
N LYS A 56 2.95 8.99 4.33
CA LYS A 56 3.41 8.85 2.95
C LYS A 56 3.45 7.37 2.59
N MET A 57 3.49 7.03 1.31
CA MET A 57 3.65 5.67 0.82
C MET A 57 4.41 5.73 -0.49
N ASP A 58 5.28 4.75 -0.75
CA ASP A 58 6.07 4.65 -1.99
C ASP A 58 6.21 3.19 -2.34
N VAL A 59 5.09 2.60 -2.77
CA VAL A 59 5.06 1.20 -3.19
C VAL A 59 5.72 1.09 -4.55
N THR A 60 6.15 -0.11 -4.88
CA THR A 60 6.55 -0.49 -6.21
C THR A 60 6.31 -2.00 -6.27
N GLY A 61 5.60 -2.47 -7.29
CA GLY A 61 5.26 -3.87 -7.43
C GLY A 61 4.90 -4.15 -8.88
N THR A 62 4.74 -5.43 -9.21
CA THR A 62 4.66 -5.89 -10.59
C THR A 62 3.57 -6.95 -10.70
N THR A 63 2.74 -6.84 -11.73
CA THR A 63 1.57 -7.65 -11.98
C THR A 63 1.97 -8.97 -12.64
N GLN A 64 1.05 -9.94 -12.69
CA GLN A 64 1.23 -11.17 -13.44
C GLN A 64 1.36 -10.88 -14.95
N SER A 65 0.69 -9.83 -15.45
CA SER A 65 0.85 -9.31 -16.81
C SER A 65 2.24 -8.70 -17.02
N GLY A 66 3.07 -8.57 -15.98
CA GLY A 66 4.44 -8.09 -16.13
C GLY A 66 4.51 -6.58 -16.25
N GLU A 67 3.55 -5.84 -15.69
CA GLU A 67 3.58 -4.39 -15.61
C GLU A 67 3.93 -3.97 -14.21
N LYS A 68 4.66 -2.87 -14.04
CA LYS A 68 5.19 -2.40 -12.79
C LYS A 68 4.60 -1.05 -12.48
N PHE A 69 4.02 -0.95 -11.30
CA PHE A 69 3.33 0.23 -10.81
C PHE A 69 4.07 0.67 -9.55
N THR A 70 4.02 1.97 -9.28
CA THR A 70 4.45 2.55 -8.03
C THR A 70 3.39 3.50 -7.56
N GLY A 71 3.32 3.53 -6.25
CA GLY A 71 2.27 4.17 -5.53
C GLY A 71 2.91 5.18 -4.66
N HIS A 72 3.12 6.30 -5.32
CA HIS A 72 3.75 7.48 -4.73
C HIS A 72 2.62 8.30 -4.14
N PHE A 73 2.58 8.43 -2.82
CA PHE A 73 1.51 9.09 -2.10
C PHE A 73 2.08 9.85 -0.91
N LYS A 74 1.55 11.05 -0.63
CA LYS A 74 1.87 11.83 0.56
C LYS A 74 0.58 12.42 1.11
N GLY A 75 0.71 13.20 2.18
CA GLY A 75 -0.41 13.80 2.87
C GLY A 75 -1.39 12.77 3.38
N LEU A 76 -0.88 11.77 4.09
CA LEU A 76 -1.71 10.69 4.62
C LEU A 76 -1.91 10.93 6.10
N VAL A 77 -3.13 10.77 6.59
CA VAL A 77 -3.51 11.09 7.97
C VAL A 77 -4.15 9.88 8.66
N GLY A 78 -4.25 9.96 9.99
CA GLY A 78 -4.78 8.90 10.83
C GLY A 78 -3.72 7.85 11.14
N LYS A 79 -4.13 6.84 11.91
CA LYS A 79 -3.28 5.75 12.41
C LYS A 79 -3.41 4.48 11.57
N ASP A 80 -3.87 4.60 10.34
CA ASP A 80 -4.01 3.53 9.37
C ASP A 80 -3.83 4.07 7.96
N THR A 81 -3.47 3.17 7.04
CA THR A 81 -3.25 3.41 5.63
C THR A 81 -3.60 2.11 4.90
N ARG A 82 -3.79 2.19 3.59
CA ARG A 82 -4.03 1.03 2.73
C ARG A 82 -3.69 1.41 1.30
N VAL A 83 -3.83 0.48 0.35
CA VAL A 83 -3.56 0.67 -1.07
C VAL A 83 -4.70 0.04 -1.86
N PHE A 84 -5.37 0.80 -2.72
CA PHE A 84 -6.28 0.28 -3.73
C PHE A 84 -5.51 0.19 -5.02
N ILE A 85 -5.11 -1.02 -5.41
CA ILE A 85 -4.78 -1.28 -6.81
C ILE A 85 -6.12 -1.27 -7.55
N GLU A 86 -6.18 -0.59 -8.69
CA GLU A 86 -7.24 -0.71 -9.69
C GLU A 86 -6.60 -0.54 -11.07
N LEU A 87 -7.41 -0.53 -12.13
CA LEU A 87 -6.99 -0.19 -13.48
C LEU A 87 -7.53 1.19 -13.81
N ASP A 88 -6.90 1.88 -14.75
CA ASP A 88 -7.43 3.10 -15.35
C ASP A 88 -6.76 3.31 -16.72
N GLU A 89 -6.93 4.50 -17.29
CA GLU A 89 -6.32 5.05 -18.49
C GLU A 89 -6.76 4.24 -19.73
N ASN A 90 -6.12 3.10 -19.98
CA ASN A 90 -6.36 2.20 -21.11
C ASN A 90 -6.27 0.76 -20.63
N ALA A 91 -6.99 0.45 -19.55
CA ALA A 91 -6.94 -0.82 -18.83
C ALA A 91 -5.49 -1.10 -18.39
N ASP A 92 -4.81 -0.05 -17.92
CA ASP A 92 -3.42 -0.02 -17.50
C ASP A 92 -3.40 -0.05 -15.97
N VAL A 93 -2.30 -0.46 -15.36
CA VAL A 93 -2.22 -0.60 -13.90
C VAL A 93 -2.01 0.77 -13.27
N GLN A 94 -2.90 1.14 -12.35
CA GLN A 94 -2.70 2.32 -11.50
C GLN A 94 -2.73 1.95 -10.01
N VAL A 95 -2.48 2.95 -9.17
CA VAL A 95 -2.64 2.92 -7.72
C VAL A 95 -3.52 4.07 -7.27
N PHE A 96 -4.43 3.77 -6.37
CA PHE A 96 -5.35 4.67 -5.72
C PHE A 96 -5.31 4.42 -4.21
N ILE A 97 -5.90 5.32 -3.43
CA ILE A 97 -6.03 5.17 -1.99
C ILE A 97 -7.28 5.92 -1.50
N PRO A 98 -7.98 5.40 -0.48
CA PRO A 98 -9.04 6.17 0.16
C PRO A 98 -8.45 7.24 1.09
N GLN A 99 -8.27 8.45 0.57
CA GLN A 99 -8.00 9.67 1.34
C GLN A 99 -9.26 10.54 1.32
N GLY A 100 -9.16 11.77 1.85
CA GLY A 100 -10.20 12.77 1.80
C GLY A 100 -9.62 14.07 2.27
N GLU A 101 -9.31 14.12 3.57
CA GLU A 101 -8.59 15.18 4.27
C GLU A 101 -7.12 15.21 3.79
N ILE A 102 -6.86 15.71 2.58
CA ILE A 102 -5.56 16.05 2.06
C ILE A 102 -5.66 17.42 1.37
N ASP A 103 -5.38 18.49 2.13
CA ASP A 103 -5.32 19.86 1.62
C ASP A 103 -4.00 20.03 0.90
N GLY A 1 -10.73 2.54 22.59
CA GLY A 1 -9.75 1.67 23.25
C GLY A 1 -8.75 2.46 24.06
N ALA A 2 -7.60 1.84 24.34
CA ALA A 2 -6.49 2.45 25.01
C ALA A 2 -5.84 3.40 24.03
N GLN A 3 -5.67 4.67 24.42
CA GLN A 3 -5.12 5.68 23.55
C GLN A 3 -3.58 5.69 23.57
N ASP A 4 -2.95 4.90 24.45
CA ASP A 4 -1.50 4.79 24.58
C ASP A 4 -1.21 3.31 24.79
N GLY A 5 -1.28 2.59 23.67
CA GLY A 5 -1.33 1.13 23.63
C GLY A 5 -1.09 0.54 22.24
N LYS A 6 -0.91 1.35 21.20
CA LYS A 6 -0.15 0.99 20.01
C LYS A 6 0.39 2.28 19.43
N GLU A 7 1.71 2.44 19.44
CA GLU A 7 2.38 3.71 19.20
C GLU A 7 3.09 3.73 17.85
N THR A 8 2.58 2.90 16.95
CA THR A 8 3.17 2.54 15.67
C THR A 8 2.08 2.56 14.59
N THR A 9 2.48 2.41 13.32
CA THR A 9 1.60 2.52 12.18
C THR A 9 1.17 1.17 11.64
N THR A 10 0.13 1.16 10.80
CA THR A 10 -0.39 -0.04 10.15
C THR A 10 -0.50 0.21 8.64
N ILE A 11 -0.09 -0.74 7.80
CA ILE A 11 -0.03 -0.57 6.34
C ILE A 11 -0.65 -1.82 5.71
N ARG A 12 -1.73 -1.65 4.93
CA ARG A 12 -2.46 -2.76 4.33
C ARG A 12 -2.63 -2.57 2.84
N LEU A 13 -2.34 -3.61 2.08
CA LEU A 13 -2.40 -3.59 0.63
C LEU A 13 -3.61 -4.38 0.16
N ILE A 14 -4.33 -3.88 -0.85
CA ILE A 14 -5.51 -4.49 -1.45
C ILE A 14 -5.35 -4.44 -2.97
N ASN A 15 -5.27 -5.60 -3.61
CA ASN A 15 -5.09 -5.74 -5.06
C ASN A 15 -6.44 -5.83 -5.78
N GLN A 16 -7.23 -4.75 -5.83
CA GLN A 16 -8.64 -4.72 -6.30
C GLN A 16 -8.72 -4.75 -7.84
N THR A 17 -8.11 -5.75 -8.47
CA THR A 17 -7.87 -5.81 -9.91
C THR A 17 -8.30 -7.16 -10.49
N TYR A 18 -8.30 -7.24 -11.82
CA TYR A 18 -8.58 -8.47 -12.55
C TYR A 18 -7.44 -9.49 -12.53
N PHE A 19 -6.21 -9.09 -12.18
CA PHE A 19 -5.02 -9.91 -12.35
C PHE A 19 -4.48 -10.42 -10.99
N ASN A 20 -3.54 -11.37 -11.01
CA ASN A 20 -2.74 -11.75 -9.84
C ASN A 20 -1.44 -10.95 -9.82
N VAL A 21 -0.81 -10.83 -8.66
CA VAL A 21 0.44 -10.18 -8.36
C VAL A 21 1.15 -11.05 -7.33
N LYS A 22 2.46 -11.06 -7.44
CA LYS A 22 3.36 -12.06 -6.80
C LYS A 22 4.72 -11.53 -6.40
N ASN A 23 4.77 -10.23 -6.08
CA ASN A 23 6.00 -9.46 -6.07
C ASN A 23 5.70 -8.01 -5.71
N ILE A 24 5.14 -7.75 -4.54
CA ILE A 24 4.75 -6.41 -4.14
C ILE A 24 5.84 -5.85 -3.22
N LYS A 25 6.37 -4.67 -3.53
CA LYS A 25 7.09 -3.83 -2.57
C LYS A 25 6.13 -2.77 -2.03
N VAL A 26 6.36 -2.32 -0.80
CA VAL A 26 5.87 -1.04 -0.33
C VAL A 26 6.98 -0.42 0.51
N THR A 27 7.08 0.90 0.46
CA THR A 27 8.03 1.69 1.22
C THR A 27 7.25 2.78 1.93
N TRP A 28 7.65 3.17 3.15
CA TRP A 28 6.93 4.14 3.99
C TRP A 28 7.91 5.05 4.75
N ASN A 29 9.16 5.09 4.29
CA ASN A 29 10.24 5.92 4.79
C ASN A 29 11.43 5.80 3.85
N ASP A 30 12.42 6.64 4.04
CA ASP A 30 13.56 6.76 3.12
C ASP A 30 14.56 5.59 3.20
N GLY A 31 14.21 4.50 3.88
CA GLY A 31 14.95 3.25 3.83
C GLY A 31 14.28 2.14 4.63
N LYS A 32 12.95 2.12 4.71
CA LYS A 32 12.21 1.12 5.42
C LYS A 32 11.12 0.67 4.46
N GLU A 33 11.31 -0.53 3.91
CA GLU A 33 10.39 -1.19 3.00
C GLU A 33 10.09 -2.58 3.56
N GLN A 34 9.19 -3.27 2.89
CA GLN A 34 9.00 -4.72 3.00
C GLN A 34 8.35 -5.22 1.70
N THR A 35 8.31 -6.54 1.50
CA THR A 35 7.60 -7.13 0.37
C THR A 35 6.57 -8.15 0.83
N VAL A 36 5.64 -8.47 -0.06
CA VAL A 36 4.62 -9.48 0.13
C VAL A 36 4.90 -10.60 -0.87
N ASN A 37 4.60 -11.83 -0.45
CA ASN A 37 4.64 -13.04 -1.27
C ASN A 37 3.74 -12.88 -2.51
N THR A 38 2.42 -12.99 -2.36
CA THR A 38 1.47 -13.01 -3.46
C THR A 38 0.14 -12.38 -3.01
N LEU A 39 -0.49 -11.65 -3.93
CA LEU A 39 -1.77 -10.98 -3.81
C LEU A 39 -2.54 -11.33 -5.07
N GLY A 40 -3.50 -12.22 -4.90
CA GLY A 40 -4.44 -12.61 -5.93
C GLY A 40 -5.22 -11.42 -6.44
N SER A 41 -5.99 -11.65 -7.49
CA SER A 41 -7.05 -10.77 -7.89
C SER A 41 -7.94 -10.54 -6.67
N HIS A 42 -8.14 -9.28 -6.29
CA HIS A 42 -8.91 -8.83 -5.14
C HIS A 42 -8.30 -9.21 -3.78
N ASP A 43 -7.03 -9.63 -3.72
CA ASP A 43 -6.50 -10.10 -2.43
C ASP A 43 -6.08 -8.92 -1.57
N SER A 44 -5.72 -9.20 -0.33
CA SER A 44 -5.30 -8.17 0.60
C SER A 44 -4.50 -8.70 1.77
N ILE A 45 -3.75 -7.82 2.44
CA ILE A 45 -2.88 -8.19 3.55
C ILE A 45 -2.49 -6.92 4.29
N ASP A 46 -2.39 -7.00 5.61
CA ASP A 46 -1.88 -5.92 6.44
C ASP A 46 -0.61 -6.41 7.12
N PHE A 47 0.29 -5.48 7.38
CA PHE A 47 1.51 -5.76 8.13
C PHE A 47 1.84 -4.58 9.06
N SER A 48 2.36 -4.91 10.25
CA SER A 48 2.84 -3.97 11.24
C SER A 48 4.06 -3.24 10.70
N SER A 49 4.23 -1.95 11.02
CA SER A 49 5.37 -1.14 10.61
C SER A 49 6.63 -1.59 11.38
N ASP A 50 7.74 -0.86 11.22
CA ASP A 50 8.81 -0.87 12.22
C ASP A 50 9.38 0.55 12.34
N ALA A 51 8.48 1.54 12.37
CA ALA A 51 8.85 2.94 12.12
C ALA A 51 8.19 3.94 13.07
N GLY A 52 7.16 3.57 13.82
CA GLY A 52 6.46 4.49 14.71
C GLY A 52 5.46 5.36 13.96
N SER A 53 5.92 6.11 12.97
CA SER A 53 5.10 6.99 12.16
C SER A 53 5.59 7.00 10.72
N VAL A 54 4.78 7.59 9.84
CA VAL A 54 4.99 7.80 8.42
C VAL A 54 4.12 8.98 7.99
N TYR A 55 4.41 9.55 6.80
CA TYR A 55 3.65 10.58 6.10
C TYR A 55 3.76 10.43 4.57
N LYS A 56 4.33 9.33 4.07
CA LYS A 56 4.56 9.11 2.64
C LYS A 56 4.56 7.62 2.32
N MET A 57 4.42 7.24 1.05
CA MET A 57 4.43 5.83 0.70
C MET A 57 4.79 5.65 -0.76
N ASP A 58 5.72 4.75 -1.05
CA ASP A 58 6.22 4.48 -2.40
C ASP A 58 5.98 3.01 -2.69
N VAL A 59 4.91 2.76 -3.45
CA VAL A 59 4.39 1.43 -3.75
C VAL A 59 4.90 0.99 -5.12
N THR A 60 5.12 -0.31 -5.34
CA THR A 60 5.52 -0.85 -6.63
C THR A 60 5.26 -2.36 -6.59
N GLY A 61 4.78 -2.94 -7.67
CA GLY A 61 4.55 -4.37 -7.78
C GLY A 61 4.19 -4.72 -9.21
N THR A 62 3.84 -6.00 -9.49
CA THR A 62 3.83 -6.47 -10.88
C THR A 62 2.71 -7.49 -11.09
N THR A 63 1.95 -7.35 -12.18
CA THR A 63 0.81 -8.16 -12.51
C THR A 63 1.22 -9.55 -13.02
N GLN A 64 0.23 -10.40 -13.24
CA GLN A 64 0.34 -11.74 -13.81
C GLN A 64 0.92 -11.64 -15.22
N SER A 65 0.47 -10.63 -15.98
CA SER A 65 0.99 -10.24 -17.29
C SER A 65 2.44 -9.75 -17.25
N GLY A 66 2.92 -9.37 -16.06
CA GLY A 66 4.25 -8.81 -15.93
C GLY A 66 4.27 -7.29 -16.13
N GLU A 67 3.16 -6.57 -15.93
CA GLU A 67 3.13 -5.12 -15.98
C GLU A 67 3.46 -4.62 -14.59
N LYS A 68 4.19 -3.50 -14.46
CA LYS A 68 4.57 -2.97 -13.17
C LYS A 68 3.76 -1.72 -12.87
N PHE A 69 3.00 -1.82 -11.80
CA PHE A 69 2.17 -0.78 -11.24
C PHE A 69 3.06 -0.05 -10.22
N THR A 70 2.95 1.27 -10.11
CA THR A 70 3.62 2.02 -9.04
C THR A 70 2.71 3.11 -8.48
N GLY A 71 2.89 3.38 -7.19
CA GLY A 71 2.13 4.40 -6.48
C GLY A 71 2.85 5.74 -6.49
N HIS A 72 3.73 5.90 -5.50
CA HIS A 72 4.43 7.11 -5.13
C HIS A 72 3.45 8.16 -4.58
N PHE A 73 3.43 8.37 -3.27
CA PHE A 73 2.50 9.25 -2.58
C PHE A 73 3.23 10.02 -1.48
N LYS A 74 2.71 11.21 -1.14
CA LYS A 74 3.20 12.10 -0.08
C LYS A 74 2.01 12.76 0.62
N GLY A 75 2.28 13.57 1.64
CA GLY A 75 1.26 14.35 2.33
C GLY A 75 0.23 13.47 3.01
N LEU A 76 0.65 12.31 3.51
CA LEU A 76 -0.23 11.40 4.20
C LEU A 76 -0.37 11.85 5.65
N VAL A 77 -1.45 11.40 6.28
CA VAL A 77 -1.83 11.66 7.65
C VAL A 77 -2.53 10.41 8.20
N GLY A 78 -2.65 10.34 9.53
CA GLY A 78 -3.39 9.31 10.23
C GLY A 78 -2.52 8.10 10.52
N LYS A 79 -2.85 7.36 11.58
CA LYS A 79 -1.97 6.32 12.13
C LYS A 79 -2.04 4.99 11.40
N ASP A 80 -2.81 4.91 10.31
CA ASP A 80 -2.81 3.76 9.42
C ASP A 80 -3.03 4.21 7.98
N THR A 81 -2.65 3.31 7.07
CA THR A 81 -2.36 3.56 5.67
C THR A 81 -2.82 2.33 4.89
N ARG A 82 -3.33 2.51 3.66
CA ARG A 82 -3.74 1.42 2.80
C ARG A 82 -3.27 1.66 1.36
N VAL A 83 -3.60 0.76 0.43
CA VAL A 83 -3.28 0.81 -0.99
C VAL A 83 -4.45 0.13 -1.73
N PHE A 84 -5.27 0.87 -2.48
CA PHE A 84 -6.37 0.36 -3.31
C PHE A 84 -5.91 0.29 -4.77
N ILE A 85 -5.36 -0.85 -5.24
CA ILE A 85 -4.91 -0.99 -6.63
C ILE A 85 -6.17 -1.17 -7.47
N GLU A 86 -6.30 -0.45 -8.57
CA GLU A 86 -7.42 -0.58 -9.49
C GLU A 86 -6.93 -0.25 -10.90
N LEU A 87 -7.81 -0.35 -11.90
CA LEU A 87 -7.48 -0.01 -13.28
C LEU A 87 -8.24 1.26 -13.61
N ASP A 88 -7.66 2.07 -14.49
CA ASP A 88 -8.29 3.30 -14.99
C ASP A 88 -7.71 3.61 -16.38
N GLU A 89 -8.03 4.77 -16.95
CA GLU A 89 -7.50 5.37 -18.18
C GLU A 89 -7.87 4.56 -19.42
N ASN A 90 -7.28 3.39 -19.60
CA ASN A 90 -7.51 2.44 -20.68
C ASN A 90 -7.60 1.00 -20.15
N ALA A 91 -7.80 0.82 -18.84
CA ALA A 91 -7.58 -0.39 -18.04
C ALA A 91 -6.09 -0.65 -17.79
N ASP A 92 -5.33 0.46 -17.73
CA ASP A 92 -3.94 0.50 -17.29
C ASP A 92 -3.93 0.59 -15.81
N VAL A 93 -2.83 0.15 -15.21
CA VAL A 93 -2.89 -0.12 -13.80
C VAL A 93 -2.50 1.13 -13.00
N GLN A 94 -3.45 1.66 -12.23
CA GLN A 94 -3.21 2.78 -11.33
C GLN A 94 -3.10 2.28 -9.88
N VAL A 95 -2.83 3.20 -8.96
CA VAL A 95 -2.64 2.96 -7.56
C VAL A 95 -3.38 4.12 -6.89
N PHE A 96 -4.49 3.81 -6.23
CA PHE A 96 -5.32 4.74 -5.49
C PHE A 96 -5.15 4.50 -3.97
N ILE A 97 -5.66 5.40 -3.13
CA ILE A 97 -5.62 5.24 -1.69
C ILE A 97 -6.82 5.93 -1.03
N PRO A 98 -7.31 5.38 0.10
CA PRO A 98 -8.28 6.08 0.93
C PRO A 98 -7.61 7.30 1.58
N GLN A 99 -8.11 8.50 1.25
CA GLN A 99 -7.82 9.77 1.91
C GLN A 99 -9.16 10.38 2.35
N GLY A 100 -9.16 11.60 2.88
CA GLY A 100 -10.34 12.26 3.43
C GLY A 100 -9.91 13.00 4.68
N GLU A 101 -10.86 13.23 5.57
CA GLU A 101 -10.63 13.98 6.80
C GLU A 101 -10.05 13.04 7.87
N ILE A 102 -8.83 12.57 7.63
CA ILE A 102 -8.12 11.57 8.43
C ILE A 102 -6.90 12.20 9.10
N ASP A 103 -7.08 13.39 9.67
CA ASP A 103 -6.03 14.19 10.31
C ASP A 103 -6.24 14.22 11.82
N GLY A 1 -4.83 3.35 25.58
CA GLY A 1 -4.40 2.51 26.70
C GLY A 1 -3.26 3.20 27.40
N ALA A 2 -2.11 2.52 27.54
CA ALA A 2 -0.86 3.21 27.87
C ALA A 2 -0.39 3.95 26.62
N GLN A 3 0.21 5.13 26.79
CA GLN A 3 0.65 5.99 25.70
C GLN A 3 1.93 5.48 25.00
N ASP A 4 2.40 4.28 25.31
CA ASP A 4 3.60 3.66 24.77
C ASP A 4 3.30 2.17 24.80
N GLY A 5 2.93 1.59 23.66
CA GLY A 5 2.36 0.26 23.61
C GLY A 5 2.16 -0.20 22.17
N LYS A 6 1.19 -1.09 21.94
CA LYS A 6 0.72 -1.40 20.59
C LYS A 6 -0.12 -0.21 20.12
N GLU A 7 0.57 0.86 19.78
CA GLU A 7 0.11 2.14 19.26
C GLU A 7 0.89 2.45 18.00
N THR A 8 1.38 1.40 17.34
CA THR A 8 2.11 1.45 16.09
C THR A 8 1.16 1.76 14.93
N THR A 9 1.70 1.91 13.73
CA THR A 9 0.89 1.83 12.51
C THR A 9 0.87 0.38 12.02
N THR A 10 -0.19 0.06 11.27
CA THR A 10 -0.30 -1.12 10.43
C THR A 10 -0.61 -0.59 9.03
N ILE A 11 -0.28 -1.36 8.01
CA ILE A 11 -0.42 -1.05 6.59
C ILE A 11 -1.22 -2.21 6.03
N ARG A 12 -2.11 -1.95 5.07
CA ARG A 12 -3.03 -2.96 4.59
C ARG A 12 -3.20 -2.84 3.09
N LEU A 13 -2.79 -3.87 2.36
CA LEU A 13 -2.79 -3.90 0.90
C LEU A 13 -4.02 -4.65 0.41
N ILE A 14 -4.68 -4.16 -0.64
CA ILE A 14 -5.86 -4.76 -1.25
C ILE A 14 -5.63 -4.82 -2.77
N ASN A 15 -5.92 -5.97 -3.39
CA ASN A 15 -5.62 -6.27 -4.79
C ASN A 15 -6.90 -6.25 -5.63
N GLN A 16 -7.55 -5.09 -5.81
CA GLN A 16 -8.91 -4.95 -6.34
C GLN A 16 -8.98 -5.04 -7.87
N THR A 17 -8.00 -5.69 -8.50
CA THR A 17 -7.80 -5.75 -9.93
C THR A 17 -8.15 -7.13 -10.50
N TYR A 18 -7.98 -7.27 -11.82
CA TYR A 18 -8.32 -8.47 -12.57
C TYR A 18 -7.13 -9.39 -12.91
N PHE A 19 -6.00 -9.26 -12.22
CA PHE A 19 -4.83 -10.11 -12.39
C PHE A 19 -4.40 -10.67 -11.02
N ASN A 20 -3.34 -11.49 -10.99
CA ASN A 20 -2.66 -11.94 -9.77
C ASN A 20 -1.38 -11.12 -9.60
N VAL A 21 -0.94 -10.84 -8.36
CA VAL A 21 0.35 -10.17 -8.12
C VAL A 21 1.20 -10.99 -7.15
N LYS A 22 2.48 -11.16 -7.48
CA LYS A 22 3.38 -12.14 -6.85
C LYS A 22 4.73 -11.55 -6.44
N ASN A 23 4.71 -10.28 -6.05
CA ASN A 23 5.84 -9.43 -5.71
C ASN A 23 5.24 -8.05 -5.49
N ILE A 24 4.60 -7.80 -4.35
CA ILE A 24 4.43 -6.42 -3.94
C ILE A 24 5.66 -6.03 -3.14
N LYS A 25 6.17 -4.82 -3.37
CA LYS A 25 7.02 -4.09 -2.45
C LYS A 25 6.17 -2.95 -1.90
N VAL A 26 6.40 -2.61 -0.63
CA VAL A 26 5.85 -1.42 -0.02
C VAL A 26 7.03 -0.63 0.57
N THR A 27 6.87 0.68 0.64
CA THR A 27 7.77 1.62 1.30
C THR A 27 6.89 2.63 2.03
N TRP A 28 7.26 3.06 3.24
CA TRP A 28 6.46 3.97 4.05
C TRP A 28 7.29 5.04 4.74
N ASN A 29 8.57 5.11 4.48
CA ASN A 29 9.48 6.11 5.03
C ASN A 29 10.66 6.23 4.07
N ASP A 30 11.66 7.03 4.41
CA ASP A 30 12.83 7.27 3.57
C ASP A 30 13.83 6.10 3.55
N GLY A 31 13.34 4.88 3.79
CA GLY A 31 14.10 3.63 3.80
C GLY A 31 13.36 2.49 4.49
N LYS A 32 12.28 2.75 5.24
CA LYS A 32 11.49 1.69 5.86
C LYS A 32 10.62 1.05 4.78
N GLU A 33 10.92 -0.21 4.46
CA GLU A 33 10.28 -0.96 3.39
C GLU A 33 9.96 -2.40 3.83
N GLN A 34 9.19 -3.16 3.04
CA GLN A 34 9.05 -4.63 3.10
C GLN A 34 8.50 -5.18 1.77
N THR A 35 8.35 -6.50 1.62
CA THR A 35 7.71 -7.13 0.45
C THR A 35 6.79 -8.29 0.86
N VAL A 36 5.84 -8.68 0.00
CA VAL A 36 4.90 -9.75 0.24
C VAL A 36 5.15 -10.92 -0.74
N ASN A 37 4.56 -12.09 -0.46
CA ASN A 37 4.56 -13.23 -1.35
C ASN A 37 3.66 -12.96 -2.57
N THR A 38 2.36 -13.23 -2.45
CA THR A 38 1.42 -13.31 -3.55
C THR A 38 0.05 -12.85 -3.03
N LEU A 39 -0.73 -12.23 -3.92
CA LEU A 39 -2.01 -11.61 -3.63
C LEU A 39 -2.93 -11.98 -4.78
N GLY A 40 -3.96 -12.69 -4.41
CA GLY A 40 -4.99 -13.18 -5.29
C GLY A 40 -5.92 -12.06 -5.75
N SER A 41 -6.90 -12.41 -6.57
CA SER A 41 -7.84 -11.44 -7.12
C SER A 41 -8.79 -10.98 -6.01
N HIS A 42 -8.83 -9.67 -5.74
CA HIS A 42 -9.52 -9.06 -4.60
C HIS A 42 -9.02 -9.55 -3.25
N ASP A 43 -7.83 -10.16 -3.19
CA ASP A 43 -7.19 -10.53 -1.94
C ASP A 43 -6.74 -9.30 -1.17
N SER A 44 -6.32 -9.51 0.07
CA SER A 44 -5.66 -8.46 0.85
C SER A 44 -4.71 -9.04 1.92
N ILE A 45 -3.81 -8.20 2.45
CA ILE A 45 -2.82 -8.54 3.46
C ILE A 45 -2.66 -7.33 4.38
N ASP A 46 -2.27 -7.53 5.64
CA ASP A 46 -2.13 -6.51 6.68
C ASP A 46 -0.82 -6.80 7.38
N PHE A 47 -0.01 -5.78 7.61
CA PHE A 47 1.29 -5.91 8.26
C PHE A 47 1.68 -4.65 9.02
N SER A 48 2.39 -4.82 10.14
CA SER A 48 2.85 -3.73 10.98
C SER A 48 3.84 -2.85 10.21
N SER A 49 3.72 -1.54 10.42
CA SER A 49 4.75 -0.56 10.11
C SER A 49 5.71 -0.59 11.30
N ASP A 50 7.01 -0.43 11.04
CA ASP A 50 8.06 -0.35 12.07
C ASP A 50 8.16 1.05 12.67
N ALA A 51 7.04 1.78 12.71
CA ALA A 51 6.96 3.09 13.31
C ALA A 51 5.59 3.32 13.96
N GLY A 52 5.49 4.37 14.76
CA GLY A 52 4.26 4.84 15.37
C GLY A 52 3.40 5.63 14.40
N SER A 53 4.02 6.35 13.48
CA SER A 53 3.43 7.42 12.71
C SER A 53 4.08 7.42 11.32
N VAL A 54 3.42 7.97 10.30
CA VAL A 54 3.91 8.07 8.93
C VAL A 54 3.06 9.07 8.15
N TYR A 55 3.61 9.61 7.06
CA TYR A 55 2.99 10.59 6.19
C TYR A 55 3.32 10.40 4.70
N LYS A 56 4.08 9.37 4.30
CA LYS A 56 4.37 9.10 2.89
C LYS A 56 4.45 7.60 2.65
N MET A 57 4.24 7.18 1.40
CA MET A 57 4.15 5.78 1.01
C MET A 57 4.45 5.69 -0.48
N ASP A 58 5.19 4.68 -0.94
CA ASP A 58 5.71 4.61 -2.31
C ASP A 58 5.74 3.15 -2.76
N VAL A 59 4.66 2.71 -3.39
CA VAL A 59 4.44 1.29 -3.60
C VAL A 59 5.18 0.88 -4.89
N THR A 60 5.44 -0.41 -5.10
CA THR A 60 5.92 -0.85 -6.41
C THR A 60 5.71 -2.37 -6.53
N GLY A 61 4.60 -2.77 -7.15
CA GLY A 61 4.25 -4.17 -7.35
C GLY A 61 4.34 -4.57 -8.82
N THR A 62 4.14 -5.85 -9.17
CA THR A 62 4.09 -6.29 -10.56
C THR A 62 3.01 -7.37 -10.78
N THR A 63 2.31 -7.30 -11.92
CA THR A 63 1.15 -8.10 -12.33
C THR A 63 1.55 -9.44 -12.92
N GLN A 64 0.55 -10.30 -13.15
CA GLN A 64 0.65 -11.54 -13.90
C GLN A 64 1.26 -11.32 -15.28
N SER A 65 0.84 -10.26 -15.98
CA SER A 65 1.35 -9.94 -17.30
C SER A 65 2.73 -9.25 -17.21
N GLY A 66 3.29 -9.04 -16.02
CA GLY A 66 4.61 -8.46 -15.87
C GLY A 66 4.58 -6.93 -15.98
N GLU A 67 3.42 -6.29 -15.80
CA GLU A 67 3.37 -4.84 -15.65
C GLU A 67 3.77 -4.51 -14.26
N LYS A 68 4.60 -3.50 -14.12
CA LYS A 68 4.81 -2.85 -12.86
C LYS A 68 3.75 -1.78 -12.70
N PHE A 69 3.36 -1.55 -11.46
CA PHE A 69 2.57 -0.40 -11.07
C PHE A 69 3.27 0.27 -9.90
N THR A 70 3.30 1.60 -9.90
CA THR A 70 3.82 2.40 -8.81
C THR A 70 2.73 3.34 -8.31
N GLY A 71 2.87 3.75 -7.05
CA GLY A 71 1.91 4.58 -6.33
C GLY A 71 2.72 5.39 -5.34
N HIS A 72 3.25 6.51 -5.82
CA HIS A 72 4.04 7.44 -5.05
C HIS A 72 3.07 8.37 -4.33
N PHE A 73 3.16 8.45 -3.00
CA PHE A 73 2.23 9.19 -2.13
C PHE A 73 3.02 9.95 -1.07
N LYS A 74 2.55 11.15 -0.75
CA LYS A 74 3.00 12.03 0.32
C LYS A 74 1.73 12.66 0.90
N GLY A 75 1.84 13.37 2.02
CA GLY A 75 0.71 13.99 2.70
C GLY A 75 -0.35 12.95 3.01
N LEU A 76 -0.04 12.08 3.98
CA LEU A 76 -0.89 11.01 4.48
C LEU A 76 -1.15 11.24 5.96
N VAL A 77 -2.30 10.78 6.47
CA VAL A 77 -2.83 11.12 7.79
C VAL A 77 -3.23 9.86 8.57
N GLY A 78 -3.80 10.02 9.77
CA GLY A 78 -4.35 8.92 10.55
C GLY A 78 -3.26 8.04 11.16
N LYS A 79 -3.61 6.83 11.60
CA LYS A 79 -2.68 5.84 12.12
C LYS A 79 -2.96 4.47 11.47
N ASP A 80 -3.31 4.48 10.18
CA ASP A 80 -3.24 3.35 9.28
C ASP A 80 -3.07 3.90 7.86
N THR A 81 -2.69 3.02 6.93
CA THR A 81 -2.65 3.35 5.52
C THR A 81 -3.09 2.12 4.74
N ARG A 82 -4.17 2.24 3.98
CA ARG A 82 -4.55 1.26 2.97
C ARG A 82 -3.88 1.57 1.66
N VAL A 83 -4.02 0.64 0.71
CA VAL A 83 -3.60 0.76 -0.66
C VAL A 83 -4.68 0.08 -1.49
N PHE A 84 -5.32 0.83 -2.39
CA PHE A 84 -6.24 0.29 -3.37
C PHE A 84 -5.47 0.17 -4.68
N ILE A 85 -5.11 -1.05 -5.06
CA ILE A 85 -4.61 -1.38 -6.39
C ILE A 85 -5.87 -1.53 -7.23
N GLU A 86 -6.00 -0.75 -8.29
CA GLU A 86 -7.15 -0.64 -9.18
C GLU A 86 -6.70 0.16 -10.41
N LEU A 87 -7.44 0.03 -11.50
CA LEU A 87 -7.06 0.59 -12.79
C LEU A 87 -7.54 2.03 -12.89
N ASP A 88 -6.88 2.83 -13.74
CA ASP A 88 -7.40 4.11 -14.22
C ASP A 88 -6.75 4.43 -15.58
N GLU A 89 -6.78 5.68 -16.01
CA GLU A 89 -6.37 6.24 -17.28
C GLU A 89 -7.10 5.51 -18.42
N ASN A 90 -6.56 4.38 -18.85
CA ASN A 90 -6.88 3.64 -20.07
C ASN A 90 -6.75 2.15 -19.79
N ALA A 91 -7.37 1.69 -18.69
CA ALA A 91 -7.15 0.39 -18.06
C ALA A 91 -5.66 0.14 -17.77
N ASP A 92 -4.95 1.17 -17.33
CA ASP A 92 -3.57 1.07 -16.87
C ASP A 92 -3.62 0.76 -15.38
N VAL A 93 -2.61 0.04 -14.88
CA VAL A 93 -2.57 -0.33 -13.48
C VAL A 93 -2.01 0.84 -12.67
N GLN A 94 -2.92 1.65 -12.12
CA GLN A 94 -2.61 2.72 -11.20
C GLN A 94 -2.60 2.20 -9.77
N VAL A 95 -2.45 3.12 -8.82
CA VAL A 95 -2.60 2.86 -7.41
C VAL A 95 -3.39 4.05 -6.86
N PHE A 96 -4.33 3.75 -5.99
CA PHE A 96 -5.22 4.69 -5.34
C PHE A 96 -5.17 4.43 -3.83
N ILE A 97 -5.73 5.34 -3.05
CA ILE A 97 -5.80 5.20 -1.61
C ILE A 97 -7.08 5.88 -1.11
N PRO A 98 -7.74 5.32 -0.09
CA PRO A 98 -8.85 5.99 0.57
C PRO A 98 -8.28 7.17 1.38
N GLN A 99 -8.61 8.40 0.98
CA GLN A 99 -8.12 9.65 1.52
C GLN A 99 -9.30 10.59 1.77
N GLY A 100 -9.00 11.82 2.21
CA GLY A 100 -10.01 12.84 2.50
C GLY A 100 -9.29 14.15 2.76
N GLU A 101 -8.63 14.23 3.93
CA GLU A 101 -7.83 15.35 4.42
C GLU A 101 -6.52 15.46 3.62
N ILE A 102 -6.64 15.80 2.34
CA ILE A 102 -5.57 16.00 1.38
C ILE A 102 -5.87 17.27 0.59
N ASP A 103 -6.38 18.29 1.26
CA ASP A 103 -6.76 19.55 0.67
C ASP A 103 -6.18 20.66 1.52
N GLY A 1 -7.85 2.36 17.91
CA GLY A 1 -7.39 1.04 18.31
C GLY A 1 -7.36 0.98 19.81
N ALA A 2 -6.43 1.71 20.43
CA ALA A 2 -6.42 1.97 21.84
C ALA A 2 -6.05 3.45 22.06
N GLN A 3 -6.22 3.96 23.28
CA GLN A 3 -5.90 5.36 23.58
C GLN A 3 -4.39 5.62 23.43
N ASP A 4 -3.53 4.66 23.79
CA ASP A 4 -2.09 4.71 23.51
C ASP A 4 -1.47 3.30 23.60
N GLY A 5 -2.28 2.26 23.37
CA GLY A 5 -1.88 0.87 23.51
C GLY A 5 -1.13 0.28 22.31
N LYS A 6 -1.01 1.01 21.20
CA LYS A 6 -0.40 0.54 19.95
C LYS A 6 0.53 1.62 19.45
N GLU A 7 1.81 1.54 19.80
CA GLU A 7 2.79 2.58 19.51
C GLU A 7 3.58 2.27 18.22
N THR A 8 2.97 1.50 17.34
CA THR A 8 3.46 1.10 16.03
C THR A 8 2.39 1.47 14.98
N THR A 9 2.71 1.34 13.69
CA THR A 9 1.76 1.52 12.59
C THR A 9 1.27 0.16 12.08
N THR A 10 0.44 0.14 11.03
CA THR A 10 0.08 -1.06 10.27
C THR A 10 -0.05 -0.63 8.81
N ILE A 11 0.11 -1.56 7.88
CA ILE A 11 0.00 -1.33 6.44
C ILE A 11 -0.87 -2.46 5.90
N ARG A 12 -1.71 -2.19 4.89
CA ARG A 12 -2.70 -3.14 4.40
C ARG A 12 -2.83 -3.07 2.88
N LEU A 13 -2.40 -4.11 2.18
CA LEU A 13 -2.34 -4.16 0.72
C LEU A 13 -3.55 -4.91 0.19
N ILE A 14 -4.51 -4.27 -0.46
CA ILE A 14 -5.65 -4.92 -1.10
C ILE A 14 -5.45 -4.87 -2.63
N ASN A 15 -5.92 -5.89 -3.35
CA ASN A 15 -5.72 -6.04 -4.78
C ASN A 15 -7.03 -5.96 -5.56
N GLN A 16 -7.70 -4.80 -5.58
CA GLN A 16 -9.10 -4.66 -5.97
C GLN A 16 -9.25 -4.55 -7.49
N THR A 17 -8.68 -5.52 -8.21
CA THR A 17 -8.35 -5.45 -9.63
C THR A 17 -8.78 -6.73 -10.37
N TYR A 18 -8.26 -6.90 -11.59
CA TYR A 18 -8.48 -8.05 -12.46
C TYR A 18 -7.24 -8.92 -12.68
N PHE A 19 -6.20 -8.80 -11.84
CA PHE A 19 -4.91 -9.51 -11.98
C PHE A 19 -4.36 -9.96 -10.64
N ASN A 20 -3.28 -10.75 -10.65
CA ASN A 20 -2.49 -11.10 -9.46
C ASN A 20 -1.26 -10.18 -9.36
N VAL A 21 -0.70 -9.97 -8.18
CA VAL A 21 0.57 -9.25 -7.94
C VAL A 21 1.40 -10.09 -6.96
N LYS A 22 2.71 -10.23 -7.19
CA LYS A 22 3.53 -11.28 -6.55
C LYS A 22 4.93 -10.79 -6.16
N ASN A 23 5.08 -9.48 -6.07
CA ASN A 23 6.35 -8.78 -5.93
C ASN A 23 6.06 -7.33 -5.62
N ILE A 24 5.12 -7.07 -4.73
CA ILE A 24 4.83 -5.72 -4.29
C ILE A 24 5.85 -5.37 -3.22
N LYS A 25 6.40 -4.16 -3.32
CA LYS A 25 7.42 -3.65 -2.45
C LYS A 25 6.98 -2.27 -1.98
N VAL A 26 6.65 -2.16 -0.72
CA VAL A 26 6.20 -0.90 -0.12
C VAL A 26 7.39 -0.25 0.57
N THR A 27 7.47 1.08 0.53
CA THR A 27 8.31 1.91 1.38
C THR A 27 7.36 2.83 2.16
N TRP A 28 7.66 3.19 3.41
CA TRP A 28 6.75 3.97 4.28
C TRP A 28 7.47 4.99 5.16
N ASN A 29 8.72 5.28 4.84
CA ASN A 29 9.64 6.17 5.54
C ASN A 29 10.74 6.50 4.53
N ASP A 30 11.86 7.07 4.95
CA ASP A 30 12.93 7.48 4.04
C ASP A 30 13.98 6.37 3.87
N GLY A 31 13.58 5.13 4.12
CA GLY A 31 14.37 3.93 3.90
C GLY A 31 13.64 2.65 4.34
N LYS A 32 12.65 2.74 5.23
CA LYS A 32 11.92 1.57 5.70
C LYS A 32 11.08 1.00 4.55
N GLU A 33 11.45 -0.17 4.03
CA GLU A 33 10.66 -0.90 3.04
C GLU A 33 10.60 -2.39 3.37
N GLN A 34 9.67 -3.11 2.73
CA GLN A 34 9.51 -4.56 2.81
C GLN A 34 8.81 -5.07 1.54
N THR A 35 8.71 -6.40 1.39
CA THR A 35 8.09 -7.03 0.24
C THR A 35 7.08 -8.09 0.69
N VAL A 36 5.92 -8.14 0.05
CA VAL A 36 4.85 -9.08 0.41
C VAL A 36 5.02 -10.35 -0.43
N ASN A 37 4.39 -11.47 -0.06
CA ASN A 37 4.36 -12.69 -0.88
C ASN A 37 3.62 -12.43 -2.19
N THR A 38 2.28 -12.56 -2.20
CA THR A 38 1.47 -12.52 -3.40
C THR A 38 0.07 -12.07 -2.97
N LEU A 39 -0.73 -11.59 -3.93
CA LEU A 39 -2.10 -11.15 -3.75
C LEU A 39 -2.86 -11.48 -5.02
N GLY A 40 -3.72 -12.50 -4.91
CA GLY A 40 -4.66 -12.92 -5.93
C GLY A 40 -5.72 -11.86 -6.21
N SER A 41 -6.74 -12.21 -7.01
CA SER A 41 -7.80 -11.27 -7.33
C SER A 41 -8.54 -10.86 -6.06
N HIS A 42 -8.68 -9.55 -5.84
CA HIS A 42 -9.34 -8.96 -4.67
C HIS A 42 -8.74 -9.39 -3.33
N ASP A 43 -7.56 -10.04 -3.32
CA ASP A 43 -6.99 -10.55 -2.09
C ASP A 43 -6.46 -9.42 -1.21
N SER A 44 -6.03 -9.81 -0.02
CA SER A 44 -5.61 -8.85 1.00
C SER A 44 -4.71 -9.46 2.08
N ILE A 45 -3.87 -8.59 2.67
CA ILE A 45 -2.99 -8.86 3.78
C ILE A 45 -2.67 -7.54 4.49
N ASP A 46 -2.49 -7.60 5.80
CA ASP A 46 -2.16 -6.50 6.71
C ASP A 46 -0.86 -6.94 7.40
N PHE A 47 0.10 -6.03 7.53
CA PHE A 47 1.39 -6.32 8.15
C PHE A 47 1.81 -5.19 9.09
N SER A 48 2.62 -5.57 10.08
CA SER A 48 3.26 -4.63 11.00
C SER A 48 4.18 -3.73 10.19
N SER A 49 4.21 -2.47 10.57
CA SER A 49 5.19 -1.49 10.15
C SER A 49 6.18 -1.42 11.31
N ASP A 50 7.47 -1.60 11.01
CA ASP A 50 8.56 -1.47 11.98
C ASP A 50 8.87 0.00 12.27
N ALA A 51 7.84 0.83 12.45
CA ALA A 51 7.97 2.25 12.72
C ALA A 51 6.81 2.71 13.57
N GLY A 52 7.06 3.75 14.37
CA GLY A 52 6.02 4.37 15.19
C GLY A 52 5.01 5.09 14.31
N SER A 53 5.48 5.81 13.29
CA SER A 53 4.67 6.76 12.53
C SER A 53 5.03 6.72 11.04
N VAL A 54 4.09 7.13 10.19
CA VAL A 54 4.21 7.17 8.74
C VAL A 54 3.42 8.37 8.22
N TYR A 55 3.98 9.10 7.25
CA TYR A 55 3.33 10.20 6.55
C TYR A 55 3.55 10.17 5.03
N LYS A 56 4.17 9.12 4.51
CA LYS A 56 4.48 8.94 3.08
C LYS A 56 4.48 7.44 2.79
N MET A 57 4.20 7.03 1.56
CA MET A 57 4.20 5.63 1.18
C MET A 57 4.48 5.52 -0.30
N ASP A 58 5.46 4.70 -0.66
CA ASP A 58 5.89 4.54 -2.04
C ASP A 58 5.79 3.07 -2.38
N VAL A 59 4.76 2.74 -3.16
CA VAL A 59 4.51 1.40 -3.65
C VAL A 59 5.51 1.13 -4.77
N THR A 60 5.77 -0.11 -5.10
CA THR A 60 6.18 -0.45 -6.45
C THR A 60 5.90 -1.93 -6.55
N GLY A 61 5.02 -2.29 -7.48
CA GLY A 61 4.70 -3.68 -7.72
C GLY A 61 4.68 -3.98 -9.21
N THR A 62 4.49 -5.26 -9.54
CA THR A 62 4.32 -5.73 -10.91
C THR A 62 3.18 -6.75 -10.94
N THR A 63 2.28 -6.60 -11.90
CA THR A 63 1.11 -7.46 -12.14
C THR A 63 1.53 -8.83 -12.69
N GLN A 64 0.56 -9.74 -12.81
CA GLN A 64 0.69 -11.03 -13.47
C GLN A 64 1.11 -10.85 -14.92
N SER A 65 0.56 -9.85 -15.61
CA SER A 65 0.95 -9.60 -17.00
C SER A 65 2.43 -9.25 -17.04
N GLY A 66 2.88 -8.49 -16.05
CA GLY A 66 4.23 -7.96 -15.96
C GLY A 66 4.23 -6.44 -16.05
N GLU A 67 3.08 -5.77 -15.87
CA GLU A 67 3.02 -4.32 -15.87
C GLU A 67 3.49 -3.89 -14.51
N LYS A 68 4.37 -2.92 -14.50
CA LYS A 68 4.83 -2.30 -13.29
C LYS A 68 3.87 -1.17 -13.01
N PHE A 69 3.69 -0.90 -11.73
CA PHE A 69 3.05 0.29 -11.27
C PHE A 69 3.94 0.89 -10.20
N THR A 70 4.06 2.20 -10.24
CA THR A 70 4.57 2.99 -9.16
C THR A 70 3.50 3.98 -8.79
N GLY A 71 3.47 4.32 -7.51
CA GLY A 71 2.37 5.11 -6.97
C GLY A 71 2.87 6.45 -6.52
N HIS A 72 3.52 6.36 -5.38
CA HIS A 72 4.31 7.38 -4.66
C HIS A 72 3.39 8.38 -4.00
N PHE A 73 3.36 8.39 -2.67
CA PHE A 73 2.40 9.15 -1.89
C PHE A 73 3.12 9.87 -0.76
N LYS A 74 2.59 11.03 -0.38
CA LYS A 74 3.02 11.89 0.73
C LYS A 74 1.76 12.53 1.32
N GLY A 75 1.92 13.28 2.40
CA GLY A 75 0.81 13.98 3.01
C GLY A 75 -0.10 13.04 3.78
N LEU A 76 0.40 11.84 4.12
CA LEU A 76 -0.39 10.84 4.80
C LEU A 76 -0.46 11.18 6.28
N VAL A 77 -1.49 10.65 6.93
CA VAL A 77 -1.93 11.05 8.26
C VAL A 77 -2.22 9.81 9.12
N GLY A 78 -2.65 10.03 10.36
CA GLY A 78 -3.10 8.98 11.25
C GLY A 78 -2.03 7.93 11.52
N LYS A 79 -2.44 6.69 11.83
CA LYS A 79 -1.61 5.65 12.42
C LYS A 79 -1.83 4.27 11.80
N ASP A 80 -2.37 4.22 10.58
CA ASP A 80 -2.19 3.10 9.66
C ASP A 80 -2.10 3.60 8.24
N THR A 81 -1.95 2.70 7.27
CA THR A 81 -2.09 3.03 5.86
C THR A 81 -2.71 1.83 5.14
N ARG A 82 -3.18 2.03 3.91
CA ARG A 82 -3.62 0.96 3.02
C ARG A 82 -3.08 1.23 1.62
N VAL A 83 -3.42 0.37 0.68
CA VAL A 83 -3.25 0.53 -0.74
C VAL A 83 -4.53 -0.03 -1.35
N PHE A 84 -5.31 0.82 -2.03
CA PHE A 84 -6.37 0.37 -2.94
C PHE A 84 -5.72 0.32 -4.32
N ILE A 85 -5.29 -0.85 -4.78
CA ILE A 85 -4.99 -1.01 -6.21
C ILE A 85 -6.36 -1.22 -6.84
N GLU A 86 -6.67 -0.45 -7.89
CA GLU A 86 -7.86 -0.57 -8.72
C GLU A 86 -7.43 -0.25 -10.15
N LEU A 87 -8.20 -0.72 -11.12
CA LEU A 87 -7.96 -0.40 -12.51
C LEU A 87 -8.42 1.01 -12.76
N ASP A 88 -7.86 1.54 -13.83
CA ASP A 88 -8.31 2.80 -14.38
C ASP A 88 -8.19 2.78 -15.89
N GLU A 89 -8.64 3.88 -16.50
CA GLU A 89 -8.70 4.22 -17.91
C GLU A 89 -9.26 3.09 -18.76
N ASN A 90 -8.43 2.12 -19.12
CA ASN A 90 -8.76 1.00 -19.99
C ASN A 90 -8.19 -0.32 -19.47
N ALA A 91 -8.30 -0.53 -18.16
CA ALA A 91 -7.81 -1.66 -17.38
C ALA A 91 -6.29 -1.56 -17.20
N ASP A 92 -5.85 -0.38 -16.78
CA ASP A 92 -4.47 -0.08 -16.42
C ASP A 92 -4.32 -0.22 -14.92
N VAL A 93 -3.16 0.06 -14.35
CA VAL A 93 -2.83 -0.38 -12.99
C VAL A 93 -2.50 0.80 -12.10
N GLN A 94 -3.55 1.44 -11.60
CA GLN A 94 -3.37 2.59 -10.72
C GLN A 94 -3.37 2.21 -9.25
N VAL A 95 -2.78 3.08 -8.46
CA VAL A 95 -2.71 3.08 -7.01
C VAL A 95 -3.57 4.23 -6.52
N PHE A 96 -4.50 3.87 -5.67
CA PHE A 96 -5.33 4.76 -4.89
C PHE A 96 -5.11 4.43 -3.43
N ILE A 97 -5.59 5.31 -2.55
CA ILE A 97 -5.57 5.09 -1.12
C ILE A 97 -6.80 5.75 -0.50
N PRO A 98 -7.34 5.18 0.59
CA PRO A 98 -8.36 5.85 1.38
C PRO A 98 -7.71 7.09 2.00
N GLN A 99 -8.22 8.27 1.64
CA GLN A 99 -7.79 9.57 2.12
C GLN A 99 -9.04 10.39 2.44
N GLY A 100 -8.89 11.69 2.69
CA GLY A 100 -10.00 12.53 3.13
C GLY A 100 -9.57 13.93 3.54
N GLU A 101 -8.27 14.14 3.72
CA GLU A 101 -7.65 15.44 3.92
C GLU A 101 -6.61 15.58 2.80
N ILE A 102 -7.14 15.69 1.56
CA ILE A 102 -6.40 15.75 0.32
C ILE A 102 -7.05 16.76 -0.62
N ASP A 103 -6.93 18.00 -0.19
CA ASP A 103 -7.18 19.21 -0.96
C ASP A 103 -8.66 19.50 -1.16
N GLY A 1 -11.43 5.35 21.81
CA GLY A 1 -10.20 5.46 21.02
C GLY A 1 -9.65 4.09 20.70
N ALA A 2 -8.36 3.86 20.94
CA ALA A 2 -7.67 2.60 20.66
C ALA A 2 -6.70 2.23 21.78
N GLN A 3 -6.66 3.00 22.87
CA GLN A 3 -5.46 3.21 23.67
C GLN A 3 -4.35 3.80 22.77
N ASP A 4 -3.12 3.86 23.28
CA ASP A 4 -1.99 4.58 22.69
C ASP A 4 -0.75 3.70 22.56
N GLY A 5 -0.77 2.50 23.13
CA GLY A 5 0.42 1.77 23.53
C GLY A 5 1.09 0.98 22.40
N LYS A 6 1.29 1.58 21.23
CA LYS A 6 1.88 0.93 20.06
C LYS A 6 2.56 1.95 19.17
N GLU A 7 3.88 1.95 19.16
CA GLU A 7 4.81 2.80 18.42
C GLU A 7 5.08 2.25 17.02
N THR A 8 4.10 1.62 16.42
CA THR A 8 4.17 1.09 15.07
C THR A 8 2.87 1.47 14.36
N THR A 9 2.97 1.87 13.10
CA THR A 9 1.84 1.99 12.19
C THR A 9 1.44 0.59 11.71
N THR A 10 0.34 0.53 10.97
CA THR A 10 -0.08 -0.70 10.33
C THR A 10 -0.53 -0.38 8.91
N ILE A 11 -0.27 -1.30 7.97
CA ILE A 11 -0.50 -1.11 6.53
C ILE A 11 -1.48 -2.21 6.09
N ARG A 12 -2.10 -2.12 4.90
CA ARG A 12 -3.07 -3.10 4.42
C ARG A 12 -3.13 -3.08 2.90
N LEU A 13 -2.75 -4.16 2.24
CA LEU A 13 -2.58 -4.24 0.77
C LEU A 13 -3.74 -4.99 0.12
N ILE A 14 -4.71 -4.32 -0.51
CA ILE A 14 -5.85 -4.98 -1.15
C ILE A 14 -5.67 -4.98 -2.67
N ASN A 15 -5.90 -6.14 -3.30
CA ASN A 15 -5.68 -6.39 -4.73
C ASN A 15 -6.99 -6.37 -5.53
N GLN A 16 -7.68 -5.25 -5.65
CA GLN A 16 -9.05 -5.22 -6.20
C GLN A 16 -9.10 -5.29 -7.75
N THR A 17 -7.97 -5.51 -8.42
CA THR A 17 -7.86 -5.57 -9.87
C THR A 17 -8.27 -6.94 -10.43
N TYR A 18 -8.08 -7.11 -11.74
CA TYR A 18 -8.35 -8.34 -12.49
C TYR A 18 -7.14 -9.29 -12.65
N PHE A 19 -6.06 -9.08 -11.89
CA PHE A 19 -4.85 -9.89 -12.01
C PHE A 19 -4.40 -10.43 -10.65
N ASN A 20 -3.41 -11.32 -10.64
CA ASN A 20 -2.69 -11.73 -9.43
C ASN A 20 -1.37 -10.94 -9.39
N VAL A 21 -0.83 -10.72 -8.21
CA VAL A 21 0.47 -10.06 -8.00
C VAL A 21 1.26 -10.88 -6.98
N LYS A 22 2.59 -10.78 -7.02
CA LYS A 22 3.48 -11.78 -6.42
C LYS A 22 4.81 -11.21 -5.93
N ASN A 23 4.87 -9.89 -5.77
CA ASN A 23 6.12 -9.16 -5.52
C ASN A 23 5.82 -7.67 -5.20
N ILE A 24 4.81 -7.40 -4.38
CA ILE A 24 4.35 -6.03 -4.14
C ILE A 24 5.21 -5.46 -3.02
N LYS A 25 5.94 -4.38 -3.27
CA LYS A 25 6.79 -3.70 -2.30
C LYS A 25 6.10 -2.42 -1.83
N VAL A 26 6.18 -2.04 -0.54
CA VAL A 26 5.65 -0.75 -0.08
C VAL A 26 6.68 -0.06 0.78
N THR A 27 6.75 1.28 0.73
CA THR A 27 7.84 2.04 1.34
C THR A 27 7.24 3.23 2.12
N TRP A 28 7.19 3.21 3.45
CA TRP A 28 6.36 4.13 4.27
C TRP A 28 7.17 5.14 5.10
N ASN A 29 8.47 5.14 4.94
CA ASN A 29 9.45 5.98 5.59
C ASN A 29 10.69 5.92 4.69
N ASP A 30 11.64 6.80 4.96
CA ASP A 30 12.76 7.12 4.05
C ASP A 30 13.85 6.03 4.03
N GLY A 31 13.59 4.87 4.62
CA GLY A 31 14.45 3.69 4.62
C GLY A 31 13.71 2.47 5.17
N LYS A 32 12.47 2.24 4.70
CA LYS A 32 11.61 1.17 5.15
C LYS A 32 10.82 0.64 3.99
N GLU A 33 11.00 -0.63 3.61
CA GLU A 33 10.18 -1.33 2.64
C GLU A 33 9.73 -2.68 3.18
N GLN A 34 8.71 -3.22 2.51
CA GLN A 34 7.98 -4.42 2.83
C GLN A 34 7.63 -5.06 1.54
N THR A 35 7.85 -6.37 1.38
CA THR A 35 7.29 -7.06 0.24
C THR A 35 6.26 -8.07 0.70
N VAL A 36 5.17 -8.20 -0.07
CA VAL A 36 4.17 -9.25 0.06
C VAL A 36 4.57 -10.35 -0.91
N ASN A 37 4.52 -11.60 -0.44
CA ASN A 37 4.72 -12.77 -1.26
C ASN A 37 3.76 -12.77 -2.44
N THR A 38 2.46 -13.02 -2.22
CA THR A 38 1.49 -13.06 -3.30
C THR A 38 0.15 -12.49 -2.82
N LEU A 39 -0.68 -12.09 -3.76
CA LEU A 39 -2.03 -11.56 -3.55
C LEU A 39 -2.84 -12.07 -4.72
N GLY A 40 -3.81 -12.91 -4.41
CA GLY A 40 -4.79 -13.41 -5.35
C GLY A 40 -5.73 -12.30 -5.78
N SER A 41 -6.67 -12.61 -6.67
CA SER A 41 -7.67 -11.68 -7.14
C SER A 41 -8.52 -11.26 -5.94
N HIS A 42 -8.66 -9.94 -5.69
CA HIS A 42 -9.31 -9.38 -4.51
C HIS A 42 -8.70 -9.82 -3.17
N ASP A 43 -7.47 -10.36 -3.15
CA ASP A 43 -6.84 -10.73 -1.89
C ASP A 43 -6.49 -9.51 -1.06
N SER A 44 -6.20 -9.77 0.21
CA SER A 44 -5.88 -8.79 1.20
C SER A 44 -4.92 -9.36 2.25
N ILE A 45 -4.05 -8.50 2.79
CA ILE A 45 -3.03 -8.78 3.78
C ILE A 45 -2.72 -7.48 4.51
N ASP A 46 -2.48 -7.59 5.80
CA ASP A 46 -2.15 -6.55 6.74
C ASP A 46 -0.81 -6.89 7.33
N PHE A 47 0.02 -5.87 7.52
CA PHE A 47 1.28 -6.03 8.24
C PHE A 47 1.60 -4.79 9.09
N SER A 48 2.35 -5.03 10.17
CA SER A 48 2.96 -4.00 11.01
C SER A 48 4.02 -3.25 10.21
N SER A 49 4.59 -2.21 10.83
CA SER A 49 5.70 -1.45 10.33
C SER A 49 6.77 -1.41 11.44
N ASP A 50 7.82 -0.62 11.22
CA ASP A 50 8.93 -0.38 12.13
C ASP A 50 8.97 1.10 12.55
N ALA A 51 7.88 1.86 12.32
CA ALA A 51 7.81 3.31 12.55
C ALA A 51 6.43 3.68 13.10
N GLY A 52 6.38 4.46 14.18
CA GLY A 52 5.13 4.82 14.85
C GLY A 52 4.43 6.02 14.20
N SER A 53 5.04 6.65 13.19
CA SER A 53 4.38 7.65 12.38
C SER A 53 4.87 7.53 10.95
N VAL A 54 4.01 7.99 10.05
CA VAL A 54 4.14 7.96 8.60
C VAL A 54 3.37 9.17 8.09
N TYR A 55 3.89 9.76 7.01
CA TYR A 55 3.25 10.79 6.22
C TYR A 55 3.57 10.60 4.73
N LYS A 56 4.17 9.48 4.31
CA LYS A 56 4.56 9.24 2.91
C LYS A 56 4.44 7.75 2.63
N MET A 57 4.22 7.38 1.38
CA MET A 57 4.18 5.98 0.98
C MET A 57 4.56 5.88 -0.49
N ASP A 58 5.37 4.89 -0.84
CA ASP A 58 5.73 4.55 -2.22
C ASP A 58 5.47 3.06 -2.39
N VAL A 59 4.41 2.70 -3.12
CA VAL A 59 4.18 1.37 -3.62
C VAL A 59 5.04 1.16 -4.87
N THR A 60 5.51 -0.05 -5.10
CA THR A 60 6.24 -0.45 -6.29
C THR A 60 6.01 -1.96 -6.40
N GLY A 61 5.30 -2.41 -7.42
CA GLY A 61 4.97 -3.81 -7.61
C GLY A 61 4.81 -4.18 -9.08
N THR A 62 4.54 -5.46 -9.34
CA THR A 62 4.44 -6.00 -10.69
C THR A 62 3.32 -7.05 -10.77
N THR A 63 2.46 -6.94 -11.78
CA THR A 63 1.39 -7.87 -12.11
C THR A 63 1.92 -9.21 -12.60
N GLN A 64 1.03 -10.18 -12.76
CA GLN A 64 1.29 -11.46 -13.41
C GLN A 64 1.85 -11.30 -14.83
N SER A 65 1.41 -10.27 -15.57
CA SER A 65 1.95 -9.97 -16.89
C SER A 65 3.37 -9.42 -16.85
N GLY A 66 3.90 -9.04 -15.67
CA GLY A 66 5.13 -8.30 -15.61
C GLY A 66 4.93 -6.82 -15.92
N GLU A 67 3.70 -6.31 -15.88
CA GLU A 67 3.45 -4.87 -15.90
C GLU A 67 3.67 -4.36 -14.51
N LYS A 68 4.39 -3.26 -14.43
CA LYS A 68 4.77 -2.68 -13.18
C LYS A 68 3.72 -1.66 -12.79
N PHE A 69 3.69 -1.32 -11.51
CA PHE A 69 2.86 -0.25 -10.98
C PHE A 69 3.59 0.38 -9.81
N THR A 70 3.65 1.71 -9.78
CA THR A 70 4.08 2.45 -8.61
C THR A 70 2.90 3.23 -8.02
N GLY A 71 3.05 3.69 -6.78
CA GLY A 71 2.06 4.50 -6.08
C GLY A 71 2.77 5.43 -5.14
N HIS A 72 3.19 6.61 -5.61
CA HIS A 72 3.94 7.58 -4.81
C HIS A 72 2.95 8.57 -4.18
N PHE A 73 3.00 8.71 -2.85
CA PHE A 73 2.08 9.49 -2.02
C PHE A 73 2.84 10.28 -0.96
N LYS A 74 2.27 11.41 -0.54
CA LYS A 74 2.77 12.25 0.55
C LYS A 74 1.61 12.74 1.42
N GLY A 75 1.96 13.44 2.50
CA GLY A 75 1.10 14.07 3.48
C GLY A 75 -0.04 13.17 3.93
N LEU A 76 0.30 11.92 4.24
CA LEU A 76 -0.62 10.95 4.81
C LEU A 76 -0.90 11.32 6.27
N VAL A 77 -2.06 10.90 6.78
CA VAL A 77 -2.58 11.28 8.10
C VAL A 77 -2.72 10.05 9.00
N GLY A 78 -3.02 10.25 10.29
CA GLY A 78 -3.34 9.19 11.25
C GLY A 78 -2.22 8.16 11.43
N LYS A 79 -2.53 6.98 11.97
CA LYS A 79 -1.57 5.92 12.36
C LYS A 79 -1.87 4.56 11.71
N ASP A 80 -2.64 4.51 10.63
CA ASP A 80 -2.71 3.32 9.76
C ASP A 80 -2.69 3.69 8.27
N THR A 81 -2.64 2.70 7.40
CA THR A 81 -2.69 2.86 5.95
C THR A 81 -3.39 1.66 5.31
N ARG A 82 -4.09 1.90 4.19
CA ARG A 82 -4.54 0.88 3.23
C ARG A 82 -3.98 1.21 1.87
N VAL A 83 -4.22 0.33 0.89
CA VAL A 83 -3.82 0.48 -0.50
C VAL A 83 -4.95 -0.12 -1.31
N PHE A 84 -5.55 0.68 -2.18
CA PHE A 84 -6.55 0.20 -3.13
C PHE A 84 -5.84 0.08 -4.49
N ILE A 85 -5.38 -1.12 -4.81
CA ILE A 85 -4.91 -1.47 -6.15
C ILE A 85 -6.19 -1.63 -6.96
N GLU A 86 -6.35 -0.82 -8.01
CA GLU A 86 -7.50 -0.77 -8.91
C GLU A 86 -7.00 -0.29 -10.29
N LEU A 87 -7.87 -0.32 -11.31
CA LEU A 87 -7.55 0.11 -12.68
C LEU A 87 -8.38 1.34 -13.01
N ASP A 88 -7.90 2.15 -13.96
CA ASP A 88 -8.60 3.30 -14.51
C ASP A 88 -8.01 3.66 -15.88
N GLU A 89 -8.40 4.79 -16.47
CA GLU A 89 -7.92 5.43 -17.70
C GLU A 89 -8.17 4.60 -18.96
N ASN A 90 -7.57 3.42 -19.05
CA ASN A 90 -7.65 2.49 -20.18
C ASN A 90 -7.56 1.06 -19.65
N ALA A 91 -8.12 0.80 -18.45
CA ALA A 91 -7.88 -0.37 -17.61
C ALA A 91 -6.37 -0.58 -17.35
N ASP A 92 -5.63 0.51 -17.22
CA ASP A 92 -4.20 0.49 -16.89
C ASP A 92 -4.05 0.32 -15.39
N VAL A 93 -2.82 0.05 -14.97
CA VAL A 93 -2.57 -0.14 -13.56
C VAL A 93 -2.15 1.17 -12.89
N GLN A 94 -2.94 1.60 -11.91
CA GLN A 94 -2.60 2.69 -10.98
C GLN A 94 -2.78 2.19 -9.55
N VAL A 95 -2.45 3.02 -8.57
CA VAL A 95 -2.61 2.74 -7.15
C VAL A 95 -3.44 3.89 -6.59
N PHE A 96 -4.44 3.54 -5.81
CA PHE A 96 -5.29 4.47 -5.11
C PHE A 96 -5.19 4.21 -3.62
N ILE A 97 -5.72 5.13 -2.82
CA ILE A 97 -5.80 5.00 -1.37
C ILE A 97 -7.03 5.72 -0.85
N PRO A 98 -7.66 5.21 0.21
CA PRO A 98 -8.68 5.96 0.92
C PRO A 98 -8.02 7.21 1.53
N GLN A 99 -8.47 8.40 1.11
CA GLN A 99 -7.97 9.70 1.56
C GLN A 99 -9.16 10.65 1.79
N GLY A 100 -8.89 11.89 2.16
CA GLY A 100 -9.87 12.96 2.23
C GLY A 100 -9.34 14.15 3.03
N GLU A 101 -8.63 13.88 4.12
CA GLU A 101 -7.97 14.86 4.98
C GLU A 101 -6.66 15.34 4.34
N ILE A 102 -6.67 15.66 3.04
CA ILE A 102 -5.52 15.97 2.22
C ILE A 102 -5.76 17.31 1.54
N ASP A 103 -5.06 18.33 2.04
CA ASP A 103 -4.82 19.61 1.39
C ASP A 103 -3.45 19.60 0.69
N GLY A 1 12.69 1.16 26.78
CA GLY A 1 11.48 0.34 26.77
C GLY A 1 10.40 0.91 27.67
N ALA A 2 9.34 1.47 27.09
CA ALA A 2 8.14 1.87 27.82
C ALA A 2 7.40 0.63 28.36
N GLN A 3 6.27 0.85 29.02
CA GLN A 3 5.31 -0.20 29.39
C GLN A 3 3.95 0.07 28.76
N ASP A 4 3.88 0.97 27.76
CA ASP A 4 2.66 1.31 27.01
C ASP A 4 2.99 1.66 25.55
N GLY A 5 4.13 1.19 25.03
CA GLY A 5 4.61 1.53 23.69
C GLY A 5 3.84 0.73 22.64
N LYS A 6 2.61 1.15 22.31
CA LYS A 6 1.72 0.45 21.38
C LYS A 6 0.83 1.44 20.63
N GLU A 7 1.44 2.27 19.80
CA GLU A 7 0.78 3.40 19.16
C GLU A 7 1.23 3.52 17.70
N THR A 8 1.45 2.38 17.04
CA THR A 8 1.90 2.31 15.66
C THR A 8 0.74 2.44 14.66
N THR A 9 1.08 2.60 13.38
CA THR A 9 0.12 2.50 12.29
C THR A 9 -0.21 1.05 11.94
N THR A 10 -1.05 0.90 10.93
CA THR A 10 -1.27 -0.35 10.24
C THR A 10 -1.30 -0.08 8.73
N ILE A 11 -1.26 -1.12 7.87
CA ILE A 11 -1.40 -1.04 6.43
C ILE A 11 -2.39 -2.15 6.01
N ARG A 12 -3.09 -2.00 4.87
CA ARG A 12 -3.75 -3.13 4.18
C ARG A 12 -3.69 -2.87 2.68
N LEU A 13 -3.09 -3.81 1.95
CA LEU A 13 -3.07 -3.84 0.49
C LEU A 13 -4.30 -4.63 0.04
N ILE A 14 -5.03 -4.11 -0.95
CA ILE A 14 -6.10 -4.81 -1.63
C ILE A 14 -5.79 -4.79 -3.13
N ASN A 15 -5.64 -5.98 -3.73
CA ASN A 15 -5.48 -6.15 -5.15
C ASN A 15 -6.79 -6.00 -5.95
N GLN A 16 -7.36 -4.80 -6.04
CA GLN A 16 -8.68 -4.54 -6.63
C GLN A 16 -8.62 -4.52 -8.18
N THR A 17 -8.01 -5.54 -8.76
CA THR A 17 -7.66 -5.65 -10.18
C THR A 17 -7.87 -7.07 -10.71
N TYR A 18 -7.80 -7.18 -12.03
CA TYR A 18 -8.04 -8.38 -12.82
C TYR A 18 -6.84 -9.34 -12.90
N PHE A 19 -5.78 -9.11 -12.11
CA PHE A 19 -4.55 -9.88 -12.19
C PHE A 19 -4.10 -10.38 -10.82
N ASN A 20 -3.05 -11.21 -10.80
CA ASN A 20 -2.28 -11.57 -9.61
C ASN A 20 -1.00 -10.72 -9.54
N VAL A 21 -0.43 -10.50 -8.36
CA VAL A 21 0.85 -9.80 -8.16
C VAL A 21 1.68 -10.59 -7.15
N LYS A 22 3.00 -10.64 -7.32
CA LYS A 22 3.87 -11.59 -6.61
C LYS A 22 5.11 -10.96 -6.02
N ASN A 23 5.10 -9.63 -5.88
CA ASN A 23 6.26 -8.83 -5.52
C ASN A 23 5.85 -7.37 -5.33
N ILE A 24 4.88 -7.09 -4.46
CA ILE A 24 4.51 -5.72 -4.12
C ILE A 24 5.49 -5.25 -3.05
N LYS A 25 6.45 -4.39 -3.39
CA LYS A 25 7.18 -3.62 -2.39
C LYS A 25 6.36 -2.39 -2.08
N VAL A 26 6.16 -2.08 -0.79
CA VAL A 26 5.47 -0.89 -0.32
C VAL A 26 6.36 -0.18 0.70
N THR A 27 6.26 1.14 0.79
CA THR A 27 7.00 1.98 1.74
C THR A 27 5.98 2.94 2.36
N TRP A 28 6.22 3.43 3.57
CA TRP A 28 5.31 4.33 4.28
C TRP A 28 6.10 5.39 5.07
N ASN A 29 7.35 5.57 4.67
CA ASN A 29 8.34 6.32 5.41
C ASN A 29 9.58 6.50 4.54
N ASP A 30 10.66 6.99 5.14
CA ASP A 30 11.94 7.12 4.50
C ASP A 30 12.81 5.95 4.93
N GLY A 31 12.81 4.90 4.12
CA GLY A 31 13.67 3.73 4.32
C GLY A 31 13.07 2.69 5.27
N LYS A 32 11.74 2.61 5.36
CA LYS A 32 11.01 1.54 5.98
C LYS A 32 9.99 1.09 4.95
N GLU A 33 10.28 -0.03 4.33
CA GLU A 33 9.47 -0.71 3.34
C GLU A 33 9.31 -2.17 3.74
N GLN A 34 8.32 -2.86 3.16
CA GLN A 34 8.16 -4.31 3.26
C GLN A 34 7.51 -4.85 1.98
N THR A 35 7.40 -6.17 1.83
CA THR A 35 6.77 -6.78 0.67
C THR A 35 5.83 -7.89 1.10
N VAL A 36 4.75 -8.07 0.34
CA VAL A 36 3.86 -9.21 0.44
C VAL A 36 4.57 -10.39 -0.23
N ASN A 37 4.10 -11.62 0.01
CA ASN A 37 4.43 -12.81 -0.77
C ASN A 37 3.77 -12.71 -2.16
N THR A 38 2.50 -13.09 -2.30
CA THR A 38 1.68 -12.91 -3.48
C THR A 38 0.32 -12.38 -3.02
N LEU A 39 -0.42 -11.76 -3.95
CA LEU A 39 -1.76 -11.25 -3.76
C LEU A 39 -2.63 -11.68 -4.95
N GLY A 40 -3.67 -12.47 -4.67
CA GLY A 40 -4.70 -12.91 -5.62
C GLY A 40 -5.49 -11.77 -6.26
N SER A 41 -6.32 -12.00 -7.29
CA SER A 41 -7.20 -10.95 -7.78
C SER A 41 -8.34 -10.72 -6.79
N HIS A 42 -8.63 -9.44 -6.50
CA HIS A 42 -9.54 -8.96 -5.46
C HIS A 42 -9.14 -9.35 -4.03
N ASP A 43 -8.01 -10.02 -3.85
CA ASP A 43 -7.54 -10.43 -2.53
C ASP A 43 -7.07 -9.23 -1.73
N SER A 44 -6.70 -9.47 -0.47
CA SER A 44 -6.19 -8.43 0.41
C SER A 44 -5.33 -9.01 1.52
N ILE A 45 -4.40 -8.20 2.04
CA ILE A 45 -3.59 -8.55 3.19
C ILE A 45 -3.27 -7.28 3.96
N ASP A 46 -3.27 -7.42 5.27
CA ASP A 46 -2.91 -6.42 6.23
C ASP A 46 -1.59 -6.82 6.86
N PHE A 47 -0.82 -5.80 7.26
CA PHE A 47 0.39 -5.96 8.03
C PHE A 47 0.55 -4.77 8.96
N SER A 48 1.35 -4.96 10.01
CA SER A 48 1.78 -3.91 10.90
C SER A 48 2.72 -2.97 10.14
N SER A 49 3.03 -1.83 10.76
CA SER A 49 4.07 -0.92 10.33
C SER A 49 4.83 -0.47 11.58
N ASP A 50 6.14 -0.26 11.45
CA ASP A 50 7.08 -0.05 12.56
C ASP A 50 7.27 1.45 12.83
N ALA A 51 6.20 2.24 12.63
CA ALA A 51 6.21 3.69 12.72
C ALA A 51 4.93 4.15 13.41
N GLY A 52 4.97 5.34 14.01
CA GLY A 52 3.90 5.88 14.84
C GLY A 52 2.88 6.71 14.05
N SER A 53 3.20 7.10 12.82
CA SER A 53 2.32 7.80 11.90
C SER A 53 2.91 7.69 10.50
N VAL A 54 2.13 8.04 9.48
CA VAL A 54 2.53 8.00 8.08
C VAL A 54 2.00 9.26 7.41
N TYR A 55 2.80 9.86 6.54
CA TYR A 55 2.41 11.00 5.72
C TYR A 55 2.84 10.87 4.25
N LYS A 56 3.51 9.78 3.88
CA LYS A 56 3.87 9.48 2.49
C LYS A 56 3.86 7.97 2.30
N MET A 57 3.76 7.51 1.06
CA MET A 57 3.85 6.09 0.72
C MET A 57 4.56 6.00 -0.62
N ASP A 58 5.36 4.95 -0.79
CA ASP A 58 6.17 4.74 -1.98
C ASP A 58 6.01 3.26 -2.33
N VAL A 59 5.13 2.92 -3.27
CA VAL A 59 4.90 1.53 -3.67
C VAL A 59 5.42 1.28 -5.07
N THR A 60 5.77 0.03 -5.34
CA THR A 60 6.42 -0.44 -6.55
C THR A 60 6.16 -1.95 -6.57
N GLY A 61 5.13 -2.37 -7.32
CA GLY A 61 4.76 -3.77 -7.48
C GLY A 61 4.65 -4.16 -8.94
N THR A 62 4.58 -5.46 -9.24
CA THR A 62 4.54 -5.96 -10.62
C THR A 62 3.54 -7.11 -10.74
N THR A 63 2.71 -7.08 -11.77
CA THR A 63 1.64 -8.02 -12.06
C THR A 63 2.16 -9.33 -12.66
N GLN A 64 1.27 -10.33 -12.76
CA GLN A 64 1.47 -11.58 -13.49
C GLN A 64 1.92 -11.30 -14.93
N SER A 65 1.32 -10.30 -15.59
CA SER A 65 1.67 -9.82 -16.91
C SER A 65 3.04 -9.12 -16.97
N GLY A 66 3.76 -8.98 -15.87
CA GLY A 66 5.04 -8.29 -15.85
C GLY A 66 4.88 -6.78 -16.01
N GLU A 67 3.70 -6.23 -15.76
CA GLU A 67 3.48 -4.79 -15.77
C GLU A 67 3.77 -4.28 -14.38
N LYS A 68 4.37 -3.11 -14.27
CA LYS A 68 4.76 -2.54 -13.01
C LYS A 68 3.84 -1.36 -12.72
N PHE A 69 3.59 -1.14 -11.45
CA PHE A 69 2.79 -0.03 -10.94
C PHE A 69 3.48 0.55 -9.71
N THR A 70 3.29 1.84 -9.48
CA THR A 70 3.79 2.56 -8.34
C THR A 70 2.73 3.52 -7.84
N GLY A 71 2.92 3.93 -6.60
CA GLY A 71 2.11 4.94 -5.95
C GLY A 71 3.08 5.75 -5.12
N HIS A 72 3.46 6.91 -5.64
CA HIS A 72 4.34 7.85 -4.98
C HIS A 72 3.44 8.93 -4.41
N PHE A 73 3.11 8.80 -3.12
CA PHE A 73 2.07 9.56 -2.46
C PHE A 73 2.69 10.40 -1.36
N LYS A 74 2.15 11.60 -1.18
CA LYS A 74 2.49 12.53 -0.09
C LYS A 74 1.19 13.07 0.49
N GLY A 75 1.29 13.79 1.61
CA GLY A 75 0.16 14.48 2.19
C GLY A 75 -0.86 13.51 2.77
N LEU A 76 -0.39 12.45 3.45
CA LEU A 76 -1.28 11.45 4.00
C LEU A 76 -1.56 11.75 5.47
N VAL A 77 -2.73 11.32 5.94
CA VAL A 77 -3.15 11.42 7.34
C VAL A 77 -3.83 10.11 7.74
N GLY A 78 -4.02 9.93 9.05
CA GLY A 78 -4.72 8.81 9.64
C GLY A 78 -3.75 7.73 10.10
N LYS A 79 -4.17 6.89 11.04
CA LYS A 79 -3.35 5.87 11.68
C LYS A 79 -3.25 4.58 10.87
N ASP A 80 -3.81 4.55 9.67
CA ASP A 80 -3.88 3.38 8.80
C ASP A 80 -3.73 3.84 7.36
N THR A 81 -3.36 2.93 6.48
CA THR A 81 -3.01 3.22 5.10
C THR A 81 -3.47 2.06 4.22
N ARG A 82 -4.65 2.22 3.61
CA ARG A 82 -5.17 1.28 2.64
C ARG A 82 -4.72 1.67 1.26
N VAL A 83 -4.61 0.68 0.40
CA VAL A 83 -4.01 0.84 -0.91
C VAL A 83 -4.89 0.09 -1.89
N PHE A 84 -5.48 0.82 -2.84
CA PHE A 84 -6.38 0.24 -3.83
C PHE A 84 -5.59 0.15 -5.14
N ILE A 85 -5.09 -1.04 -5.47
CA ILE A 85 -4.52 -1.28 -6.80
C ILE A 85 -5.75 -1.46 -7.68
N GLU A 86 -6.02 -0.51 -8.57
CA GLU A 86 -7.09 -0.54 -9.56
C GLU A 86 -6.45 -0.17 -10.90
N LEU A 87 -7.22 -0.25 -11.98
CA LEU A 87 -6.77 0.17 -13.30
C LEU A 87 -7.17 1.62 -13.50
N ASP A 88 -6.73 2.23 -14.60
CA ASP A 88 -7.55 3.24 -15.26
C ASP A 88 -7.27 3.24 -16.76
N GLU A 89 -7.79 4.24 -17.48
CA GLU A 89 -7.70 4.48 -18.92
C GLU A 89 -8.00 3.30 -19.84
N ASN A 90 -7.09 2.35 -19.94
CA ASN A 90 -6.99 1.37 -21.02
C ASN A 90 -6.42 0.06 -20.49
N ALA A 91 -6.78 -0.29 -19.25
CA ALA A 91 -6.17 -1.33 -18.43
C ALA A 91 -4.65 -1.11 -18.30
N ASP A 92 -4.26 0.11 -17.95
CA ASP A 92 -2.92 0.33 -17.38
C ASP A 92 -3.10 0.39 -15.87
N VAL A 93 -2.10 -0.10 -15.15
CA VAL A 93 -2.21 -0.27 -13.72
C VAL A 93 -1.76 1.01 -13.02
N GLN A 94 -2.72 1.67 -12.35
CA GLN A 94 -2.47 2.82 -11.50
C GLN A 94 -2.38 2.35 -10.04
N VAL A 95 -2.30 3.29 -9.10
CA VAL A 95 -2.48 2.99 -7.69
C VAL A 95 -3.31 4.12 -7.10
N PHE A 96 -4.36 3.74 -6.39
CA PHE A 96 -5.28 4.62 -5.71
C PHE A 96 -5.22 4.36 -4.21
N ILE A 97 -5.82 5.26 -3.45
CA ILE A 97 -5.92 5.19 -2.01
C ILE A 97 -7.18 5.93 -1.58
N PRO A 98 -7.89 5.46 -0.55
CA PRO A 98 -9.04 6.17 -0.02
C PRO A 98 -8.57 7.34 0.86
N GLN A 99 -8.16 8.44 0.23
CA GLN A 99 -7.91 9.73 0.86
C GLN A 99 -9.18 10.58 0.75
N GLY A 100 -9.17 11.77 1.35
CA GLY A 100 -10.39 12.56 1.54
C GLY A 100 -10.16 13.82 2.36
N GLU A 101 -9.00 13.89 2.99
CA GLU A 101 -8.57 14.93 3.89
C GLU A 101 -7.13 15.22 3.45
N ILE A 102 -7.00 15.72 2.22
CA ILE A 102 -5.75 15.85 1.50
C ILE A 102 -5.72 17.24 0.83
N ASP A 103 -5.42 18.22 1.67
CA ASP A 103 -5.34 19.64 1.37
C ASP A 103 -6.65 20.17 0.77
N GLY A 1 4.94 8.22 25.00
CA GLY A 1 5.38 6.89 25.44
C GLY A 1 6.88 6.87 25.63
N ALA A 2 7.56 5.91 24.99
CA ALA A 2 8.99 5.62 25.09
C ALA A 2 9.56 5.28 23.70
N GLN A 3 8.94 5.82 22.64
CA GLN A 3 9.16 5.50 21.22
C GLN A 3 8.78 4.05 20.82
N ASP A 4 8.36 3.18 21.75
CA ASP A 4 8.14 1.76 21.47
C ASP A 4 6.92 1.22 22.22
N GLY A 5 5.96 2.11 22.45
CA GLY A 5 4.70 1.84 23.12
C GLY A 5 3.75 1.04 22.26
N LYS A 6 2.45 1.39 22.31
CA LYS A 6 1.39 0.64 21.65
C LYS A 6 0.52 1.56 20.79
N GLU A 7 1.12 2.48 20.04
CA GLU A 7 0.41 3.51 19.26
C GLU A 7 0.76 3.45 17.77
N THR A 8 1.18 2.28 17.31
CA THR A 8 1.69 2.01 15.95
C THR A 8 0.55 2.02 14.91
N THR A 9 0.90 2.08 13.63
CA THR A 9 -0.01 2.16 12.48
C THR A 9 -0.39 0.78 11.93
N THR A 10 -1.21 0.74 10.87
CA THR A 10 -1.48 -0.47 10.10
C THR A 10 -1.59 -0.11 8.61
N ILE A 11 -1.45 -1.10 7.70
CA ILE A 11 -1.55 -0.91 6.26
C ILE A 11 -2.45 -2.02 5.71
N ARG A 12 -3.19 -1.75 4.62
CA ARG A 12 -4.13 -2.70 4.03
C ARG A 12 -4.04 -2.65 2.52
N LEU A 13 -3.70 -3.77 1.88
CA LEU A 13 -3.48 -3.86 0.44
C LEU A 13 -4.68 -4.57 -0.19
N ILE A 14 -5.31 -3.95 -1.19
CA ILE A 14 -6.47 -4.51 -1.87
C ILE A 14 -6.22 -4.54 -3.39
N ASN A 15 -6.14 -5.75 -3.94
CA ASN A 15 -5.85 -5.99 -5.35
C ASN A 15 -7.07 -5.81 -6.29
N GLN A 16 -7.66 -4.61 -6.34
CA GLN A 16 -8.92 -4.25 -7.02
C GLN A 16 -8.83 -4.22 -8.57
N THR A 17 -8.13 -5.18 -9.16
CA THR A 17 -7.75 -5.27 -10.56
C THR A 17 -8.28 -6.58 -11.16
N TYR A 18 -7.81 -6.93 -12.36
CA TYR A 18 -8.17 -8.15 -13.07
C TYR A 18 -7.10 -9.26 -13.00
N PHE A 19 -6.03 -9.07 -12.21
CA PHE A 19 -4.77 -9.80 -12.31
C PHE A 19 -4.53 -10.59 -11.01
N ASN A 20 -3.30 -11.04 -10.77
CA ASN A 20 -2.81 -11.57 -9.48
C ASN A 20 -1.43 -10.93 -9.27
N VAL A 21 -0.96 -10.76 -8.02
CA VAL A 21 0.33 -10.12 -7.75
C VAL A 21 1.14 -10.92 -6.74
N LYS A 22 2.47 -10.95 -6.90
CA LYS A 22 3.35 -11.91 -6.22
C LYS A 22 4.66 -11.32 -5.72
N ASN A 23 4.71 -10.00 -5.64
CA ASN A 23 5.97 -9.26 -5.53
C ASN A 23 5.65 -7.80 -5.28
N ILE A 24 4.95 -7.50 -4.19
CA ILE A 24 4.46 -6.18 -3.85
C ILE A 24 5.37 -5.60 -2.78
N LYS A 25 6.24 -4.67 -3.18
CA LYS A 25 6.93 -3.83 -2.23
C LYS A 25 6.02 -2.67 -1.88
N VAL A 26 5.96 -2.34 -0.59
CA VAL A 26 5.29 -1.15 -0.09
C VAL A 26 6.23 -0.50 0.95
N THR A 27 6.29 0.84 1.05
CA THR A 27 7.21 1.56 1.93
C THR A 27 6.48 2.78 2.50
N TRP A 28 6.26 2.82 3.81
CA TRP A 28 5.41 3.82 4.51
C TRP A 28 6.24 4.84 5.30
N ASN A 29 7.53 4.90 5.00
CA ASN A 29 8.50 5.70 5.73
C ASN A 29 9.82 5.77 4.98
N ASP A 30 10.82 6.40 5.56
CA ASP A 30 12.12 6.64 4.94
C ASP A 30 13.04 5.46 5.24
N GLY A 31 12.63 4.27 4.79
CA GLY A 31 13.37 3.04 4.97
C GLY A 31 12.59 1.94 5.68
N LYS A 32 11.41 2.23 6.26
CA LYS A 32 10.58 1.21 6.89
C LYS A 32 9.67 0.60 5.83
N GLU A 33 9.82 -0.71 5.58
CA GLU A 33 9.07 -1.44 4.56
C GLU A 33 8.80 -2.89 4.96
N GLN A 34 8.06 -3.59 4.11
CA GLN A 34 7.94 -5.05 4.05
C GLN A 34 7.44 -5.44 2.65
N THR A 35 7.38 -6.74 2.35
CA THR A 35 6.97 -7.27 1.06
C THR A 35 5.84 -8.28 1.25
N VAL A 36 4.88 -8.35 0.33
CA VAL A 36 3.75 -9.27 0.43
C VAL A 36 4.05 -10.45 -0.50
N ASN A 37 3.91 -11.69 0.00
CA ASN A 37 4.23 -12.87 -0.78
C ASN A 37 3.41 -12.94 -2.07
N THR A 38 2.09 -13.03 -1.96
CA THR A 38 1.16 -12.94 -3.09
C THR A 38 -0.14 -12.32 -2.55
N LEU A 39 -0.91 -11.68 -3.41
CA LEU A 39 -2.27 -11.24 -3.18
C LEU A 39 -3.07 -11.78 -4.34
N GLY A 40 -4.17 -12.47 -4.02
CA GLY A 40 -5.10 -13.06 -4.96
C GLY A 40 -5.88 -12.05 -5.79
N SER A 41 -7.08 -12.44 -6.21
CA SER A 41 -7.86 -11.72 -7.21
C SER A 41 -8.96 -10.93 -6.50
N HIS A 42 -9.01 -9.61 -6.72
CA HIS A 42 -9.90 -8.66 -6.04
C HIS A 42 -9.73 -8.61 -4.51
N ASP A 43 -8.68 -9.27 -4.02
CA ASP A 43 -8.56 -9.76 -2.67
C ASP A 43 -7.99 -8.67 -1.78
N SER A 44 -7.79 -9.00 -0.51
CA SER A 44 -7.19 -8.10 0.46
C SER A 44 -6.29 -8.87 1.42
N ILE A 45 -5.33 -8.16 2.02
CA ILE A 45 -4.53 -8.55 3.17
C ILE A 45 -4.23 -7.26 3.94
N ASP A 46 -3.88 -7.40 5.22
CA ASP A 46 -3.43 -6.31 6.07
C ASP A 46 -2.28 -6.83 6.92
N PHE A 47 -1.36 -5.91 7.21
CA PHE A 47 -0.16 -6.15 8.00
C PHE A 47 0.18 -4.91 8.81
N SER A 48 1.01 -5.09 9.83
CA SER A 48 1.35 -4.07 10.79
C SER A 48 2.68 -3.44 10.40
N SER A 49 2.68 -2.11 10.25
CA SER A 49 3.88 -1.29 10.25
C SER A 49 4.56 -1.31 11.63
N ASP A 50 5.75 -0.72 11.70
CA ASP A 50 6.61 -0.69 12.89
C ASP A 50 6.88 0.77 13.28
N ALA A 51 6.01 1.69 12.82
CA ALA A 51 6.18 3.15 12.89
C ALA A 51 4.93 3.77 13.53
N GLY A 52 5.14 4.75 14.42
CA GLY A 52 4.08 5.44 15.17
C GLY A 52 3.16 6.33 14.33
N SER A 53 3.47 6.56 13.06
CA SER A 53 2.64 7.30 12.11
C SER A 53 3.26 7.21 10.70
N VAL A 54 2.44 7.44 9.67
CA VAL A 54 2.76 7.30 8.26
C VAL A 54 2.19 8.52 7.54
N TYR A 55 3.06 9.45 7.15
CA TYR A 55 2.69 10.61 6.34
C TYR A 55 3.11 10.48 4.87
N LYS A 56 3.61 9.32 4.42
CA LYS A 56 4.00 9.07 3.02
C LYS A 56 3.95 7.58 2.72
N MET A 57 3.74 7.20 1.46
CA MET A 57 3.66 5.81 1.05
C MET A 57 4.19 5.70 -0.37
N ASP A 58 5.17 4.85 -0.60
CA ASP A 58 5.80 4.58 -1.91
C ASP A 58 5.61 3.10 -2.18
N VAL A 59 4.79 2.78 -3.18
CA VAL A 59 4.39 1.43 -3.57
C VAL A 59 4.94 1.10 -4.94
N THR A 60 5.31 -0.16 -5.18
CA THR A 60 6.00 -0.55 -6.41
C THR A 60 6.00 -2.08 -6.49
N GLY A 61 5.13 -2.64 -7.33
CA GLY A 61 4.98 -4.08 -7.49
C GLY A 61 4.56 -4.44 -8.91
N THR A 62 4.43 -5.74 -9.20
CA THR A 62 4.28 -6.29 -10.54
C THR A 62 3.10 -7.27 -10.64
N THR A 63 2.38 -7.27 -11.76
CA THR A 63 1.26 -8.16 -12.08
C THR A 63 1.75 -9.52 -12.53
N GLN A 64 0.83 -10.47 -12.68
CA GLN A 64 1.05 -11.72 -13.37
C GLN A 64 1.62 -11.44 -14.76
N SER A 65 1.02 -10.50 -15.51
CA SER A 65 1.47 -10.05 -16.82
C SER A 65 2.80 -9.28 -16.80
N GLY A 66 3.45 -9.12 -15.64
CA GLY A 66 4.74 -8.45 -15.59
C GLY A 66 4.61 -6.94 -15.69
N GLU A 67 3.40 -6.38 -15.53
CA GLU A 67 3.21 -4.94 -15.57
C GLU A 67 3.50 -4.43 -14.19
N LYS A 68 3.90 -3.18 -14.10
CA LYS A 68 4.37 -2.59 -12.88
C LYS A 68 3.54 -1.39 -12.53
N PHE A 69 2.85 -1.55 -11.41
CA PHE A 69 2.10 -0.54 -10.75
C PHE A 69 3.10 0.26 -9.89
N THR A 70 2.94 1.57 -9.72
CA THR A 70 3.60 2.30 -8.65
C THR A 70 2.62 3.27 -8.01
N GLY A 71 2.94 3.67 -6.77
CA GLY A 71 2.11 4.56 -5.97
C GLY A 71 2.97 5.46 -5.12
N HIS A 72 3.34 6.63 -5.64
CA HIS A 72 4.32 7.53 -5.01
C HIS A 72 3.64 8.71 -4.29
N PHE A 73 3.19 8.50 -3.05
CA PHE A 73 2.32 9.42 -2.30
C PHE A 73 3.02 10.10 -1.13
N LYS A 74 2.56 11.30 -0.76
CA LYS A 74 3.04 12.06 0.39
C LYS A 74 1.86 12.79 1.07
N GLY A 75 2.11 13.46 2.18
CA GLY A 75 1.15 14.35 2.81
C GLY A 75 0.04 13.63 3.57
N LEU A 76 0.26 12.38 3.98
CA LEU A 76 -0.80 11.53 4.49
C LEU A 76 -1.11 11.90 5.95
N VAL A 77 -2.24 11.38 6.41
CA VAL A 77 -2.85 11.50 7.73
C VAL A 77 -3.60 10.19 8.03
N GLY A 78 -3.95 9.97 9.29
CA GLY A 78 -4.70 8.80 9.73
C GLY A 78 -3.78 7.63 10.04
N LYS A 79 -4.24 6.72 10.89
CA LYS A 79 -3.42 5.68 11.53
C LYS A 79 -3.39 4.36 10.75
N ASP A 80 -4.05 4.33 9.62
CA ASP A 80 -4.03 3.22 8.67
C ASP A 80 -3.56 3.74 7.32
N THR A 81 -3.14 2.87 6.43
CA THR A 81 -2.80 3.22 5.06
C THR A 81 -3.32 2.15 4.10
N ARG A 82 -4.49 2.38 3.49
CA ARG A 82 -4.96 1.51 2.41
C ARG A 82 -4.14 1.76 1.16
N VAL A 83 -4.24 0.81 0.25
CA VAL A 83 -3.74 0.87 -1.11
C VAL A 83 -4.89 0.27 -1.96
N PHE A 84 -5.57 1.11 -2.74
CA PHE A 84 -6.44 0.64 -3.82
C PHE A 84 -5.53 0.41 -5.03
N ILE A 85 -5.70 -0.69 -5.76
CA ILE A 85 -4.87 -1.01 -6.92
C ILE A 85 -5.83 -1.08 -8.09
N GLU A 86 -5.63 -0.26 -9.13
CA GLU A 86 -6.42 -0.26 -10.36
C GLU A 86 -5.63 0.29 -11.55
N LEU A 87 -6.23 0.20 -12.74
CA LEU A 87 -5.62 0.57 -14.03
C LEU A 87 -6.16 1.93 -14.45
N ASP A 88 -5.30 2.77 -15.02
CA ASP A 88 -5.69 4.04 -15.64
C ASP A 88 -4.90 4.19 -16.95
N GLU A 89 -5.10 5.31 -17.64
CA GLU A 89 -4.26 5.85 -18.71
C GLU A 89 -4.39 5.01 -19.99
N ASN A 90 -3.74 3.85 -20.01
CA ASN A 90 -3.49 3.00 -21.17
C ASN A 90 -3.42 1.53 -20.75
N ALA A 91 -4.30 1.15 -19.81
CA ALA A 91 -4.25 -0.10 -19.06
C ALA A 91 -2.88 -0.26 -18.42
N ASP A 92 -2.33 0.83 -17.87
CA ASP A 92 -1.19 0.72 -16.99
C ASP A 92 -1.78 0.59 -15.61
N VAL A 93 -1.26 -0.33 -14.83
CA VAL A 93 -1.58 -0.26 -13.42
C VAL A 93 -0.84 0.93 -12.80
N GLN A 94 -1.61 1.68 -12.01
CA GLN A 94 -1.21 2.73 -11.08
C GLN A 94 -1.40 2.19 -9.65
N VAL A 95 -1.39 3.07 -8.68
CA VAL A 95 -1.95 2.81 -7.37
C VAL A 95 -2.79 4.04 -7.02
N PHE A 96 -3.86 3.82 -6.26
CA PHE A 96 -4.79 4.82 -5.78
C PHE A 96 -5.00 4.63 -4.29
N ILE A 97 -5.72 5.58 -3.69
CA ILE A 97 -6.06 5.58 -2.28
C ILE A 97 -7.30 6.43 -2.08
N PRO A 98 -8.17 6.06 -1.13
CA PRO A 98 -9.21 6.95 -0.67
C PRO A 98 -8.54 8.08 0.12
N GLN A 99 -8.66 9.29 -0.40
CA GLN A 99 -8.21 10.52 0.24
C GLN A 99 -9.33 11.55 0.10
N GLY A 100 -9.38 12.51 1.02
CA GLY A 100 -10.40 13.54 1.09
C GLY A 100 -10.59 13.90 2.56
N GLU A 101 -11.55 13.26 3.22
CA GLU A 101 -11.99 13.56 4.57
C GLU A 101 -11.49 12.49 5.56
N ILE A 102 -10.19 12.54 5.91
CA ILE A 102 -9.55 11.60 6.84
C ILE A 102 -8.80 12.31 7.97
N ASP A 103 -9.15 13.56 8.26
CA ASP A 103 -8.63 14.31 9.39
C ASP A 103 -9.71 14.43 10.45
N GLY A 1 -1.42 -2.59 31.26
CA GLY A 1 -0.51 -1.78 30.43
C GLY A 1 -0.76 -0.30 30.71
N ALA A 2 -0.63 0.53 29.68
CA ALA A 2 -1.10 1.92 29.67
C ALA A 2 -2.16 2.04 28.57
N GLN A 3 -2.81 3.20 28.44
CA GLN A 3 -3.86 3.34 27.45
C GLN A 3 -3.28 3.42 26.04
N ASP A 4 -2.10 4.02 25.88
CA ASP A 4 -1.64 4.58 24.61
C ASP A 4 -0.21 4.13 24.33
N GLY A 5 0.23 3.08 25.03
CA GLY A 5 1.62 2.68 25.15
C GLY A 5 2.25 2.05 23.90
N LYS A 6 1.67 2.28 22.72
CA LYS A 6 2.10 1.77 21.42
C LYS A 6 1.49 2.70 20.38
N GLU A 7 2.32 3.54 19.77
CA GLU A 7 1.90 4.55 18.80
C GLU A 7 2.35 4.16 17.39
N THR A 8 2.41 2.87 17.13
CA THR A 8 2.80 2.26 15.87
C THR A 8 1.65 2.36 14.86
N THR A 9 1.98 2.74 13.63
CA THR A 9 1.12 2.62 12.46
C THR A 9 0.94 1.14 12.05
N THR A 10 -0.03 0.88 11.19
CA THR A 10 -0.24 -0.38 10.49
C THR A 10 -0.46 -0.02 9.02
N ILE A 11 -0.25 -1.00 8.12
CA ILE A 11 -0.45 -0.86 6.69
C ILE A 11 -1.44 -1.95 6.26
N ARG A 12 -2.16 -1.70 5.17
CA ARG A 12 -2.93 -2.72 4.48
C ARG A 12 -2.72 -2.55 2.99
N LEU A 13 -2.56 -3.65 2.27
CA LEU A 13 -2.60 -3.70 0.82
C LEU A 13 -3.87 -4.46 0.46
N ILE A 14 -4.59 -3.98 -0.54
CA ILE A 14 -5.78 -4.59 -1.13
C ILE A 14 -5.48 -4.79 -2.62
N ASN A 15 -6.21 -5.65 -3.33
CA ASN A 15 -5.97 -5.95 -4.73
C ASN A 15 -7.21 -5.87 -5.65
N GLN A 16 -7.84 -4.69 -5.77
CA GLN A 16 -9.14 -4.52 -6.42
C GLN A 16 -9.04 -4.41 -7.96
N THR A 17 -8.42 -5.40 -8.60
CA THR A 17 -8.14 -5.41 -10.04
C THR A 17 -8.82 -6.57 -10.76
N TYR A 18 -8.37 -6.85 -11.99
CA TYR A 18 -8.71 -8.04 -12.76
C TYR A 18 -7.54 -9.04 -12.93
N PHE A 19 -6.37 -8.79 -12.33
CA PHE A 19 -5.14 -9.59 -12.50
C PHE A 19 -4.70 -10.19 -11.13
N ASN A 20 -3.44 -10.66 -11.01
CA ASN A 20 -2.81 -11.08 -9.75
C ASN A 20 -1.51 -10.29 -9.56
N VAL A 21 -1.02 -10.13 -8.32
CA VAL A 21 0.23 -9.43 -8.00
C VAL A 21 1.00 -10.27 -6.95
N LYS A 22 2.28 -10.52 -7.18
CA LYS A 22 3.07 -11.57 -6.51
C LYS A 22 4.41 -11.09 -5.98
N ASN A 23 4.56 -9.77 -5.81
CA ASN A 23 5.87 -9.15 -5.65
C ASN A 23 5.67 -7.67 -5.34
N ILE A 24 4.88 -7.34 -4.29
CA ILE A 24 4.53 -5.94 -4.06
C ILE A 24 5.49 -5.37 -3.01
N LYS A 25 6.46 -4.55 -3.40
CA LYS A 25 7.18 -3.71 -2.43
C LYS A 25 6.24 -2.61 -1.96
N VAL A 26 6.46 -2.16 -0.73
CA VAL A 26 5.92 -0.93 -0.21
C VAL A 26 7.03 -0.30 0.63
N THR A 27 7.16 1.01 0.61
CA THR A 27 8.16 1.78 1.34
C THR A 27 7.40 2.89 2.04
N TRP A 28 7.30 2.84 3.37
CA TRP A 28 6.42 3.70 4.17
C TRP A 28 7.22 4.79 4.88
N ASN A 29 8.46 5.02 4.45
CA ASN A 29 9.43 5.90 5.10
C ASN A 29 10.63 6.08 4.18
N ASP A 30 11.66 6.81 4.60
CA ASP A 30 12.85 7.04 3.79
C ASP A 30 13.88 5.90 3.87
N GLY A 31 13.54 4.79 4.53
CA GLY A 31 14.37 3.61 4.63
C GLY A 31 13.70 2.49 5.42
N LYS A 32 12.39 2.32 5.27
CA LYS A 32 11.64 1.22 5.86
C LYS A 32 10.76 0.68 4.75
N GLU A 33 10.96 -0.58 4.40
CA GLU A 33 10.17 -1.26 3.40
C GLU A 33 10.05 -2.74 3.75
N GLN A 34 9.24 -3.42 2.94
CA GLN A 34 9.09 -4.87 2.86
C GLN A 34 8.37 -5.19 1.54
N THR A 35 8.38 -6.46 1.13
CA THR A 35 7.56 -6.93 0.02
C THR A 35 6.78 -8.15 0.46
N VAL A 36 5.55 -8.27 -0.03
CA VAL A 36 4.63 -9.34 0.30
C VAL A 36 4.96 -10.58 -0.52
N ASN A 37 4.38 -11.72 -0.14
CA ASN A 37 4.25 -12.88 -1.00
C ASN A 37 3.37 -12.51 -2.21
N THR A 38 2.04 -12.60 -2.09
CA THR A 38 1.11 -12.51 -3.20
C THR A 38 -0.19 -11.91 -2.68
N LEU A 39 -1.01 -11.40 -3.58
CA LEU A 39 -2.35 -10.90 -3.31
C LEU A 39 -3.22 -11.39 -4.44
N GLY A 40 -4.08 -12.36 -4.12
CA GLY A 40 -5.04 -12.92 -5.07
C GLY A 40 -6.06 -11.88 -5.52
N SER A 41 -6.96 -12.27 -6.40
CA SER A 41 -7.93 -11.36 -6.99
C SER A 41 -8.85 -10.80 -5.89
N HIS A 42 -8.93 -9.46 -5.81
CA HIS A 42 -9.65 -8.72 -4.77
C HIS A 42 -9.18 -9.05 -3.35
N ASP A 43 -8.03 -9.70 -3.17
CA ASP A 43 -7.51 -10.06 -1.85
C ASP A 43 -7.06 -8.85 -1.06
N SER A 44 -6.60 -9.10 0.16
CA SER A 44 -5.99 -8.11 1.02
C SER A 44 -5.00 -8.77 1.98
N ILE A 45 -4.07 -7.97 2.48
CA ILE A 45 -3.00 -8.37 3.39
C ILE A 45 -2.74 -7.17 4.30
N ASP A 46 -2.46 -7.46 5.56
CA ASP A 46 -2.31 -6.51 6.66
C ASP A 46 -0.97 -6.80 7.31
N PHE A 47 -0.14 -5.77 7.45
CA PHE A 47 1.19 -5.92 8.04
C PHE A 47 1.61 -4.62 8.72
N SER A 48 2.63 -4.71 9.58
CA SER A 48 3.09 -3.61 10.41
C SER A 48 3.94 -2.64 9.59
N SER A 49 4.18 -1.45 10.15
CA SER A 49 5.23 -0.55 9.74
C SER A 49 6.16 -0.40 10.94
N ASP A 50 7.47 -0.61 10.79
CA ASP A 50 8.49 -0.41 11.82
C ASP A 50 8.74 1.08 12.09
N ALA A 51 7.69 1.87 12.20
CA ALA A 51 7.70 3.32 12.31
C ALA A 51 6.50 3.76 13.16
N GLY A 52 6.55 5.02 13.62
CA GLY A 52 5.48 5.61 14.42
C GLY A 52 4.57 6.55 13.62
N SER A 53 4.90 6.85 12.36
CA SER A 53 4.04 7.59 11.46
C SER A 53 4.43 7.25 10.02
N VAL A 54 3.51 7.51 9.09
CA VAL A 54 3.69 7.25 7.67
C VAL A 54 3.01 8.39 6.91
N TYR A 55 3.80 9.39 6.50
CA TYR A 55 3.35 10.46 5.61
C TYR A 55 3.63 10.19 4.12
N LYS A 56 4.31 9.08 3.78
CA LYS A 56 4.63 8.71 2.40
C LYS A 56 4.55 7.20 2.25
N MET A 57 4.12 6.75 1.07
CA MET A 57 3.95 5.34 0.74
C MET A 57 4.32 5.19 -0.72
N ASP A 58 5.53 4.72 -0.97
CA ASP A 58 6.00 4.33 -2.28
C ASP A 58 5.59 2.89 -2.46
N VAL A 59 4.77 2.68 -3.47
CA VAL A 59 4.33 1.34 -3.85
C VAL A 59 5.20 1.02 -5.06
N THR A 60 5.53 -0.25 -5.25
CA THR A 60 6.16 -0.68 -6.49
C THR A 60 5.85 -2.16 -6.57
N GLY A 61 5.09 -2.53 -7.60
CA GLY A 61 4.77 -3.92 -7.83
C GLY A 61 4.59 -4.22 -9.30
N THR A 62 4.34 -5.49 -9.60
CA THR A 62 4.29 -6.03 -10.95
C THR A 62 3.13 -7.03 -11.03
N THR A 63 2.32 -6.94 -12.08
CA THR A 63 1.15 -7.78 -12.31
C THR A 63 1.54 -9.17 -12.81
N GLN A 64 0.53 -10.04 -12.90
CA GLN A 64 0.57 -11.32 -13.57
C GLN A 64 1.15 -11.15 -14.98
N SER A 65 0.62 -10.16 -15.71
CA SER A 65 1.06 -9.77 -17.05
C SER A 65 2.36 -8.96 -17.05
N GLY A 66 3.04 -8.87 -15.90
CA GLY A 66 4.38 -8.36 -15.83
C GLY A 66 4.44 -6.84 -15.92
N GLU A 67 3.30 -6.15 -15.78
CA GLU A 67 3.22 -4.72 -15.90
C GLU A 67 3.47 -4.13 -14.54
N LYS A 68 4.22 -3.06 -14.52
CA LYS A 68 4.81 -2.53 -13.35
C LYS A 68 4.17 -1.21 -13.03
N PHE A 69 3.73 -1.07 -11.80
CA PHE A 69 3.05 0.12 -11.33
C PHE A 69 3.90 0.73 -10.25
N THR A 70 3.97 2.06 -10.25
CA THR A 70 4.56 2.82 -9.16
C THR A 70 3.65 3.98 -8.86
N GLY A 71 3.44 4.19 -7.58
CA GLY A 71 2.50 5.18 -7.09
C GLY A 71 3.28 6.38 -6.63
N HIS A 72 3.82 6.16 -5.45
CA HIS A 72 4.67 7.09 -4.72
C HIS A 72 3.83 8.23 -4.12
N PHE A 73 3.01 7.88 -3.14
CA PHE A 73 2.16 8.81 -2.43
C PHE A 73 2.98 9.55 -1.38
N LYS A 74 2.62 10.80 -1.11
CA LYS A 74 3.32 11.69 -0.17
C LYS A 74 2.29 12.62 0.45
N GLY A 75 2.65 13.25 1.57
CA GLY A 75 1.77 14.14 2.28
C GLY A 75 0.49 13.45 2.77
N LEU A 76 0.59 12.17 3.11
CA LEU A 76 -0.53 11.38 3.64
C LEU A 76 -0.96 11.95 4.99
N VAL A 77 -2.13 11.50 5.46
CA VAL A 77 -2.67 11.80 6.78
C VAL A 77 -3.08 10.44 7.39
N GLY A 78 -3.21 10.38 8.72
CA GLY A 78 -3.78 9.27 9.46
C GLY A 78 -2.71 8.34 10.03
N LYS A 79 -3.07 7.66 11.13
CA LYS A 79 -2.22 6.66 11.79
C LYS A 79 -2.47 5.27 11.19
N ASP A 80 -3.04 5.18 10.00
CA ASP A 80 -3.04 3.98 9.18
C ASP A 80 -2.81 4.38 7.73
N THR A 81 -2.42 3.39 6.93
CA THR A 81 -2.21 3.56 5.51
C THR A 81 -2.83 2.39 4.77
N ARG A 82 -3.44 2.66 3.61
CA ARG A 82 -3.94 1.65 2.70
C ARG A 82 -3.38 1.93 1.32
N VAL A 83 -3.61 1.01 0.39
CA VAL A 83 -3.25 1.14 -1.00
C VAL A 83 -4.41 0.50 -1.77
N PHE A 84 -5.04 1.24 -2.69
CA PHE A 84 -6.00 0.67 -3.62
C PHE A 84 -5.27 0.49 -4.96
N ILE A 85 -5.56 -0.59 -5.67
CA ILE A 85 -4.95 -0.99 -6.91
C ILE A 85 -6.15 -1.14 -7.83
N GLU A 86 -6.20 -0.30 -8.85
CA GLU A 86 -7.30 -0.18 -9.79
C GLU A 86 -6.72 0.33 -11.11
N LEU A 87 -7.49 0.21 -12.19
CA LEU A 87 -6.95 0.36 -13.53
C LEU A 87 -7.00 1.81 -14.02
N ASP A 88 -6.30 2.05 -15.13
CA ASP A 88 -6.45 3.21 -16.00
C ASP A 88 -7.57 2.93 -17.02
N GLU A 89 -7.87 3.90 -17.87
CA GLU A 89 -8.79 3.80 -18.99
C GLU A 89 -8.51 2.57 -19.85
N ASN A 90 -7.24 2.29 -20.18
CA ASN A 90 -6.85 1.23 -21.12
C ASN A 90 -6.88 -0.17 -20.49
N ALA A 91 -7.30 -0.28 -19.23
CA ALA A 91 -7.02 -1.42 -18.35
C ALA A 91 -5.52 -1.54 -18.07
N ASP A 92 -4.79 -0.41 -18.09
CA ASP A 92 -3.42 -0.31 -17.60
C ASP A 92 -3.45 -0.28 -16.07
N VAL A 93 -2.29 -0.29 -15.40
CA VAL A 93 -2.18 -0.64 -14.00
C VAL A 93 -1.74 0.57 -13.18
N GLN A 94 -2.67 1.15 -12.42
CA GLN A 94 -2.41 2.29 -11.53
C GLN A 94 -2.53 1.90 -10.05
N VAL A 95 -2.28 2.89 -9.19
CA VAL A 95 -2.40 2.94 -7.75
C VAL A 95 -3.24 4.15 -7.35
N PHE A 96 -4.13 3.96 -6.40
CA PHE A 96 -5.00 4.96 -5.79
C PHE A 96 -4.96 4.79 -4.27
N ILE A 97 -5.55 5.72 -3.52
CA ILE A 97 -5.64 5.62 -2.08
C ILE A 97 -6.89 6.31 -1.54
N PRO A 98 -7.48 5.78 -0.45
CA PRO A 98 -8.51 6.46 0.30
C PRO A 98 -7.87 7.66 1.02
N GLN A 99 -8.30 8.88 0.68
CA GLN A 99 -7.91 10.14 1.28
C GLN A 99 -9.17 11.02 1.37
N GLY A 100 -9.01 12.29 1.70
CA GLY A 100 -10.11 13.25 1.81
C GLY A 100 -10.40 13.41 3.26
N GLU A 101 -10.96 12.35 3.83
CA GLU A 101 -11.18 12.20 5.24
C GLU A 101 -10.40 10.95 5.69
N ILE A 102 -9.12 11.10 5.95
CA ILE A 102 -8.26 10.14 6.60
C ILE A 102 -7.54 10.82 7.78
N ASP A 103 -8.20 11.85 8.31
CA ASP A 103 -7.78 12.61 9.47
C ASP A 103 -8.00 11.80 10.74
N GLY A 1 8.57 7.87 24.08
CA GLY A 1 9.29 6.69 23.58
C GLY A 1 8.37 5.50 23.61
N ALA A 2 8.26 4.79 22.49
CA ALA A 2 7.33 3.69 22.29
C ALA A 2 8.15 2.42 22.12
N GLN A 3 8.84 2.02 23.20
CA GLN A 3 9.67 0.83 23.25
C GLN A 3 8.86 -0.36 22.74
N ASP A 4 7.69 -0.56 23.35
CA ASP A 4 6.67 -1.49 22.92
C ASP A 4 5.39 -0.95 23.54
N GLY A 5 4.77 0.02 22.89
CA GLY A 5 3.61 0.74 23.35
C GLY A 5 2.37 0.24 22.61
N LYS A 6 1.27 0.96 22.78
CA LYS A 6 0.01 0.69 22.08
C LYS A 6 -0.38 1.97 21.33
N GLU A 7 0.43 2.30 20.33
CA GLU A 7 0.29 3.46 19.46
C GLU A 7 0.85 3.02 18.11
N THR A 8 0.31 1.91 17.60
CA THR A 8 0.72 1.28 16.35
C THR A 8 -0.29 1.56 15.24
N THR A 9 0.11 1.26 14.01
CA THR A 9 -0.62 1.46 12.77
C THR A 9 -0.67 0.15 12.02
N THR A 10 -1.63 0.04 11.10
CA THR A 10 -1.80 -1.13 10.28
C THR A 10 -1.98 -0.70 8.82
N ILE A 11 -1.47 -1.52 7.92
CA ILE A 11 -1.62 -1.38 6.49
C ILE A 11 -2.70 -2.39 6.06
N ARG A 12 -3.31 -2.16 4.89
CA ARG A 12 -4.05 -3.20 4.20
C ARG A 12 -3.86 -2.94 2.71
N LEU A 13 -3.19 -3.85 2.03
CA LEU A 13 -3.17 -3.87 0.58
C LEU A 13 -4.44 -4.57 0.11
N ILE A 14 -5.06 -4.05 -0.95
CA ILE A 14 -6.14 -4.68 -1.69
C ILE A 14 -5.65 -4.79 -3.15
N ASN A 15 -6.03 -5.84 -3.85
CA ASN A 15 -5.63 -6.15 -5.23
C ASN A 15 -6.86 -6.19 -6.14
N GLN A 16 -7.67 -5.12 -6.16
CA GLN A 16 -8.89 -4.95 -6.97
C GLN A 16 -8.54 -4.76 -8.45
N THR A 17 -7.92 -5.80 -8.99
CA THR A 17 -7.41 -5.92 -10.33
C THR A 17 -7.65 -7.35 -10.83
N TYR A 18 -7.60 -7.51 -12.14
CA TYR A 18 -7.82 -8.78 -12.82
C TYR A 18 -6.65 -9.76 -12.66
N PHE A 19 -5.44 -9.28 -12.36
CA PHE A 19 -4.26 -10.15 -12.28
C PHE A 19 -3.98 -10.59 -10.84
N ASN A 20 -3.07 -11.55 -10.71
CA ASN A 20 -2.39 -11.92 -9.47
C ASN A 20 -1.08 -11.13 -9.40
N VAL A 21 -0.61 -10.75 -8.22
CA VAL A 21 0.69 -10.09 -8.05
C VAL A 21 1.55 -10.84 -7.04
N LYS A 22 2.87 -10.73 -7.12
CA LYS A 22 3.77 -11.68 -6.46
C LYS A 22 4.96 -11.02 -5.80
N ASN A 23 4.82 -9.77 -5.38
CA ASN A 23 5.96 -8.93 -5.02
C ASN A 23 5.51 -7.53 -4.66
N ILE A 24 4.67 -7.36 -3.65
CA ILE A 24 4.21 -6.00 -3.31
C ILE A 24 5.17 -5.40 -2.27
N LYS A 25 6.19 -4.65 -2.71
CA LYS A 25 6.98 -3.85 -1.78
C LYS A 25 6.14 -2.63 -1.39
N VAL A 26 5.81 -2.40 -0.11
CA VAL A 26 5.12 -1.18 0.32
C VAL A 26 6.10 -0.40 1.19
N THR A 27 5.97 0.93 1.27
CA THR A 27 6.84 1.79 2.10
C THR A 27 5.96 2.87 2.71
N TRP A 28 6.20 3.31 3.95
CA TRP A 28 5.35 4.29 4.66
C TRP A 28 6.16 5.25 5.55
N ASN A 29 7.47 5.22 5.41
CA ASN A 29 8.42 6.05 6.11
C ASN A 29 9.73 6.05 5.32
N ASP A 30 10.73 6.74 5.81
CA ASP A 30 12.01 6.94 5.13
C ASP A 30 12.95 5.76 5.38
N GLY A 31 12.58 4.59 4.85
CA GLY A 31 13.35 3.35 4.94
C GLY A 31 12.53 2.18 5.45
N LYS A 32 11.43 2.42 6.17
CA LYS A 32 10.61 1.36 6.70
C LYS A 32 9.66 0.91 5.59
N GLU A 33 9.86 -0.31 5.13
CA GLU A 33 9.11 -0.96 4.07
C GLU A 33 8.76 -2.40 4.44
N GLN A 34 8.02 -3.06 3.56
CA GLN A 34 7.67 -4.47 3.61
C GLN A 34 7.77 -5.04 2.22
N THR A 35 7.72 -6.38 2.13
CA THR A 35 7.16 -7.07 0.99
C THR A 35 6.27 -8.20 1.50
N VAL A 36 5.38 -8.65 0.63
CA VAL A 36 4.59 -9.83 0.76
C VAL A 36 5.08 -10.89 -0.21
N ASN A 37 4.49 -12.08 -0.11
CA ASN A 37 4.60 -13.16 -1.05
C ASN A 37 3.73 -12.88 -2.28
N THR A 38 2.43 -13.21 -2.29
CA THR A 38 1.56 -13.16 -3.45
C THR A 38 0.13 -12.77 -3.05
N LEU A 39 -0.60 -12.15 -3.99
CA LEU A 39 -1.96 -11.66 -3.85
C LEU A 39 -2.78 -12.08 -5.05
N GLY A 40 -3.98 -12.61 -4.80
CA GLY A 40 -4.95 -13.01 -5.81
C GLY A 40 -5.66 -11.84 -6.47
N SER A 41 -6.53 -12.11 -7.44
CA SER A 41 -7.41 -11.12 -8.06
C SER A 41 -8.51 -10.75 -7.05
N HIS A 42 -8.72 -9.45 -6.83
CA HIS A 42 -9.64 -8.87 -5.85
C HIS A 42 -9.36 -9.29 -4.40
N ASP A 43 -8.21 -9.91 -4.14
CA ASP A 43 -7.78 -10.31 -2.80
C ASP A 43 -7.28 -9.11 -2.01
N SER A 44 -6.92 -9.33 -0.76
CA SER A 44 -6.28 -8.33 0.09
C SER A 44 -5.36 -9.00 1.12
N ILE A 45 -4.59 -8.20 1.84
CA ILE A 45 -3.70 -8.62 2.92
C ILE A 45 -3.47 -7.44 3.85
N ASP A 46 -3.38 -7.72 5.14
CA ASP A 46 -3.17 -6.76 6.20
C ASP A 46 -1.92 -7.13 6.96
N PHE A 47 -1.23 -6.12 7.48
CA PHE A 47 -0.07 -6.30 8.33
C PHE A 47 0.19 -5.05 9.17
N SER A 48 0.89 -5.26 10.29
CA SER A 48 1.38 -4.23 11.19
C SER A 48 2.40 -3.33 10.45
N SER A 49 2.67 -2.14 11.02
CA SER A 49 3.67 -1.20 10.56
C SER A 49 4.54 -0.82 11.77
N ASP A 50 5.68 -0.17 11.57
CA ASP A 50 6.63 0.22 12.63
C ASP A 50 6.63 1.75 12.72
N ALA A 51 5.48 2.33 13.02
CA ALA A 51 5.24 3.75 12.80
C ALA A 51 4.15 4.24 13.74
N GLY A 52 4.51 5.13 14.67
CA GLY A 52 3.53 5.92 15.39
C GLY A 52 2.56 6.61 14.43
N SER A 53 3.04 7.11 13.28
CA SER A 53 2.19 7.77 12.29
C SER A 53 2.83 7.69 10.89
N VAL A 54 2.05 7.98 9.85
CA VAL A 54 2.48 7.89 8.45
C VAL A 54 2.01 9.18 7.75
N TYR A 55 2.78 9.64 6.78
CA TYR A 55 2.49 10.85 6.01
C TYR A 55 2.94 10.74 4.54
N LYS A 56 3.50 9.61 4.13
CA LYS A 56 3.98 9.33 2.79
C LYS A 56 3.81 7.84 2.54
N MET A 57 3.75 7.40 1.29
CA MET A 57 3.82 6.01 0.92
C MET A 57 4.58 5.93 -0.39
N ASP A 58 5.36 4.86 -0.57
CA ASP A 58 6.13 4.62 -1.77
C ASP A 58 6.09 3.12 -2.07
N VAL A 59 4.93 2.68 -2.55
CA VAL A 59 4.71 1.30 -2.96
C VAL A 59 5.30 1.09 -4.35
N THR A 60 5.68 -0.15 -4.64
CA THR A 60 6.22 -0.59 -5.91
C THR A 60 6.03 -2.10 -5.94
N GLY A 61 5.23 -2.58 -6.89
CA GLY A 61 4.98 -3.98 -7.14
C GLY A 61 4.86 -4.26 -8.63
N THR A 62 4.57 -5.50 -9.01
CA THR A 62 4.62 -5.94 -10.40
C THR A 62 3.50 -6.95 -10.70
N THR A 63 2.88 -6.84 -11.87
CA THR A 63 1.78 -7.69 -12.33
C THR A 63 2.26 -9.10 -12.67
N GLN A 64 1.28 -9.97 -12.94
CA GLN A 64 1.45 -11.28 -13.56
C GLN A 64 2.25 -11.31 -14.88
N SER A 65 2.38 -10.16 -15.53
CA SER A 65 3.00 -9.97 -16.85
C SER A 65 4.26 -9.10 -16.75
N GLY A 66 4.69 -8.72 -15.55
CA GLY A 66 5.90 -7.96 -15.35
C GLY A 66 5.71 -6.45 -15.49
N GLU A 67 4.48 -5.94 -15.54
CA GLU A 67 4.26 -4.51 -15.48
C GLU A 67 4.46 -4.05 -14.06
N LYS A 68 5.34 -3.08 -13.87
CA LYS A 68 5.54 -2.44 -12.59
C LYS A 68 4.37 -1.48 -12.37
N PHE A 69 3.99 -1.31 -11.11
CA PHE A 69 3.08 -0.30 -10.63
C PHE A 69 3.66 0.24 -9.33
N THR A 70 3.42 1.51 -9.02
CA THR A 70 3.92 2.15 -7.81
C THR A 70 2.88 3.17 -7.40
N GLY A 71 3.02 3.62 -6.17
CA GLY A 71 2.14 4.61 -5.56
C GLY A 71 3.01 5.53 -4.77
N HIS A 72 3.41 6.62 -5.41
CA HIS A 72 4.11 7.72 -4.80
C HIS A 72 3.05 8.62 -4.20
N PHE A 73 3.01 8.75 -2.87
CA PHE A 73 2.00 9.53 -2.17
C PHE A 73 2.64 10.27 -1.02
N LYS A 74 1.93 11.30 -0.56
CA LYS A 74 2.39 12.28 0.40
C LYS A 74 1.17 12.88 1.11
N GLY A 75 1.41 13.70 2.13
CA GLY A 75 0.38 14.38 2.87
C GLY A 75 -0.63 13.43 3.52
N LEU A 76 -0.18 12.21 3.86
CA LEU A 76 -1.09 11.19 4.36
C LEU A 76 -1.43 11.49 5.82
N VAL A 77 -2.60 11.03 6.25
CA VAL A 77 -3.13 11.21 7.59
C VAL A 77 -3.82 9.94 8.05
N GLY A 78 -3.94 9.78 9.36
CA GLY A 78 -4.76 8.76 10.01
C GLY A 78 -3.96 7.55 10.46
N LYS A 79 -4.55 6.78 11.39
CA LYS A 79 -3.92 5.64 12.08
C LYS A 79 -4.03 4.34 11.28
N ASP A 80 -4.25 4.41 9.98
CA ASP A 80 -4.12 3.28 9.04
C ASP A 80 -3.72 3.78 7.67
N THR A 81 -3.30 2.83 6.82
CA THR A 81 -2.87 3.08 5.45
C THR A 81 -3.41 1.98 4.54
N ARG A 82 -4.52 2.23 3.83
CA ARG A 82 -5.05 1.31 2.81
C ARG A 82 -4.48 1.67 1.46
N VAL A 83 -4.54 0.73 0.52
CA VAL A 83 -3.92 0.84 -0.79
C VAL A 83 -4.86 0.19 -1.80
N PHE A 84 -5.42 0.97 -2.72
CA PHE A 84 -6.27 0.49 -3.80
C PHE A 84 -5.42 0.38 -5.06
N ILE A 85 -4.88 -0.80 -5.31
CA ILE A 85 -4.39 -1.22 -6.63
C ILE A 85 -5.64 -1.47 -7.45
N GLU A 86 -5.90 -0.65 -8.45
CA GLU A 86 -6.91 -0.88 -9.48
C GLU A 86 -6.49 -0.09 -10.70
N LEU A 87 -7.24 -0.23 -11.79
CA LEU A 87 -6.88 0.36 -13.06
C LEU A 87 -7.87 1.48 -13.33
N ASP A 88 -7.41 2.43 -14.11
CA ASP A 88 -8.19 3.56 -14.57
C ASP A 88 -7.75 3.83 -16.02
N GLU A 89 -8.56 4.58 -16.77
CA GLU A 89 -8.29 5.05 -18.12
C GLU A 89 -8.31 3.91 -19.14
N ASN A 90 -7.26 3.08 -19.19
CA ASN A 90 -7.00 2.11 -20.26
C ASN A 90 -6.53 0.78 -19.68
N ALA A 91 -7.07 0.36 -18.53
CA ALA A 91 -6.61 -0.81 -17.78
C ALA A 91 -5.13 -0.65 -17.37
N ASP A 92 -4.67 0.59 -17.23
CA ASP A 92 -3.30 0.92 -16.87
C ASP A 92 -3.15 0.67 -15.38
N VAL A 93 -2.14 -0.12 -15.00
CA VAL A 93 -1.90 -0.45 -13.59
C VAL A 93 -1.29 0.74 -12.88
N GLN A 94 -2.16 1.46 -12.21
CA GLN A 94 -1.80 2.59 -11.36
C GLN A 94 -2.12 2.20 -9.92
N VAL A 95 -1.98 3.14 -8.98
CA VAL A 95 -2.30 2.91 -7.59
C VAL A 95 -3.09 4.13 -7.14
N PHE A 96 -4.04 3.87 -6.27
CA PHE A 96 -4.94 4.81 -5.66
C PHE A 96 -5.01 4.50 -4.17
N ILE A 97 -5.62 5.40 -3.40
CA ILE A 97 -5.78 5.24 -1.98
C ILE A 97 -7.08 5.90 -1.54
N PRO A 98 -7.79 5.33 -0.56
CA PRO A 98 -8.83 6.09 0.12
C PRO A 98 -8.14 7.19 0.94
N GLN A 99 -8.41 8.45 0.60
CA GLN A 99 -7.98 9.68 1.25
C GLN A 99 -9.19 10.63 1.27
N GLY A 100 -8.99 11.91 1.57
CA GLY A 100 -10.04 12.93 1.50
C GLY A 100 -9.39 14.27 1.25
N GLU A 101 -8.79 14.82 2.29
CA GLU A 101 -8.07 16.09 2.38
C GLU A 101 -6.74 16.02 1.62
N ILE A 102 -6.80 15.79 0.31
CA ILE A 102 -5.66 15.80 -0.59
C ILE A 102 -5.93 16.75 -1.76
N ASP A 103 -5.77 18.03 -1.42
CA ASP A 103 -5.47 19.15 -2.29
C ASP A 103 -6.64 19.59 -3.14
N GLY A 1 -0.18 -8.69 17.95
CA GLY A 1 -0.94 -8.15 19.07
C GLY A 1 -0.02 -7.88 20.25
N ALA A 2 -0.23 -6.75 20.93
CA ALA A 2 0.64 -6.29 22.01
C ALA A 2 -0.11 -6.33 23.35
N GLN A 3 0.63 -6.12 24.44
CA GLN A 3 0.03 -5.75 25.71
C GLN A 3 -0.72 -4.43 25.53
N ASP A 4 -0.03 -3.36 25.11
CA ASP A 4 -0.72 -2.10 24.87
C ASP A 4 0.07 -1.23 23.89
N GLY A 5 0.24 -1.75 22.66
CA GLY A 5 1.12 -1.18 21.66
C GLY A 5 0.46 -0.03 20.90
N LYS A 6 0.04 1.01 21.60
CA LYS A 6 -0.69 2.19 21.12
C LYS A 6 0.17 3.14 20.26
N GLU A 7 1.16 2.63 19.53
CA GLU A 7 2.21 3.46 18.97
C GLU A 7 2.86 2.82 17.75
N THR A 8 2.02 2.25 16.88
CA THR A 8 2.41 1.83 15.54
C THR A 8 1.26 2.16 14.60
N THR A 9 1.61 2.58 13.39
CA THR A 9 0.68 2.61 12.28
C THR A 9 0.35 1.17 11.88
N THR A 10 -0.67 1.02 11.05
CA THR A 10 -0.94 -0.23 10.39
C THR A 10 -1.14 0.08 8.91
N ILE A 11 -0.57 -0.78 8.07
CA ILE A 11 -0.78 -0.76 6.64
C ILE A 11 -1.71 -1.94 6.35
N ARG A 12 -2.50 -1.82 5.30
CA ARG A 12 -3.16 -2.96 4.69
C ARG A 12 -3.01 -2.81 3.19
N LEU A 13 -2.60 -3.87 2.52
CA LEU A 13 -2.56 -3.94 1.07
C LEU A 13 -3.79 -4.71 0.62
N ILE A 14 -4.45 -4.22 -0.43
CA ILE A 14 -5.59 -4.84 -1.08
C ILE A 14 -5.29 -4.91 -2.59
N ASN A 15 -5.66 -5.99 -3.27
CA ASN A 15 -5.51 -6.19 -4.71
C ASN A 15 -6.84 -6.11 -5.48
N GLN A 16 -7.59 -5.00 -5.42
CA GLN A 16 -8.88 -4.85 -6.11
C GLN A 16 -8.73 -4.64 -7.62
N THR A 17 -8.09 -5.59 -8.29
CA THR A 17 -7.82 -5.61 -9.72
C THR A 17 -8.09 -6.97 -10.33
N TYR A 18 -8.06 -7.05 -11.66
CA TYR A 18 -8.29 -8.24 -12.47
C TYR A 18 -7.08 -9.18 -12.58
N PHE A 19 -5.97 -8.91 -11.88
CA PHE A 19 -4.76 -9.72 -11.91
C PHE A 19 -4.37 -10.23 -10.52
N ASN A 20 -3.16 -10.81 -10.41
CA ASN A 20 -2.45 -11.26 -9.21
C ASN A 20 -1.11 -10.51 -9.17
N VAL A 21 -0.56 -10.26 -7.97
CA VAL A 21 0.72 -9.58 -7.78
C VAL A 21 1.55 -10.37 -6.76
N LYS A 22 2.89 -10.43 -6.92
CA LYS A 22 3.74 -11.38 -6.18
C LYS A 22 5.05 -10.78 -5.70
N ASN A 23 5.10 -9.46 -5.53
CA ASN A 23 6.31 -8.69 -5.28
C ASN A 23 5.90 -7.24 -5.19
N ILE A 24 5.26 -6.87 -4.09
CA ILE A 24 4.68 -5.55 -3.89
C ILE A 24 5.48 -4.86 -2.79
N LYS A 25 6.45 -4.02 -3.18
CA LYS A 25 7.13 -3.22 -2.17
C LYS A 25 6.20 -2.16 -1.63
N VAL A 26 6.40 -1.83 -0.36
CA VAL A 26 5.64 -0.84 0.37
C VAL A 26 6.62 -0.03 1.20
N THR A 27 6.49 1.31 1.22
CA THR A 27 7.35 2.24 1.94
C THR A 27 6.49 3.26 2.69
N TRP A 28 6.95 3.83 3.82
CA TRP A 28 6.16 4.79 4.62
C TRP A 28 7.02 5.72 5.48
N ASN A 29 8.29 5.84 5.15
CA ASN A 29 9.23 6.79 5.71
C ASN A 29 10.35 6.95 4.68
N ASP A 30 11.43 7.63 5.01
CA ASP A 30 12.57 7.73 4.11
C ASP A 30 13.52 6.58 4.44
N GLY A 31 13.35 5.45 3.75
CA GLY A 31 14.16 4.25 3.90
C GLY A 31 13.54 3.33 4.95
N LYS A 32 12.25 3.05 4.80
CA LYS A 32 11.46 2.19 5.68
C LYS A 32 10.42 1.54 4.81
N GLU A 33 10.71 0.32 4.40
CA GLU A 33 9.92 -0.43 3.45
C GLU A 33 10.00 -1.91 3.78
N GLN A 34 8.99 -2.65 3.33
CA GLN A 34 8.88 -4.10 3.32
C GLN A 34 8.27 -4.53 1.98
N THR A 35 7.87 -5.78 1.80
CA THR A 35 7.07 -6.17 0.65
C THR A 35 6.08 -7.24 1.06
N VAL A 36 4.95 -7.32 0.35
CA VAL A 36 3.98 -8.38 0.54
C VAL A 36 4.44 -9.53 -0.35
N ASN A 37 4.27 -10.76 0.17
CA ASN A 37 4.46 -12.03 -0.50
C ASN A 37 3.73 -12.03 -1.84
N THR A 38 2.43 -12.33 -1.84
CA THR A 38 1.60 -12.42 -3.02
C THR A 38 0.21 -12.00 -2.59
N LEU A 39 -0.46 -11.24 -3.45
CA LEU A 39 -1.82 -10.79 -3.27
C LEU A 39 -2.58 -11.26 -4.50
N GLY A 40 -3.36 -12.32 -4.30
CA GLY A 40 -4.20 -12.91 -5.32
C GLY A 40 -5.35 -11.98 -5.71
N SER A 41 -6.21 -12.43 -6.61
CA SER A 41 -7.32 -11.66 -7.14
C SER A 41 -8.21 -11.13 -6.02
N HIS A 42 -8.33 -9.80 -5.85
CA HIS A 42 -9.09 -9.15 -4.79
C HIS A 42 -8.65 -9.56 -3.37
N ASP A 43 -7.44 -10.09 -3.22
CA ASP A 43 -6.93 -10.47 -1.91
C ASP A 43 -6.46 -9.27 -1.11
N SER A 44 -6.06 -9.52 0.13
CA SER A 44 -5.55 -8.47 1.02
C SER A 44 -4.73 -9.03 2.19
N ILE A 45 -3.99 -8.16 2.89
CA ILE A 45 -3.20 -8.48 4.08
C ILE A 45 -3.06 -7.21 4.92
N ASP A 46 -3.06 -7.31 6.26
CA ASP A 46 -2.67 -6.22 7.16
C ASP A 46 -1.31 -6.52 7.76
N PHE A 47 -0.50 -5.48 7.99
CA PHE A 47 0.77 -5.57 8.71
C PHE A 47 1.10 -4.24 9.39
N SER A 48 1.97 -4.26 10.40
CA SER A 48 2.50 -3.04 11.00
C SER A 48 3.56 -2.47 10.07
N SER A 49 3.58 -1.15 10.00
CA SER A 49 4.75 -0.38 9.60
C SER A 49 5.70 -0.30 10.80
N ASP A 50 6.96 0.03 10.53
CA ASP A 50 7.97 0.33 11.54
C ASP A 50 7.99 1.83 11.75
N ALA A 51 6.88 2.38 12.26
CA ALA A 51 6.69 3.81 12.34
C ALA A 51 5.52 4.15 13.25
N GLY A 52 5.73 5.05 14.21
CA GLY A 52 4.66 5.62 15.01
C GLY A 52 3.90 6.71 14.26
N SER A 53 4.50 7.31 13.22
CA SER A 53 3.92 8.40 12.46
C SER A 53 4.32 8.28 11.00
N VAL A 54 3.42 8.66 10.10
CA VAL A 54 3.63 8.54 8.66
C VAL A 54 2.90 9.69 7.94
N TYR A 55 3.49 10.18 6.84
CA TYR A 55 2.99 11.26 5.99
C TYR A 55 3.26 11.02 4.48
N LYS A 56 3.89 9.91 4.08
CA LYS A 56 4.20 9.56 2.70
C LYS A 56 4.10 8.05 2.50
N MET A 57 3.96 7.60 1.25
CA MET A 57 4.04 6.18 0.89
C MET A 57 4.61 6.05 -0.51
N ASP A 58 5.41 5.01 -0.72
CA ASP A 58 5.97 4.64 -2.01
C ASP A 58 5.81 3.16 -2.20
N VAL A 59 4.90 2.82 -3.10
CA VAL A 59 4.68 1.45 -3.53
C VAL A 59 5.45 1.31 -4.85
N THR A 60 5.98 0.13 -5.13
CA THR A 60 6.71 -0.16 -6.36
C THR A 60 6.63 -1.69 -6.51
N GLY A 61 5.74 -2.15 -7.38
CA GLY A 61 5.41 -3.58 -7.47
C GLY A 61 5.20 -4.02 -8.91
N THR A 62 4.94 -5.32 -9.15
CA THR A 62 4.72 -5.85 -10.50
C THR A 62 3.60 -6.90 -10.51
N THR A 63 2.76 -6.88 -11.56
CA THR A 63 1.65 -7.80 -11.79
C THR A 63 2.11 -9.13 -12.36
N GLN A 64 1.15 -10.03 -12.57
CA GLN A 64 1.30 -11.25 -13.32
C GLN A 64 1.90 -10.94 -14.70
N SER A 65 1.34 -9.95 -15.39
CA SER A 65 1.70 -9.54 -16.75
C SER A 65 3.08 -8.87 -16.85
N GLY A 66 3.79 -8.69 -15.73
CA GLY A 66 5.03 -7.92 -15.74
C GLY A 66 4.76 -6.42 -15.72
N GLU A 67 3.50 -5.99 -15.55
CA GLU A 67 3.18 -4.58 -15.44
C GLU A 67 3.68 -4.09 -14.11
N LYS A 68 4.73 -3.29 -14.15
CA LYS A 68 5.35 -2.67 -13.01
C LYS A 68 4.68 -1.34 -12.79
N PHE A 69 4.16 -1.17 -11.59
CA PHE A 69 3.41 -0.02 -11.16
C PHE A 69 4.19 0.68 -10.04
N THR A 70 3.94 1.97 -9.88
CA THR A 70 4.43 2.78 -8.79
C THR A 70 3.30 3.68 -8.30
N GLY A 71 3.36 4.11 -7.04
CA GLY A 71 2.35 5.00 -6.47
C GLY A 71 2.97 6.39 -6.33
N HIS A 72 3.79 6.53 -5.29
CA HIS A 72 4.41 7.75 -4.77
C HIS A 72 3.33 8.74 -4.31
N PHE A 73 3.15 8.88 -3.00
CA PHE A 73 2.17 9.76 -2.38
C PHE A 73 2.84 10.58 -1.29
N LYS A 74 2.48 11.85 -1.25
CA LYS A 74 2.82 12.82 -0.22
C LYS A 74 1.56 13.20 0.54
N GLY A 75 1.75 13.93 1.63
CA GLY A 75 0.71 14.49 2.48
C GLY A 75 -0.39 13.51 2.81
N LEU A 76 0.02 12.37 3.32
CA LEU A 76 -0.86 11.35 3.84
C LEU A 76 -1.41 11.87 5.15
N VAL A 77 -2.70 11.67 5.38
CA VAL A 77 -3.33 11.93 6.68
C VAL A 77 -3.83 10.63 7.26
N GLY A 78 -4.08 10.64 8.58
CA GLY A 78 -4.61 9.52 9.29
C GLY A 78 -3.50 8.62 9.81
N LYS A 79 -3.66 8.11 11.03
CA LYS A 79 -2.71 7.23 11.72
C LYS A 79 -2.81 5.78 11.23
N ASP A 80 -3.39 5.57 10.05
CA ASP A 80 -3.47 4.30 9.37
C ASP A 80 -3.16 4.52 7.90
N THR A 81 -2.86 3.42 7.22
CA THR A 81 -2.36 3.44 5.86
C THR A 81 -2.99 2.27 5.09
N ARG A 82 -3.29 2.46 3.81
CA ARG A 82 -3.65 1.37 2.90
C ARG A 82 -3.01 1.60 1.53
N VAL A 83 -3.29 0.69 0.59
CA VAL A 83 -2.96 0.77 -0.81
C VAL A 83 -4.19 0.20 -1.52
N PHE A 84 -4.95 1.04 -2.22
CA PHE A 84 -6.03 0.61 -3.10
C PHE A 84 -5.44 0.50 -4.51
N ILE A 85 -4.94 -0.68 -4.84
CA ILE A 85 -4.64 -1.04 -6.23
C ILE A 85 -6.00 -1.14 -6.91
N GLU A 86 -6.19 -0.45 -8.04
CA GLU A 86 -7.33 -0.64 -8.91
C GLU A 86 -6.93 -0.34 -10.36
N LEU A 87 -7.79 -0.72 -11.30
CA LEU A 87 -7.60 -0.39 -12.70
C LEU A 87 -7.96 1.06 -12.93
N ASP A 88 -7.55 1.52 -14.09
CA ASP A 88 -8.01 2.77 -14.66
C ASP A 88 -7.77 2.75 -16.17
N GLU A 89 -8.11 3.83 -16.86
CA GLU A 89 -7.81 4.18 -18.24
C GLU A 89 -8.31 3.17 -19.27
N ASN A 90 -7.72 1.96 -19.34
CA ASN A 90 -8.03 0.91 -20.31
C ASN A 90 -7.86 -0.48 -19.68
N ALA A 91 -8.13 -0.61 -18.37
CA ALA A 91 -7.71 -1.73 -17.52
C ALA A 91 -6.18 -1.72 -17.42
N ASP A 92 -5.66 -0.60 -16.95
CA ASP A 92 -4.26 -0.34 -16.61
C ASP A 92 -4.05 -0.70 -15.14
N VAL A 93 -2.92 -0.33 -14.55
CA VAL A 93 -2.58 -0.65 -13.17
C VAL A 93 -2.22 0.64 -12.43
N GLN A 94 -3.19 1.21 -11.73
CA GLN A 94 -2.99 2.43 -10.95
C GLN A 94 -2.91 2.13 -9.45
N VAL A 95 -2.51 3.15 -8.70
CA VAL A 95 -2.42 3.10 -7.26
C VAL A 95 -3.28 4.26 -6.76
N PHE A 96 -4.23 3.92 -5.92
CA PHE A 96 -5.08 4.86 -5.19
C PHE A 96 -4.90 4.58 -3.71
N ILE A 97 -5.40 5.46 -2.86
CA ILE A 97 -5.38 5.30 -1.42
C ILE A 97 -6.59 6.00 -0.80
N PRO A 98 -7.16 5.43 0.29
CA PRO A 98 -8.24 6.08 1.05
C PRO A 98 -7.77 7.35 1.77
N GLN A 99 -7.86 8.50 1.10
CA GLN A 99 -7.38 9.80 1.59
C GLN A 99 -8.54 10.77 1.79
N GLY A 100 -8.25 11.91 2.43
CA GLY A 100 -9.22 12.73 3.13
C GLY A 100 -9.14 14.14 2.61
N GLU A 101 -7.99 14.79 2.73
CA GLU A 101 -7.77 16.13 2.18
C GLU A 101 -7.35 16.05 0.71
N ILE A 102 -8.15 15.34 -0.08
CA ILE A 102 -8.04 15.31 -1.53
C ILE A 102 -9.31 15.92 -2.12
N ASP A 103 -9.59 17.17 -1.76
CA ASP A 103 -10.58 18.02 -2.42
C ASP A 103 -10.10 19.46 -2.39
N GLY A 1 10.99 6.87 22.88
CA GLY A 1 10.00 5.91 23.37
C GLY A 1 9.32 6.47 24.60
N ALA A 2 8.01 6.27 24.73
CA ALA A 2 7.23 6.76 25.86
C ALA A 2 6.76 5.59 26.73
N GLN A 3 6.37 5.88 27.97
CA GLN A 3 5.86 4.88 28.92
C GLN A 3 4.48 4.33 28.52
N ASP A 4 3.87 4.87 27.47
CA ASP A 4 2.69 4.36 26.82
C ASP A 4 2.94 4.69 25.37
N GLY A 5 3.23 3.68 24.58
CA GLY A 5 3.72 3.84 23.23
C GLY A 5 3.74 2.47 22.57
N LYS A 6 2.55 1.92 22.35
CA LYS A 6 2.30 0.55 21.93
C LYS A 6 1.03 0.55 21.08
N GLU A 7 0.94 1.51 20.17
CA GLU A 7 0.00 1.55 19.05
C GLU A 7 0.84 2.04 17.89
N THR A 8 1.34 1.13 17.07
CA THR A 8 2.04 1.45 15.84
C THR A 8 1.04 1.92 14.77
N THR A 9 1.48 1.99 13.53
CA THR A 9 0.60 2.23 12.40
C THR A 9 0.29 0.93 11.66
N THR A 10 -0.77 0.93 10.87
CA THR A 10 -1.18 -0.20 10.06
C THR A 10 -1.18 0.21 8.58
N ILE A 11 -1.14 -0.78 7.68
CA ILE A 11 -1.27 -0.62 6.24
C ILE A 11 -2.16 -1.78 5.77
N ARG A 12 -2.94 -1.57 4.71
CA ARG A 12 -3.85 -2.57 4.15
C ARG A 12 -3.78 -2.49 2.62
N LEU A 13 -3.43 -3.59 1.99
CA LEU A 13 -3.25 -3.72 0.54
C LEU A 13 -4.48 -4.44 -0.02
N ILE A 14 -5.09 -3.91 -1.08
CA ILE A 14 -6.25 -4.51 -1.73
C ILE A 14 -5.96 -4.58 -3.23
N ASN A 15 -5.88 -5.78 -3.79
CA ASN A 15 -5.85 -5.98 -5.23
C ASN A 15 -7.27 -5.78 -5.75
N GLN A 16 -7.54 -4.76 -6.56
CA GLN A 16 -8.89 -4.44 -7.07
C GLN A 16 -8.93 -4.54 -8.60
N THR A 17 -8.03 -5.34 -9.17
CA THR A 17 -7.81 -5.52 -10.61
C THR A 17 -8.26 -6.91 -11.09
N TYR A 18 -8.24 -7.09 -12.41
CA TYR A 18 -8.50 -8.35 -13.10
C TYR A 18 -7.27 -9.28 -13.18
N PHE A 19 -6.25 -9.11 -12.32
CA PHE A 19 -5.02 -9.90 -12.38
C PHE A 19 -4.61 -10.38 -10.98
N ASN A 20 -3.44 -10.99 -10.87
CA ASN A 20 -2.82 -11.42 -9.60
C ASN A 20 -1.49 -10.69 -9.47
N VAL A 21 -0.98 -10.46 -8.25
CA VAL A 21 0.35 -9.88 -8.05
C VAL A 21 1.11 -10.70 -6.99
N LYS A 22 2.45 -10.73 -7.04
CA LYS A 22 3.27 -11.74 -6.32
C LYS A 22 4.55 -11.22 -5.68
N ASN A 23 4.69 -9.90 -5.61
CA ASN A 23 5.99 -9.26 -5.32
C ASN A 23 5.80 -7.79 -4.99
N ILE A 24 4.76 -7.46 -4.22
CA ILE A 24 4.30 -6.10 -4.07
C ILE A 24 5.09 -5.49 -2.93
N LYS A 25 6.06 -4.66 -3.25
CA LYS A 25 6.76 -3.88 -2.26
C LYS A 25 5.81 -2.79 -1.81
N VAL A 26 5.91 -2.42 -0.55
CA VAL A 26 5.40 -1.16 -0.07
C VAL A 26 6.49 -0.55 0.81
N THR A 27 6.61 0.77 0.73
CA THR A 27 7.41 1.60 1.61
C THR A 27 6.42 2.54 2.28
N TRP A 28 6.61 2.89 3.54
CA TRP A 28 5.64 3.71 4.31
C TRP A 28 6.35 4.75 5.18
N ASN A 29 7.65 4.93 4.95
CA ASN A 29 8.53 5.72 5.80
C ASN A 29 9.86 5.82 5.07
N ASP A 30 10.81 6.52 5.67
CA ASP A 30 12.16 6.68 5.16
C ASP A 30 13.00 5.51 5.69
N GLY A 31 12.98 4.38 4.99
CA GLY A 31 13.79 3.21 5.34
C GLY A 31 12.98 2.11 6.03
N LYS A 32 11.71 1.95 5.67
CA LYS A 32 10.83 0.91 6.16
C LYS A 32 10.06 0.32 4.99
N GLU A 33 10.37 -0.95 4.69
CA GLU A 33 9.89 -1.65 3.51
C GLU A 33 9.55 -3.09 3.88
N GLN A 34 8.47 -3.61 3.30
CA GLN A 34 8.12 -5.02 3.34
C GLN A 34 7.41 -5.36 2.03
N THR A 35 7.17 -6.64 1.80
CA THR A 35 6.60 -7.09 0.55
C THR A 35 5.43 -8.02 0.87
N VAL A 36 4.38 -7.98 0.06
CA VAL A 36 3.33 -8.98 0.12
C VAL A 36 3.85 -10.20 -0.62
N ASN A 37 3.58 -11.38 -0.06
CA ASN A 37 3.85 -12.69 -0.63
C ASN A 37 3.19 -12.76 -2.01
N THR A 38 1.88 -12.92 -2.06
CA THR A 38 1.06 -12.84 -3.25
C THR A 38 -0.25 -12.20 -2.78
N LEU A 39 -0.93 -11.46 -3.68
CA LEU A 39 -2.21 -10.85 -3.42
C LEU A 39 -3.13 -11.32 -4.56
N GLY A 40 -4.08 -12.16 -4.19
CA GLY A 40 -5.03 -12.83 -5.06
C GLY A 40 -5.95 -11.89 -5.84
N SER A 41 -6.82 -12.50 -6.64
CA SER A 41 -7.87 -11.82 -7.38
C SER A 41 -8.88 -11.23 -6.39
N HIS A 42 -9.02 -9.90 -6.39
CA HIS A 42 -9.94 -9.20 -5.50
C HIS A 42 -9.70 -9.53 -4.02
N ASP A 43 -8.47 -9.85 -3.64
CA ASP A 43 -8.13 -10.18 -2.25
C ASP A 43 -7.76 -8.89 -1.52
N SER A 44 -7.36 -9.04 -0.26
CA SER A 44 -6.73 -8.01 0.54
C SER A 44 -5.73 -8.62 1.52
N ILE A 45 -4.96 -7.78 2.22
CA ILE A 45 -4.26 -8.12 3.44
C ILE A 45 -4.03 -6.84 4.23
N ASP A 46 -3.92 -6.92 5.55
CA ASP A 46 -3.36 -5.85 6.39
C ASP A 46 -2.16 -6.40 7.14
N PHE A 47 -1.20 -5.53 7.40
CA PHE A 47 -0.02 -5.83 8.19
C PHE A 47 0.36 -4.61 9.02
N SER A 48 0.90 -4.85 10.21
CA SER A 48 1.42 -3.80 11.07
C SER A 48 2.66 -3.23 10.40
N SER A 49 2.87 -1.94 10.63
CA SER A 49 4.10 -1.25 10.32
C SER A 49 5.16 -1.62 11.39
N ASP A 50 6.31 -0.99 11.32
CA ASP A 50 7.30 -0.93 12.39
C ASP A 50 7.84 0.49 12.33
N ALA A 51 7.00 1.46 12.67
CA ALA A 51 7.29 2.87 12.42
C ALA A 51 6.51 3.84 13.32
N GLY A 52 5.43 3.40 13.96
CA GLY A 52 4.65 4.23 14.87
C GLY A 52 3.72 5.21 14.17
N SER A 53 4.14 5.79 13.05
CA SER A 53 3.39 6.74 12.24
C SER A 53 3.75 6.54 10.76
N VAL A 54 2.91 7.01 9.86
CA VAL A 54 3.13 7.16 8.43
C VAL A 54 2.32 8.35 7.91
N TYR A 55 2.84 8.98 6.85
CA TYR A 55 2.19 10.01 6.06
C TYR A 55 2.60 9.94 4.57
N LYS A 56 3.23 8.85 4.12
CA LYS A 56 3.71 8.70 2.74
C LYS A 56 3.74 7.22 2.38
N MET A 57 3.72 6.86 1.10
CA MET A 57 3.63 5.47 0.70
C MET A 57 4.19 5.26 -0.71
N ASP A 58 5.42 4.78 -0.82
CA ASP A 58 6.05 4.43 -2.08
C ASP A 58 5.78 2.95 -2.37
N VAL A 59 4.65 2.70 -3.02
CA VAL A 59 4.27 1.39 -3.55
C VAL A 59 5.05 1.12 -4.84
N THR A 60 5.45 -0.13 -5.06
CA THR A 60 6.06 -0.56 -6.30
C THR A 60 5.85 -2.07 -6.37
N GLY A 61 5.29 -2.58 -7.47
CA GLY A 61 5.18 -4.01 -7.68
C GLY A 61 5.11 -4.34 -9.16
N THR A 62 4.86 -5.62 -9.44
CA THR A 62 4.78 -6.22 -10.76
C THR A 62 3.60 -7.20 -10.79
N THR A 63 2.81 -7.21 -11.85
CA THR A 63 1.66 -8.08 -12.01
C THR A 63 2.09 -9.49 -12.37
N GLN A 64 1.13 -10.41 -12.41
CA GLN A 64 1.25 -11.74 -12.96
C GLN A 64 1.96 -11.64 -14.31
N SER A 65 1.49 -10.77 -15.20
CA SER A 65 2.00 -10.59 -16.56
C SER A 65 3.12 -9.55 -16.61
N GLY A 66 3.96 -9.48 -15.57
CA GLY A 66 5.24 -8.79 -15.61
C GLY A 66 5.17 -7.26 -15.74
N GLU A 67 3.98 -6.67 -15.70
CA GLU A 67 3.78 -5.25 -15.84
C GLU A 67 4.00 -4.57 -14.50
N LYS A 68 4.74 -3.48 -14.46
CA LYS A 68 5.19 -2.91 -13.22
C LYS A 68 4.50 -1.58 -13.02
N PHE A 69 4.07 -1.38 -11.80
CA PHE A 69 3.23 -0.29 -11.34
C PHE A 69 3.94 0.39 -10.18
N THR A 70 3.76 1.70 -10.03
CA THR A 70 4.28 2.43 -8.87
C THR A 70 3.36 3.57 -8.45
N GLY A 71 3.33 3.84 -7.14
CA GLY A 71 2.53 4.92 -6.57
C GLY A 71 3.37 6.15 -6.30
N HIS A 72 4.04 6.16 -5.16
CA HIS A 72 4.85 7.25 -4.61
C HIS A 72 3.98 8.40 -4.10
N PHE A 73 3.23 8.13 -3.03
CA PHE A 73 2.35 9.10 -2.41
C PHE A 73 3.04 9.78 -1.24
N LYS A 74 2.63 11.00 -0.94
CA LYS A 74 3.16 11.87 0.11
C LYS A 74 2.02 12.67 0.72
N GLY A 75 2.24 13.31 1.86
CA GLY A 75 1.30 14.27 2.44
C GLY A 75 0.01 13.64 2.94
N LEU A 76 0.03 12.34 3.24
CA LEU A 76 -1.11 11.58 3.74
C LEU A 76 -1.40 11.95 5.20
N VAL A 77 -2.47 11.41 5.74
CA VAL A 77 -3.05 11.80 7.02
C VAL A 77 -3.41 10.52 7.81
N GLY A 78 -3.88 10.61 9.05
CA GLY A 78 -4.41 9.48 9.82
C GLY A 78 -3.31 8.63 10.44
N LYS A 79 -3.69 7.50 11.05
CA LYS A 79 -2.79 6.54 11.70
C LYS A 79 -2.96 5.14 11.11
N ASP A 80 -3.33 5.05 9.83
CA ASP A 80 -3.45 3.82 9.06
C ASP A 80 -3.33 4.18 7.58
N THR A 81 -2.99 3.23 6.75
CA THR A 81 -2.81 3.43 5.32
C THR A 81 -3.56 2.35 4.53
N ARG A 82 -3.91 2.67 3.28
CA ARG A 82 -4.51 1.73 2.33
C ARG A 82 -3.79 1.89 1.02
N VAL A 83 -4.04 0.95 0.10
CA VAL A 83 -3.48 0.91 -1.25
C VAL A 83 -4.57 0.27 -2.12
N PHE A 84 -5.27 1.05 -2.94
CA PHE A 84 -6.28 0.59 -3.89
C PHE A 84 -5.58 0.32 -5.21
N ILE A 85 -5.39 -0.95 -5.54
CA ILE A 85 -4.74 -1.39 -6.77
C ILE A 85 -5.82 -1.47 -7.82
N GLU A 86 -5.76 -0.63 -8.86
CA GLU A 86 -6.75 -0.55 -9.92
C GLU A 86 -6.09 0.01 -11.18
N LEU A 87 -6.86 0.14 -12.27
CA LEU A 87 -6.38 0.66 -13.54
C LEU A 87 -6.79 2.12 -13.74
N ASP A 88 -6.12 2.83 -14.64
CA ASP A 88 -6.45 4.19 -15.11
C ASP A 88 -5.94 4.33 -16.56
N GLU A 89 -6.00 5.52 -17.15
CA GLU A 89 -5.36 5.97 -18.40
C GLU A 89 -5.97 5.32 -19.63
N ASN A 90 -5.70 4.03 -19.85
CA ASN A 90 -6.16 3.27 -21.01
C ASN A 90 -6.52 1.83 -20.61
N ALA A 91 -6.72 1.58 -19.31
CA ALA A 91 -6.61 0.28 -18.64
C ALA A 91 -5.12 -0.08 -18.44
N ASP A 92 -4.29 0.92 -18.18
CA ASP A 92 -2.90 0.74 -17.74
C ASP A 92 -2.93 0.48 -16.24
N VAL A 93 -1.94 -0.22 -15.70
CA VAL A 93 -1.86 -0.49 -14.27
C VAL A 93 -1.27 0.72 -13.54
N GLN A 94 -2.08 1.37 -12.70
CA GLN A 94 -1.68 2.49 -11.85
C GLN A 94 -1.84 2.11 -10.39
N VAL A 95 -1.75 3.08 -9.49
CA VAL A 95 -1.87 2.91 -8.06
C VAL A 95 -2.79 4.03 -7.59
N PHE A 96 -3.66 3.74 -6.62
CA PHE A 96 -4.57 4.72 -6.04
C PHE A 96 -4.67 4.52 -4.54
N ILE A 97 -5.32 5.48 -3.87
CA ILE A 97 -5.59 5.46 -2.44
C ILE A 97 -6.84 6.25 -2.10
N PRO A 98 -7.53 5.88 -1.01
CA PRO A 98 -8.51 6.73 -0.38
C PRO A 98 -7.78 7.86 0.35
N GLN A 99 -7.97 9.09 -0.10
CA GLN A 99 -7.60 10.31 0.62
C GLN A 99 -8.77 11.31 0.46
N GLY A 100 -8.72 12.43 1.17
CA GLY A 100 -9.59 13.56 0.97
C GLY A 100 -10.01 14.11 2.32
N GLU A 101 -10.90 13.39 2.98
CA GLU A 101 -11.53 13.75 4.25
C GLU A 101 -11.78 12.44 5.00
N ILE A 102 -10.71 11.82 5.50
CA ILE A 102 -10.77 10.62 6.31
C ILE A 102 -9.94 10.79 7.57
N ASP A 103 -9.65 12.04 7.95
CA ASP A 103 -9.02 12.34 9.23
C ASP A 103 -10.10 12.53 10.28
#